data_4Q6K
#
_entry.id   4Q6K
#
_cell.length_a   95.892
_cell.length_b   124.337
_cell.length_c   107.707
_cell.angle_alpha   90.00
_cell.angle_beta   91.61
_cell.angle_gamma   90.00
#
_symmetry.space_group_name_H-M   'P 1 21 1'
#
loop_
_entity.id
_entity.type
_entity.pdbx_description
1 polymer 'BNR/Asp-box repeat protein'
2 non-polymer 'POTASSIUM ION'
3 non-polymer 1,2-ETHANEDIOL
4 water water
#
_entity_poly.entity_id   1
_entity_poly.type   'polypeptide(L)'
_entity_poly.pdbx_seq_one_letter_code
;GVTSDTVFVRETQIPILIERQDNVLF(MSE)LRLNAKESRSLDEVVLNFGKDVN(MSE)ADIQSVKLYYSGTEARQNYGK
KFFTPVSYISSHTPGKTLAANPSYSINKSQVNNPGRKVILNANQKLFPGINYFWISLQ(MSE)KPGASLLDKVSAKIVTV
KVDNKEAL(MSE)HTVSPENIAHRVGVGVRHAGDDGSAAFRIPGLATTNKGTLLGVYDVRYNSSVDLQEHVDVGLSRSVD
GGKTWEK(MSE)RLPLAFGETGGLPAAQNGVGDPSILVDTKTNTTWVVAAWTHG(MSE)GNQRAWWSSYPG(MSE)D
(MSE)NHTAQLVLSKSTDDGKTWSEPINITDQVKDPSWYFLLQGPGRGIT(MSE)QDGTLVFPIQFIDSTRVPNAGI
(MSE)YSKDRGETWKIHNYARTNTTEAQVAEVEPGVL(MSE)LN(MSE)RDNRGGSRAVATTKDLGKTWTEHPSSRKALQ
EPVC(MSE)ASLISVKAADNTLNKDILLFSNPNTVKGRHHITIKASLDGGITWLPEHQV(MSE)LDEGDGWGYSCLT
(MSE)IDKETVGILYESSVAH(MSE)TFQAIRLRDIIQ
;
_entity_poly.pdbx_strand_id   A,B,C,D
#
loop_
_chem_comp.id
_chem_comp.type
_chem_comp.name
_chem_comp.formula
EDO non-polymer 1,2-ETHANEDIOL 'C2 H6 O2'
K non-polymer 'POTASSIUM ION' 'K 1'
#
# COMPACT_ATOMS: atom_id res chain seq x y z
N THR A 3 29.60 52.11 -4.32
CA THR A 3 28.78 51.74 -3.15
C THR A 3 29.47 50.68 -2.30
N SER A 4 29.38 50.84 -0.99
CA SER A 4 30.05 49.95 -0.02
C SER A 4 29.47 48.53 -0.02
N ASP A 5 30.36 47.56 0.23
CA ASP A 5 29.97 46.16 0.34
C ASP A 5 29.37 45.91 1.72
N THR A 6 28.33 45.11 1.77
CA THR A 6 27.68 44.79 3.05
C THR A 6 28.06 43.41 3.52
N VAL A 7 28.37 43.30 4.81
CA VAL A 7 28.60 41.99 5.42
C VAL A 7 27.27 41.45 5.91
N PHE A 8 26.84 40.34 5.34
CA PHE A 8 25.59 39.70 5.74
C PHE A 8 25.87 38.69 6.83
N VAL A 9 25.00 38.66 7.84
CA VAL A 9 25.18 37.81 8.99
C VAL A 9 23.95 36.93 9.16
N ARG A 10 24.18 35.63 9.36
CA ARG A 10 23.11 34.69 9.72
C ARG A 10 23.55 33.91 10.95
N GLU A 11 22.83 34.12 12.04
CA GLU A 11 23.06 33.39 13.26
C GLU A 11 22.35 32.07 13.18
N THR A 12 22.99 31.00 13.62
CA THR A 12 22.39 29.66 13.54
C THR A 12 21.40 29.41 14.66
N GLN A 13 20.53 28.43 14.45
CA GLN A 13 19.65 27.94 15.51
C GLN A 13 19.68 26.42 15.51
N ILE A 14 20.81 25.91 15.99
CA ILE A 14 21.10 24.51 16.07
C ILE A 14 21.75 24.21 17.40
N PRO A 15 21.69 22.95 17.83
CA PRO A 15 22.31 22.58 19.09
C PRO A 15 23.82 22.74 19.07
N ILE A 16 24.37 23.31 20.14
CA ILE A 16 25.79 23.40 20.39
C ILE A 16 26.20 22.17 21.20
N LEU A 17 26.86 21.19 20.59
CA LEU A 17 27.17 19.98 21.32
C LEU A 17 28.34 20.21 22.22
N ILE A 18 28.18 19.81 23.48
CA ILE A 18 29.20 20.07 24.48
C ILE A 18 30.51 19.37 24.12
N GLU A 19 30.43 18.17 23.56
CA GLU A 19 31.67 17.44 23.28
C GLU A 19 32.30 17.79 21.91
N ARG A 20 31.61 18.60 21.11
CA ARG A 20 32.18 18.94 19.81
C ARG A 20 33.36 19.91 19.94
N GLN A 21 34.29 19.82 19.02
CA GLN A 21 35.40 20.77 19.00
CA GLN A 21 35.42 20.76 18.97
C GLN A 21 35.02 22.06 18.25
N ASP A 22 34.01 21.96 17.40
CA ASP A 22 33.49 23.12 16.68
C ASP A 22 31.98 23.05 16.64
N ASN A 23 31.33 24.21 16.64
CA ASN A 23 29.89 24.31 16.46
C ASN A 23 29.67 25.59 15.71
N VAL A 24 28.82 25.55 14.68
CA VAL A 24 28.60 26.73 13.87
C VAL A 24 27.65 27.68 14.60
N LEU A 25 28.15 28.88 14.90
CA LEU A 25 27.39 29.86 15.67
C LEU A 25 26.87 31.00 14.80
N PHE A 26 27.74 31.57 13.97
CA PHE A 26 27.37 32.59 13.00
C PHE A 26 27.99 32.26 11.67
N MSE A 27 27.29 32.61 10.60
CA MSE A 27 27.82 32.55 9.26
C MSE A 27 27.85 33.98 8.71
O MSE A 27 26.89 34.73 8.88
CB MSE A 27 26.95 31.66 8.39
CG MSE A 27 26.83 30.22 8.89
SE MSE A 27 25.36 29.39 7.96
CE MSE A 27 25.54 27.57 8.68
N LEU A 28 28.94 34.35 8.05
CA LEU A 28 29.08 35.69 7.46
C LEU A 28 29.34 35.53 6.00
N ARG A 29 28.74 36.42 5.22
CA ARG A 29 28.94 36.44 3.80
C ARG A 29 29.23 37.87 3.33
N LEU A 30 30.30 38.04 2.56
CA LEU A 30 30.71 39.34 2.03
C LEU A 30 31.01 39.19 0.56
N ASN A 31 30.23 39.85 -0.29
CA ASN A 31 30.51 39.90 -1.71
C ASN A 31 31.41 41.11 -1.93
N ALA A 32 32.70 40.87 -2.05
CA ALA A 32 33.69 41.93 -2.07
C ALA A 32 33.85 42.55 -3.47
N LYS A 33 33.21 43.67 -3.68
CA LYS A 33 33.37 44.42 -4.91
C LYS A 33 34.44 45.50 -4.67
N GLU A 34 34.29 46.24 -3.59
CA GLU A 34 35.29 47.25 -3.21
C GLU A 34 36.28 46.78 -2.15
N SER A 35 35.87 45.83 -1.33
CA SER A 35 36.63 45.41 -0.16
C SER A 35 37.86 44.57 -0.51
N ARG A 36 38.95 44.83 0.16
CA ARG A 36 40.19 44.11 -0.12
C ARG A 36 40.55 43.12 0.99
N SER A 37 40.21 43.46 2.24
CA SER A 37 40.63 42.65 3.36
C SER A 37 39.63 42.72 4.50
N LEU A 38 39.32 41.56 5.08
CA LEU A 38 38.53 41.53 6.30
C LEU A 38 39.54 41.41 7.45
N ASP A 39 39.52 42.39 8.33
CA ASP A 39 40.58 42.51 9.30
C ASP A 39 40.23 41.78 10.58
N GLU A 40 39.02 42.01 11.10
CA GLU A 40 38.61 41.42 12.37
C GLU A 40 37.11 41.42 12.52
N VAL A 41 36.64 40.51 13.38
CA VAL A 41 35.24 40.44 13.76
C VAL A 41 35.13 40.63 15.28
N VAL A 42 34.23 41.49 15.71
CA VAL A 42 34.04 41.69 17.15
C VAL A 42 32.73 41.06 17.59
N LEU A 43 32.83 40.17 18.56
CA LEU A 43 31.71 39.42 19.09
C LEU A 43 31.53 39.79 20.56
N ASN A 44 30.29 40.00 20.95
CA ASN A 44 29.92 40.22 22.36
C ASN A 44 28.89 39.24 22.84
N PHE A 45 29.24 38.46 23.85
CA PHE A 45 28.29 37.53 24.46
C PHE A 45 27.34 38.31 25.38
N GLY A 46 26.14 37.78 25.57
CA GLY A 46 25.15 38.40 26.46
C GLY A 46 25.66 38.46 27.88
N LYS A 47 25.16 39.44 28.63
CA LYS A 47 25.64 39.65 30.00
C LYS A 47 25.34 38.47 30.92
N ASP A 48 24.34 37.66 30.58
CA ASP A 48 23.99 36.50 31.41
C ASP A 48 24.70 35.21 31.03
N VAL A 49 25.51 35.24 29.99
CA VAL A 49 26.18 34.03 29.55
C VAL A 49 27.25 33.68 30.56
N ASN A 50 27.34 32.40 30.91
CA ASN A 50 28.38 31.93 31.79
C ASN A 50 29.66 31.63 30.99
N MSE A 51 30.57 32.60 30.94
CA MSE A 51 31.80 32.47 30.13
C MSE A 51 32.70 31.34 30.62
O MSE A 51 33.50 30.78 29.85
CB MSE A 51 32.57 33.79 30.13
CG MSE A 51 31.79 34.99 29.61
SE MSE A 51 31.07 34.72 27.84
CE MSE A 51 32.66 34.06 26.92
N ALA A 52 32.57 30.95 31.88
CA ALA A 52 33.39 29.89 32.42
C ALA A 52 33.02 28.56 31.77
N ASP A 53 31.86 28.47 31.13
CA ASP A 53 31.49 27.21 30.47
C ASP A 53 31.93 27.15 29.01
N ILE A 54 32.56 28.23 28.54
CA ILE A 54 33.00 28.33 27.15
C ILE A 54 34.51 28.09 27.03
N GLN A 55 34.90 27.18 26.13
CA GLN A 55 36.30 26.82 25.97
C GLN A 55 36.99 27.69 24.91
N SER A 56 36.34 27.88 23.76
CA SER A 56 36.94 28.71 22.72
CA SER A 56 36.94 28.62 22.66
CA SER A 56 36.96 28.58 22.63
C SER A 56 35.92 29.25 21.73
N VAL A 57 36.31 30.36 21.13
CA VAL A 57 35.57 31.00 20.05
C VAL A 57 36.56 31.14 18.92
N LYS A 58 36.13 30.76 17.72
CA LYS A 58 37.03 30.72 16.58
C LYS A 58 36.44 31.41 15.39
N LEU A 59 37.34 31.92 14.56
CA LEU A 59 36.95 32.47 13.28
C LEU A 59 37.55 31.66 12.14
N TYR A 60 36.68 31.17 11.28
CA TYR A 60 37.05 30.42 10.10
C TYR A 60 36.75 31.19 8.84
N TYR A 61 37.60 30.95 7.83
CA TYR A 61 37.39 31.34 6.44
C TYR A 61 37.11 30.13 5.56
N SER A 62 36.03 30.19 4.78
CA SER A 62 35.62 29.05 3.96
C SER A 62 35.55 29.34 2.47
N GLY A 63 36.23 30.41 2.05
CA GLY A 63 36.40 30.68 0.63
C GLY A 63 35.20 31.30 -0.08
N THR A 64 34.98 30.88 -1.32
CA THR A 64 34.04 31.54 -2.19
C THR A 64 32.94 30.60 -2.66
N GLU A 65 32.17 31.07 -3.64
CA GLU A 65 30.97 30.37 -4.15
C GLU A 65 31.10 30.19 -5.65
N ALA A 66 30.41 29.19 -6.19
CA ALA A 66 30.35 29.04 -7.64
C ALA A 66 29.56 30.21 -8.24
N ARG A 67 30.00 30.74 -9.37
CA ARG A 67 29.41 31.95 -9.93
C ARG A 67 27.91 31.78 -10.22
N GLN A 68 27.47 30.57 -10.60
CA GLN A 68 26.06 30.33 -10.89
C GLN A 68 25.18 30.36 -9.64
N ASN A 69 25.80 30.35 -8.46
CA ASN A 69 25.05 30.37 -7.22
C ASN A 69 24.98 31.76 -6.57
N TYR A 70 25.54 32.77 -7.23
CA TYR A 70 25.48 34.13 -6.70
C TYR A 70 23.99 34.50 -6.71
N GLY A 71 23.52 35.22 -5.69
CA GLY A 71 22.13 35.67 -5.67
C GLY A 71 21.11 34.69 -5.10
N LYS A 72 21.57 33.54 -4.64
CA LYS A 72 20.69 32.55 -4.04
C LYS A 72 20.61 32.64 -2.51
N LYS A 73 21.34 33.61 -1.95
CA LYS A 73 21.34 33.88 -0.52
C LYS A 73 21.93 32.74 0.32
N PHE A 74 22.83 31.95 -0.25
CA PHE A 74 23.54 30.98 0.56
C PHE A 74 24.48 31.70 1.53
N PHE A 75 24.67 31.08 2.69
CA PHE A 75 25.61 31.56 3.69
C PHE A 75 26.84 30.65 3.92
N THR A 76 26.87 29.51 3.23
CA THR A 76 28.01 28.63 3.25
C THR A 76 28.12 28.00 1.87
N PRO A 77 29.32 27.51 1.54
CA PRO A 77 29.47 26.80 0.26
C PRO A 77 29.22 25.29 0.38
N VAL A 78 29.18 24.79 1.62
CA VAL A 78 29.30 23.38 1.94
C VAL A 78 28.97 23.21 3.43
N SER A 79 28.58 22.02 3.85
CA SER A 79 28.45 21.72 5.29
C SER A 79 29.84 21.68 5.94
N TYR A 80 30.01 22.45 7.00
CA TYR A 80 31.32 22.60 7.67
C TYR A 80 31.71 21.46 8.60
N ILE A 81 30.71 20.86 9.24
CA ILE A 81 30.94 19.83 10.24
C ILE A 81 29.99 18.68 9.94
N SER A 82 30.56 17.52 9.68
CA SER A 82 29.79 16.33 9.33
C SER A 82 29.07 15.77 10.55
N SER A 83 27.84 15.27 10.34
CA SER A 83 27.20 14.41 11.33
C SER A 83 27.07 12.97 10.83
N HIS A 84 27.77 12.64 9.74
CA HIS A 84 27.69 11.31 9.13
C HIS A 84 28.98 10.55 8.94
N THR A 85 30.10 11.26 8.81
CA THR A 85 31.36 10.59 8.52
C THR A 85 31.92 9.94 9.76
N PRO A 86 31.99 8.58 9.78
CA PRO A 86 32.42 7.92 11.00
C PRO A 86 33.76 8.41 11.46
N GLY A 87 33.85 8.80 12.73
CA GLY A 87 35.09 9.27 13.31
C GLY A 87 35.48 10.69 12.96
N LYS A 88 34.61 11.39 12.21
CA LYS A 88 34.93 12.74 11.76
C LYS A 88 33.74 13.67 11.93
N THR A 89 33.08 13.58 13.07
CA THR A 89 31.90 14.40 13.31
C THR A 89 32.08 15.39 14.44
N LEU A 90 33.27 15.45 15.05
CA LEU A 90 33.47 16.32 16.21
C LEU A 90 34.08 17.68 15.87
N ALA A 91 34.79 17.75 14.76
CA ALA A 91 35.51 18.97 14.37
C ALA A 91 35.23 19.38 12.94
N ALA A 92 35.35 20.68 12.69
CA ALA A 92 35.23 21.20 11.33
C ALA A 92 36.15 20.48 10.39
N ASN A 93 35.63 20.10 9.23
CA ASN A 93 36.46 19.54 8.19
C ASN A 93 37.50 20.60 7.75
N PRO A 94 38.80 20.31 7.96
CA PRO A 94 39.75 21.39 7.74
C PRO A 94 39.99 21.69 6.26
N SER A 95 39.54 20.83 5.36
CA SER A 95 39.65 21.12 3.92
C SER A 95 38.58 22.13 3.48
N TYR A 96 37.54 22.36 4.30
CA TYR A 96 36.46 23.31 3.96
C TYR A 96 36.60 24.65 4.67
N SER A 97 37.34 24.67 5.76
CA SER A 97 37.40 25.84 6.60
C SER A 97 38.80 26.01 7.14
N ILE A 98 39.32 27.22 7.01
CA ILE A 98 40.64 27.61 7.48
C ILE A 98 40.49 28.44 8.77
N ASN A 99 41.13 28.00 9.85
CA ASN A 99 41.04 28.65 11.17
C ASN A 99 41.91 29.87 11.14
N LYS A 100 41.34 31.06 11.17
CA LYS A 100 42.16 32.27 11.08
C LYS A 100 42.64 32.71 12.46
N SER A 101 41.81 32.50 13.47
CA SER A 101 42.20 32.82 14.84
CA SER A 101 42.19 32.83 14.84
C SER A 101 41.20 32.24 15.82
N GLN A 102 41.63 32.14 17.05
CA GLN A 102 40.83 31.55 18.10
C GLN A 102 41.24 32.13 19.46
N VAL A 103 40.27 32.33 20.33
CA VAL A 103 40.52 32.78 21.67
C VAL A 103 40.05 31.67 22.60
N ASN A 104 40.96 31.15 23.43
CA ASN A 104 40.57 30.15 24.41
C ASN A 104 40.23 30.82 25.74
N ASN A 105 39.18 30.36 26.40
CA ASN A 105 38.67 30.97 27.65
C ASN A 105 38.45 32.48 27.52
N PRO A 106 37.61 32.86 26.57
CA PRO A 106 37.34 34.25 26.24
C PRO A 106 36.60 34.97 27.34
N GLY A 107 36.77 36.28 27.37
CA GLY A 107 35.88 37.13 28.14
C GLY A 107 34.62 37.37 27.34
N ARG A 108 33.72 38.21 27.86
CA ARG A 108 32.46 38.50 27.20
C ARG A 108 32.65 39.19 25.82
N LYS A 109 33.68 40.00 25.67
CA LYS A 109 33.97 40.64 24.40
C LYS A 109 35.13 39.94 23.74
N VAL A 110 34.93 39.52 22.50
CA VAL A 110 35.95 38.75 21.76
C VAL A 110 36.28 39.45 20.47
N ILE A 111 37.55 39.74 20.24
CA ILE A 111 37.97 40.31 18.98
C ILE A 111 38.68 39.23 18.23
N LEU A 112 38.11 38.81 17.13
CA LEU A 112 38.69 37.73 16.35
C LEU A 112 39.42 38.30 15.17
N ASN A 113 40.72 38.06 15.15
CA ASN A 113 41.57 38.56 14.07
C ASN A 113 41.51 37.67 12.82
N ALA A 114 41.09 38.24 11.71
CA ALA A 114 41.00 37.49 10.47
C ALA A 114 42.20 37.71 9.60
N ASN A 115 42.50 38.99 9.35
CA ASN A 115 43.54 39.37 8.42
C ASN A 115 43.45 38.61 7.12
N GLN A 116 42.26 38.57 6.55
CA GLN A 116 41.99 37.75 5.37
C GLN A 116 41.81 38.57 4.13
N LYS A 117 42.74 38.47 3.20
CA LYS A 117 42.56 39.09 1.87
C LYS A 117 41.35 38.43 1.21
N LEU A 118 40.47 39.24 0.61
CA LEU A 118 39.19 38.74 0.12
C LEU A 118 39.29 38.32 -1.31
N PHE A 119 38.58 37.25 -1.63
CA PHE A 119 38.35 36.85 -3.01
C PHE A 119 37.46 37.94 -3.66
N PRO A 120 37.74 38.29 -4.94
CA PRO A 120 36.90 39.28 -5.66
C PRO A 120 35.55 38.69 -6.04
N GLY A 121 34.67 38.70 -5.06
CA GLY A 121 33.41 38.02 -5.19
C GLY A 121 32.94 37.57 -3.82
N ILE A 122 32.16 36.51 -3.76
CA ILE A 122 31.66 36.07 -2.48
C ILE A 122 32.78 35.47 -1.61
N ASN A 123 32.72 35.81 -0.32
CA ASN A 123 33.58 35.28 0.71
C ASN A 123 32.72 34.83 1.86
N TYR A 124 33.00 33.63 2.32
CA TYR A 124 32.28 33.06 3.45
C TYR A 124 33.19 32.98 4.68
N PHE A 125 32.68 33.40 5.82
CA PHE A 125 33.37 33.20 7.10
C PHE A 125 32.37 32.62 8.09
N TRP A 126 32.86 32.04 9.18
CA TRP A 126 31.96 31.64 10.24
C TRP A 126 32.64 31.61 11.59
N ILE A 127 31.82 31.68 12.63
CA ILE A 127 32.29 31.67 13.99
C ILE A 127 31.92 30.36 14.62
N SER A 128 32.93 29.73 15.21
CA SER A 128 32.79 28.46 15.89
C SER A 128 32.79 28.72 17.40
N LEU A 129 31.84 28.07 18.08
CA LEU A 129 31.79 28.09 19.55
C LEU A 129 32.08 26.71 20.08
N GLN A 130 33.04 26.61 21.01
CA GLN A 130 33.39 25.34 21.67
C GLN A 130 33.18 25.48 23.17
N MSE A 131 32.40 24.57 23.72
CA MSE A 131 32.07 24.56 25.14
C MSE A 131 33.09 23.74 25.90
O MSE A 131 33.76 22.89 25.34
CB MSE A 131 30.69 23.96 25.41
CG MSE A 131 29.56 24.52 24.58
SE MSE A 131 29.31 26.40 24.79
CE MSE A 131 28.70 26.59 26.60
N LYS A 132 33.18 23.97 27.20
CA LYS A 132 33.95 23.12 28.06
C LYS A 132 33.20 21.81 28.28
N PRO A 133 33.92 20.68 28.34
CA PRO A 133 33.31 19.36 28.48
C PRO A 133 32.32 19.27 29.61
N GLY A 134 32.50 20.03 30.70
CA GLY A 134 31.57 19.94 31.82
C GLY A 134 30.42 20.95 31.89
N ALA A 135 30.18 21.67 30.80
CA ALA A 135 29.15 22.70 30.77
C ALA A 135 27.76 22.16 31.13
N SER A 136 26.97 23.01 31.78
CA SER A 136 25.62 22.62 32.14
C SER A 136 24.73 22.54 30.92
N LEU A 137 23.87 21.53 30.90
CA LEU A 137 22.96 21.30 29.79
CA LEU A 137 22.93 21.30 29.81
C LEU A 137 21.88 22.38 29.70
N LEU A 138 21.70 23.14 30.76
N LEU A 138 21.71 23.15 30.76
CA LEU A 138 20.69 24.18 30.77
CA LEU A 138 20.71 24.19 30.80
C LEU A 138 21.33 25.53 30.38
C LEU A 138 21.35 25.53 30.41
N ASP A 139 22.63 25.50 30.05
CA ASP A 139 23.31 26.69 29.55
C ASP A 139 22.60 27.27 28.34
N LYS A 140 22.31 28.57 28.37
CA LYS A 140 21.96 29.27 27.13
C LYS A 140 23.01 30.32 26.79
N VAL A 141 23.34 30.41 25.50
CA VAL A 141 24.35 31.34 25.02
C VAL A 141 23.70 32.31 24.02
N SER A 142 23.93 33.60 24.24
CA SER A 142 23.48 34.61 23.30
C SER A 142 24.67 35.45 22.97
N ALA A 143 24.67 36.03 21.79
CA ALA A 143 25.80 36.82 21.38
C ALA A 143 25.40 37.68 20.19
N LYS A 144 26.13 38.75 19.98
CA LYS A 144 25.95 39.63 18.83
C LYS A 144 27.29 39.89 18.21
N ILE A 145 27.33 39.93 16.88
CA ILE A 145 28.46 40.48 16.16
C ILE A 145 28.26 41.99 16.15
N VAL A 146 29.16 42.70 16.82
CA VAL A 146 29.05 44.15 17.05
CA VAL A 146 28.96 44.14 17.00
C VAL A 146 29.65 44.95 15.91
N THR A 147 30.77 44.47 15.40
CA THR A 147 31.53 45.14 14.36
CA THR A 147 31.44 45.13 14.29
C THR A 147 32.25 44.13 13.48
N VAL A 148 32.38 44.45 12.20
CA VAL A 148 33.22 43.72 11.28
C VAL A 148 34.05 44.77 10.60
N LYS A 149 35.37 44.67 10.79
CA LYS A 149 36.27 45.68 10.27
C LYS A 149 36.80 45.20 8.92
N VAL A 150 36.58 46.01 7.89
CA VAL A 150 37.01 45.69 6.52
C VAL A 150 37.86 46.86 6.03
N ASP A 151 39.08 46.61 5.56
CA ASP A 151 39.96 47.68 5.09
C ASP A 151 40.06 48.82 6.11
N ASN A 152 40.23 48.43 7.36
CA ASN A 152 40.41 49.34 8.49
C ASN A 152 39.23 50.29 8.76
N LYS A 153 38.03 49.91 8.32
CA LYS A 153 36.80 50.66 8.61
C LYS A 153 35.69 49.71 9.06
N GLU A 154 34.74 50.22 9.80
CA GLU A 154 33.58 49.43 10.17
C GLU A 154 32.69 49.21 8.96
N ALA A 155 32.43 47.96 8.63
CA ALA A 155 31.62 47.64 7.47
C ALA A 155 30.13 47.79 7.76
N LEU A 156 29.36 48.06 6.70
CA LEU A 156 27.91 47.94 6.77
C LEU A 156 27.55 46.47 7.03
N MSE A 157 26.58 46.26 7.91
CA MSE A 157 26.13 44.91 8.22
C MSE A 157 24.65 44.76 7.95
O MSE A 157 23.88 45.71 8.06
CB MSE A 157 26.43 44.58 9.68
CG MSE A 157 27.92 44.47 10.00
SE MSE A 157 28.11 44.18 11.94
CE MSE A 157 27.05 42.61 12.11
N HIS A 158 24.26 43.55 7.63
CA HIS A 158 22.84 43.22 7.54
C HIS A 158 22.64 41.82 8.10
N THR A 159 21.83 41.73 9.15
CA THR A 159 21.56 40.46 9.80
C THR A 159 20.21 39.91 9.37
N VAL A 160 20.22 38.71 8.78
CA VAL A 160 19.00 38.14 8.23
C VAL A 160 18.24 37.32 9.24
N SER A 161 18.93 36.90 10.31
CA SER A 161 18.34 36.05 11.33
C SER A 161 17.71 36.89 12.43
N PRO A 162 16.82 36.28 13.22
CA PRO A 162 16.08 37.06 14.22
C PRO A 162 16.92 37.48 15.43
N GLU A 163 16.43 38.49 16.13
CA GLU A 163 17.06 38.95 17.36
C GLU A 163 16.70 37.99 18.50
N ASN A 164 17.48 38.07 19.58
CA ASN A 164 17.22 37.32 20.80
C ASN A 164 17.28 35.81 20.64
N ILE A 165 18.18 35.34 19.78
CA ILE A 165 18.37 33.90 19.70
C ILE A 165 19.05 33.41 20.96
N ALA A 166 18.48 32.38 21.56
CA ALA A 166 19.12 31.69 22.66
C ALA A 166 19.69 30.37 22.14
N HIS A 167 21.01 30.28 22.12
CA HIS A 167 21.62 29.04 21.68
C HIS A 167 21.65 28.08 22.84
N ARG A 168 21.16 26.87 22.58
CA ARG A 168 21.14 25.81 23.57
C ARG A 168 22.22 24.80 23.32
N VAL A 169 22.75 24.21 24.37
CA VAL A 169 23.72 23.14 24.23
C VAL A 169 23.01 21.80 24.17
N GLY A 170 23.77 20.76 23.88
CA GLY A 170 23.26 19.41 23.82
C GLY A 170 24.39 18.43 23.94
N VAL A 171 24.04 17.15 24.06
CA VAL A 171 25.00 16.06 24.07
C VAL A 171 24.74 15.15 22.88
N GLY A 172 25.79 14.88 22.11
CA GLY A 172 25.68 13.89 21.07
C GLY A 172 25.88 12.53 21.70
N VAL A 173 24.79 11.92 22.15
CA VAL A 173 24.85 10.64 22.84
C VAL A 173 25.45 9.56 21.95
N ARG A 174 25.08 9.61 20.68
CA ARG A 174 25.69 8.75 19.67
C ARG A 174 26.02 9.58 18.44
N HIS A 175 27.24 9.44 17.99
CA HIS A 175 27.73 9.98 16.74
C HIS A 175 27.98 8.84 15.75
N ALA A 176 27.77 9.14 14.47
CA ALA A 176 28.09 8.23 13.39
C ALA A 176 29.46 7.64 13.64
N GLY A 177 29.55 6.32 13.59
CA GLY A 177 30.83 5.62 13.78
C GLY A 177 31.12 5.12 15.18
N ASP A 178 30.44 5.65 16.19
CA ASP A 178 30.68 5.23 17.56
C ASP A 178 30.48 3.72 17.70
N ASP A 179 31.35 3.08 18.47
CA ASP A 179 31.30 1.67 18.77
C ASP A 179 31.17 0.79 17.51
N GLY A 180 31.82 1.23 16.43
CA GLY A 180 31.88 0.45 15.20
C GLY A 180 30.62 0.52 14.35
N SER A 181 29.68 1.39 14.69
CA SER A 181 28.40 1.40 13.97
C SER A 181 28.35 2.59 13.03
N ALA A 182 28.00 2.36 11.76
CA ALA A 182 27.87 3.47 10.79
C ALA A 182 26.83 4.54 11.24
N ALA A 183 25.72 4.09 11.79
CA ALA A 183 24.62 5.00 12.08
C ALA A 183 23.83 4.54 13.32
N PHE A 184 23.10 5.50 13.88
CA PHE A 184 22.14 5.30 14.94
C PHE A 184 20.88 6.04 14.56
N ARG A 185 19.75 5.39 14.77
CA ARG A 185 18.46 5.96 14.40
C ARG A 185 17.35 5.48 15.32
N ILE A 186 16.23 6.20 15.29
CA ILE A 186 14.98 5.82 15.94
C ILE A 186 15.07 5.87 17.49
N PRO A 187 15.02 7.07 18.05
CA PRO A 187 15.18 7.27 19.49
C PRO A 187 13.92 6.93 20.28
N GLY A 188 14.14 6.39 21.48
CA GLY A 188 13.12 6.28 22.50
C GLY A 188 13.75 6.73 23.80
N LEU A 189 12.95 7.32 24.67
CA LEU A 189 13.48 7.92 25.87
C LEU A 189 12.45 7.81 26.98
N ALA A 190 12.89 7.40 28.17
CA ALA A 190 12.03 7.36 29.35
C ALA A 190 12.85 7.63 30.59
N THR A 191 12.15 7.95 31.66
CA THR A 191 12.77 8.24 32.95
C THR A 191 12.29 7.22 33.97
N THR A 192 13.22 6.57 34.66
CA THR A 192 12.82 5.59 35.64
C THR A 192 12.34 6.28 36.90
N ASN A 193 11.73 5.51 37.80
CA ASN A 193 11.27 6.08 39.05
C ASN A 193 12.41 6.62 39.87
N LYS A 194 13.64 6.19 39.56
CA LYS A 194 14.82 6.70 40.26
C LYS A 194 15.41 7.94 39.60
N GLY A 195 14.81 8.42 38.53
CA GLY A 195 15.32 9.61 37.86
C GLY A 195 16.37 9.28 36.79
N THR A 196 16.62 7.99 36.58
CA THR A 196 17.57 7.54 35.56
C THR A 196 16.98 7.73 34.14
N LEU A 197 17.79 8.26 33.22
CA LEU A 197 17.37 8.40 31.83
C LEU A 197 17.84 7.17 31.06
N LEU A 198 16.91 6.59 30.30
CA LEU A 198 17.18 5.46 29.43
C LEU A 198 16.81 5.85 28.01
N GLY A 199 17.81 5.93 27.15
CA GLY A 199 17.60 6.25 25.76
C GLY A 199 17.90 5.03 24.91
N VAL A 200 16.96 4.65 24.05
CA VAL A 200 17.16 3.51 23.15
C VAL A 200 17.14 3.99 21.70
N TYR A 201 17.71 3.15 20.84
CA TYR A 201 17.85 3.47 19.42
C TYR A 201 18.27 2.22 18.67
N ASP A 202 18.08 2.25 17.34
CA ASP A 202 18.71 1.30 16.41
C ASP A 202 20.21 1.54 16.38
N VAL A 203 20.98 0.47 16.45
CA VAL A 203 22.40 0.49 16.14
C VAL A 203 22.53 -0.08 14.74
N ARG A 204 22.70 0.78 13.74
CA ARG A 204 22.70 0.34 12.34
C ARG A 204 24.14 0.24 11.85
N TYR A 205 24.68 -0.97 11.96
CA TYR A 205 26.13 -1.14 11.85
C TYR A 205 26.66 -0.88 10.45
N ASN A 206 25.96 -1.32 9.41
CA ASN A 206 26.51 -1.25 8.06
C ASN A 206 26.20 0.05 7.33
N SER A 207 25.07 0.67 7.64
CA SER A 207 24.63 1.85 6.90
C SER A 207 23.45 2.40 7.61
N SER A 208 22.89 3.49 7.11
CA SER A 208 21.72 4.05 7.76
C SER A 208 20.41 3.43 7.29
N VAL A 209 20.43 2.43 6.43
CA VAL A 209 19.16 1.92 5.91
CA VAL A 209 19.18 1.88 5.90
C VAL A 209 18.35 1.15 6.95
N ASP A 210 17.03 1.16 6.74
CA ASP A 210 16.09 0.45 7.62
C ASP A 210 16.25 -1.09 7.56
N LEU A 211 15.65 -1.80 8.51
CA LEU A 211 15.50 -3.24 8.41
C LEU A 211 14.98 -3.59 7.02
N GLN A 212 15.43 -4.71 6.45
CA GLN A 212 16.32 -5.69 7.06
C GLN A 212 17.76 -5.28 6.92
N GLU A 213 18.56 -5.49 7.97
CA GLU A 213 19.99 -5.24 7.94
C GLU A 213 20.58 -5.67 9.28
N HIS A 214 21.87 -5.48 9.44
CA HIS A 214 22.55 -5.79 10.70
C HIS A 214 22.26 -4.65 11.66
N VAL A 215 21.28 -4.87 12.54
CA VAL A 215 20.78 -3.83 13.45
C VAL A 215 20.53 -4.47 14.81
N ASP A 216 20.99 -3.79 15.85
CA ASP A 216 20.68 -4.13 17.24
C ASP A 216 19.93 -2.98 17.87
N VAL A 217 19.31 -3.23 19.00
CA VAL A 217 18.80 -2.17 19.84
C VAL A 217 19.82 -1.84 20.91
N GLY A 218 20.26 -0.58 20.89
CA GLY A 218 21.19 -0.07 21.85
C GLY A 218 20.51 0.76 22.91
N LEU A 219 21.20 0.93 24.01
CA LEU A 219 20.68 1.69 25.13
C LEU A 219 21.78 2.46 25.81
N SER A 220 21.55 3.76 25.97
CA SER A 220 22.40 4.67 26.74
C SER A 220 21.67 5.06 28.02
N ARG A 221 22.39 4.93 29.13
CA ARG A 221 21.83 5.14 30.46
C ARG A 221 22.52 6.33 31.11
N SER A 222 21.74 7.26 31.65
CA SER A 222 22.34 8.38 32.39
C SER A 222 21.75 8.52 33.78
N VAL A 223 22.65 8.62 34.75
CA VAL A 223 22.26 8.83 36.14
C VAL A 223 22.48 10.25 36.63
N ASP A 224 22.82 11.17 35.72
CA ASP A 224 22.99 12.57 36.12
C ASP A 224 22.22 13.56 35.24
N GLY A 225 21.01 13.20 34.85
CA GLY A 225 20.15 14.11 34.12
C GLY A 225 20.54 14.33 32.67
N GLY A 226 21.36 13.43 32.12
CA GLY A 226 21.72 13.49 30.72
C GLY A 226 23.06 14.17 30.45
N LYS A 227 23.71 14.60 31.51
CA LYS A 227 25.02 15.21 31.39
C LYS A 227 26.08 14.18 30.90
N THR A 228 26.04 12.96 31.44
CA THR A 228 26.92 11.90 31.00
C THR A 228 26.14 10.62 30.79
N TRP A 229 26.64 9.79 29.87
CA TRP A 229 25.96 8.57 29.47
C TRP A 229 26.90 7.40 29.59
N GLU A 230 26.39 6.32 30.19
CA GLU A 230 27.16 5.12 30.37
C GLU A 230 27.43 4.44 29.05
N LYS A 231 28.43 3.58 29.08
CA LYS A 231 28.78 2.68 27.98
C LYS A 231 27.51 2.04 27.40
N MSE A 232 27.42 2.06 26.08
CA MSE A 232 26.26 1.53 25.38
C MSE A 232 25.99 0.08 25.75
O MSE A 232 26.90 -0.76 25.74
CB MSE A 232 26.43 1.64 23.87
CG MSE A 232 25.19 1.21 23.11
SE MSE A 232 25.43 1.37 21.19
CE MSE A 232 26.82 0.11 20.82
N ARG A 233 24.73 -0.20 26.07
CA ARG A 233 24.25 -1.57 26.28
C ARG A 233 23.43 -2.01 25.06
N LEU A 234 23.20 -3.30 24.92
CA LEU A 234 22.45 -3.84 23.79
C LEU A 234 21.33 -4.75 24.29
N PRO A 235 20.20 -4.17 24.69
CA PRO A 235 19.09 -4.98 25.24
C PRO A 235 18.55 -6.06 24.29
N LEU A 236 18.59 -5.82 23.00
CA LEU A 236 18.12 -6.77 22.00
C LEU A 236 19.11 -6.89 20.85
N ALA A 237 19.55 -8.11 20.59
CA ALA A 237 20.50 -8.38 19.51
C ALA A 237 20.38 -9.86 19.20
N PHE A 238 20.27 -10.20 17.91
CA PHE A 238 19.98 -11.59 17.50
C PHE A 238 21.10 -12.29 16.75
N GLY A 239 22.14 -11.56 16.37
CA GLY A 239 23.32 -12.17 15.76
C GLY A 239 22.97 -13.19 14.70
N GLU A 240 23.53 -14.39 14.83
CA GLU A 240 23.30 -15.42 13.81
C GLU A 240 22.23 -16.44 14.23
N THR A 241 21.16 -15.93 14.85
CA THR A 241 20.02 -16.76 15.23
C THR A 241 19.48 -17.52 14.04
N GLY A 242 19.23 -18.81 14.27
CA GLY A 242 18.64 -19.67 13.25
C GLY A 242 19.63 -20.04 12.16
N GLY A 243 20.90 -19.69 12.35
CA GLY A 243 21.92 -19.98 11.35
C GLY A 243 21.99 -19.00 10.17
N LEU A 244 21.17 -17.94 10.18
CA LEU A 244 21.26 -16.90 9.15
C LEU A 244 22.28 -15.84 9.53
N PRO A 245 22.85 -15.18 8.52
CA PRO A 245 23.78 -14.08 8.85
C PRO A 245 23.16 -13.01 9.74
N ALA A 246 24.00 -12.29 10.47
CA ALA A 246 23.56 -11.24 11.40
C ALA A 246 22.76 -10.16 10.67
N ALA A 247 23.13 -9.87 9.41
CA ALA A 247 22.41 -8.84 8.65
C ALA A 247 21.03 -9.33 8.20
N GLN A 248 20.72 -10.60 8.45
CA GLN A 248 19.37 -11.14 8.23
C GLN A 248 18.71 -11.48 9.55
N ASN A 249 19.07 -10.71 10.58
CA ASN A 249 18.55 -10.92 11.93
C ASN A 249 18.44 -9.58 12.67
N GLY A 250 18.20 -8.51 11.93
CA GLY A 250 18.07 -7.21 12.57
C GLY A 250 16.89 -7.12 13.52
N VAL A 251 17.07 -6.31 14.55
CA VAL A 251 15.99 -5.95 15.48
C VAL A 251 16.02 -4.42 15.71
N GLY A 252 14.87 -3.75 15.60
CA GLY A 252 14.86 -2.29 15.66
C GLY A 252 13.50 -1.64 15.80
N ASP A 253 13.51 -0.32 15.58
CA ASP A 253 12.39 0.61 15.82
C ASP A 253 11.91 0.51 17.27
N PRO A 254 12.85 0.62 18.23
CA PRO A 254 12.48 0.34 19.63
C PRO A 254 11.49 1.31 20.23
N SER A 255 10.74 0.80 21.18
CA SER A 255 9.92 1.62 22.03
C SER A 255 10.18 1.22 23.49
N ILE A 256 10.28 2.21 24.36
CA ILE A 256 10.63 1.96 25.75
C ILE A 256 9.52 2.43 26.66
N LEU A 257 9.23 1.68 27.71
CA LEU A 257 8.35 2.22 28.72
C LEU A 257 8.85 1.80 30.09
N VAL A 258 8.56 2.66 31.06
CA VAL A 258 8.82 2.36 32.45
C VAL A 258 7.50 2.05 33.13
N ASP A 259 7.43 0.88 33.74
CA ASP A 259 6.31 0.52 34.58
C ASP A 259 6.45 1.25 35.91
N THR A 260 5.63 2.29 36.10
CA THR A 260 5.80 3.16 37.25
C THR A 260 5.39 2.50 38.54
N LYS A 261 4.65 1.41 38.45
CA LYS A 261 4.25 0.71 39.68
C LYS A 261 5.41 -0.09 40.26
N THR A 262 6.34 -0.55 39.43
CA THR A 262 7.41 -1.45 39.89
C THR A 262 8.82 -0.97 39.56
N ASN A 263 8.91 0.07 38.74
CA ASN A 263 10.17 0.51 38.12
C ASN A 263 10.81 -0.48 37.14
N THR A 264 10.06 -1.49 36.71
CA THR A 264 10.55 -2.35 35.65
C THR A 264 10.48 -1.60 34.33
N THR A 265 11.53 -1.71 33.52
CA THR A 265 11.56 -1.07 32.22
C THR A 265 11.42 -2.11 31.14
N TRP A 266 10.60 -1.79 30.16
CA TRP A 266 10.35 -2.67 29.02
C TRP A 266 10.77 -2.01 27.74
N VAL A 267 11.48 -2.78 26.91
CA VAL A 267 11.79 -2.35 25.57
C VAL A 267 11.20 -3.34 24.58
N VAL A 268 10.43 -2.82 23.64
CA VAL A 268 9.83 -3.64 22.57
C VAL A 268 10.43 -3.24 21.23
N ALA A 269 10.65 -4.22 20.38
CA ALA A 269 11.17 -3.94 19.06
C ALA A 269 10.74 -5.02 18.09
N ALA A 270 11.04 -4.79 16.81
CA ALA A 270 10.70 -5.71 15.74
C ALA A 270 11.94 -6.48 15.33
N TRP A 271 11.90 -7.79 15.49
CA TRP A 271 12.98 -8.64 15.02
C TRP A 271 12.63 -9.22 13.67
N THR A 272 13.42 -8.88 12.67
CA THR A 272 13.22 -9.39 11.33
C THR A 272 14.26 -10.45 10.99
N HIS A 273 13.76 -11.58 10.54
CA HIS A 273 14.57 -12.76 10.21
C HIS A 273 14.41 -13.10 8.73
N GLY A 274 15.54 -13.34 8.05
CA GLY A 274 15.50 -13.57 6.62
C GLY A 274 15.42 -12.29 5.80
N MSE A 275 14.62 -12.32 4.73
CA MSE A 275 14.28 -11.15 3.93
C MSE A 275 15.42 -10.60 3.08
O MSE A 275 15.32 -9.48 2.56
CB MSE A 275 13.74 -10.03 4.86
CG MSE A 275 12.47 -10.43 5.58
SE MSE A 275 11.83 -9.01 6.75
CE MSE A 275 10.68 -10.12 7.80
N GLY A 276 16.50 -11.37 2.90
CA GLY A 276 17.60 -10.90 2.09
C GLY A 276 18.15 -9.59 2.65
N ASN A 277 18.38 -8.63 1.76
CA ASN A 277 18.85 -7.31 2.16
C ASN A 277 17.80 -6.25 1.75
N GLN A 278 16.53 -6.64 1.79
CA GLN A 278 15.42 -5.76 1.40
C GLN A 278 14.71 -5.16 2.60
N ARG A 279 13.88 -4.15 2.35
CA ARG A 279 13.22 -3.46 3.47
C ARG A 279 12.07 -4.29 4.03
N ALA A 280 12.08 -4.41 5.36
CA ALA A 280 11.12 -5.21 6.09
C ALA A 280 9.71 -4.71 5.83
N TRP A 281 9.58 -3.40 5.60
CA TRP A 281 8.25 -2.81 5.42
C TRP A 281 7.48 -3.48 4.31
N TRP A 282 8.20 -3.93 3.27
CA TRP A 282 7.54 -4.71 2.23
C TRP A 282 8.11 -6.12 2.05
N SER A 283 8.85 -6.63 3.04
CA SER A 283 9.42 -7.98 2.92
C SER A 283 8.91 -8.92 4.04
N SER A 284 8.16 -8.37 5.00
CA SER A 284 7.47 -9.17 6.02
C SER A 284 6.12 -9.55 5.45
N TYR A 285 5.73 -10.80 5.65
CA TYR A 285 4.53 -11.35 5.00
C TYR A 285 3.62 -11.99 6.02
N PRO A 286 2.41 -12.33 5.58
CA PRO A 286 1.48 -12.99 6.51
C PRO A 286 2.02 -14.32 7.03
N GLY A 287 1.56 -14.70 8.22
CA GLY A 287 2.09 -15.86 8.91
C GLY A 287 2.40 -15.48 10.33
N MSE A 288 3.09 -16.38 11.04
CA MSE A 288 3.31 -16.19 12.47
C MSE A 288 4.74 -16.47 12.88
O MSE A 288 5.20 -15.95 13.88
CB MSE A 288 2.35 -17.09 13.28
CG MSE A 288 0.88 -16.73 13.11
SE MSE A 288 0.48 -14.97 13.81
CE MSE A 288 0.55 -15.37 15.71
N ASP A 289 5.48 -17.27 12.10
CA ASP A 289 6.84 -17.61 12.54
C ASP A 289 7.92 -16.70 11.91
N MSE A 290 9.14 -16.86 12.41
CA MSE A 290 10.24 -16.00 12.01
C MSE A 290 10.58 -16.17 10.54
O MSE A 290 11.18 -15.27 9.94
CB MSE A 290 11.48 -16.30 12.86
CG MSE A 290 12.12 -17.62 12.52
SE MSE A 290 13.67 -18.00 13.66
CE MSE A 290 12.72 -18.96 15.03
N ASN A 291 10.19 -17.30 9.94
CA ASN A 291 10.52 -17.47 8.52
C ASN A 291 9.60 -16.68 7.63
N HIS A 292 8.49 -16.19 8.15
CA HIS A 292 7.55 -15.44 7.32
C HIS A 292 7.38 -13.99 7.69
N THR A 293 7.40 -13.71 8.98
CA THR A 293 6.92 -12.42 9.46
C THR A 293 7.75 -11.88 10.60
N ALA A 294 7.77 -10.57 10.70
CA ALA A 294 8.51 -9.92 11.76
C ALA A 294 7.95 -10.33 13.10
N GLN A 295 8.88 -10.52 14.03
CA GLN A 295 8.58 -10.96 15.36
C GLN A 295 8.59 -9.81 16.36
N LEU A 296 7.58 -9.79 17.23
CA LEU A 296 7.48 -8.76 18.25
C LEU A 296 8.11 -9.23 19.54
N VAL A 297 9.20 -8.56 19.91
CA VAL A 297 10.01 -9.05 21.02
C VAL A 297 10.25 -8.00 22.07
N LEU A 298 10.30 -8.46 23.31
CA LEU A 298 10.53 -7.61 24.47
C LEU A 298 11.80 -8.01 25.19
N SER A 299 12.43 -7.01 25.78
CA SER A 299 13.43 -7.24 26.81
C SER A 299 13.03 -6.37 28.02
N LYS A 300 13.17 -6.90 29.23
CA LYS A 300 12.87 -6.15 30.44
C LYS A 300 14.08 -6.04 31.35
N SER A 301 14.06 -4.99 32.17
CA SER A 301 15.09 -4.72 33.15
C SER A 301 14.45 -4.45 34.49
N THR A 302 14.90 -5.20 35.50
CA THR A 302 14.37 -5.02 36.85
C THR A 302 15.41 -4.39 37.77
N ASP A 303 16.47 -3.83 37.18
CA ASP A 303 17.51 -3.16 37.96
C ASP A 303 17.80 -1.78 37.39
N ASP A 304 16.75 -1.03 37.13
CA ASP A 304 16.86 0.35 36.74
C ASP A 304 17.62 0.55 35.45
N GLY A 305 17.53 -0.43 34.56
CA GLY A 305 18.09 -0.31 33.23
C GLY A 305 19.52 -0.82 33.06
N LYS A 306 20.09 -1.41 34.11
CA LYS A 306 21.49 -1.86 34.05
C LYS A 306 21.69 -3.17 33.31
N THR A 307 20.78 -4.11 33.49
CA THR A 307 20.84 -5.36 32.77
C THR A 307 19.45 -5.72 32.23
N TRP A 308 19.47 -6.54 31.19
CA TRP A 308 18.33 -6.77 30.30
C TRP A 308 18.11 -8.25 30.08
N SER A 309 16.83 -8.66 30.09
CA SER A 309 16.48 -10.07 29.91
C SER A 309 16.75 -10.55 28.49
N GLU A 310 16.81 -11.87 28.34
CA GLU A 310 16.73 -12.49 27.02
C GLU A 310 15.39 -12.08 26.38
N PRO A 311 15.30 -12.14 25.05
CA PRO A 311 14.10 -11.65 24.38
C PRO A 311 12.86 -12.46 24.75
N ILE A 312 11.74 -11.80 24.89
CA ILE A 312 10.45 -12.44 25.14
C ILE A 312 9.61 -12.22 23.88
N ASN A 313 9.31 -13.30 23.16
CA ASN A 313 8.59 -13.20 21.91
C ASN A 313 7.10 -13.22 22.17
N ILE A 314 6.42 -12.10 21.95
CA ILE A 314 4.99 -12.02 22.23
C ILE A 314 4.12 -12.00 20.98
N THR A 315 4.72 -12.27 19.84
CA THR A 315 3.99 -12.26 18.58
C THR A 315 2.69 -13.06 18.63
N ASP A 316 2.73 -14.27 19.22
CA ASP A 316 1.57 -15.13 19.15
C ASP A 316 0.44 -14.60 20.03
N GLN A 317 0.73 -13.65 20.92
CA GLN A 317 -0.31 -13.09 21.77
C GLN A 317 -1.18 -12.08 21.03
N VAL A 318 -0.61 -11.39 20.05
CA VAL A 318 -1.25 -10.20 19.53
C VAL A 318 -1.33 -10.11 17.98
N LYS A 319 -0.57 -10.91 17.25
CA LYS A 319 -0.57 -10.80 15.81
C LYS A 319 -1.66 -11.65 15.18
N ASP A 320 -2.45 -11.05 14.31
CA ASP A 320 -3.37 -11.77 13.43
C ASP A 320 -2.54 -12.40 12.32
N PRO A 321 -2.71 -13.70 12.06
CA PRO A 321 -1.88 -14.34 11.02
C PRO A 321 -1.95 -13.68 9.66
N SER A 322 -3.06 -13.03 9.33
CA SER A 322 -3.22 -12.47 7.99
C SER A 322 -2.57 -11.08 7.85
N TRP A 323 -2.11 -10.50 8.96
CA TRP A 323 -1.38 -9.23 8.90
C TRP A 323 -0.01 -9.48 8.31
N TYR A 324 0.49 -8.56 7.53
CA TYR A 324 1.84 -8.67 6.96
C TYR A 324 2.94 -8.37 7.96
N PHE A 325 2.65 -7.47 8.91
CA PHE A 325 3.68 -6.83 9.75
C PHE A 325 2.96 -6.21 10.96
N LEU A 326 3.30 -6.67 12.16
CA LEU A 326 2.91 -6.02 13.39
C LEU A 326 4.14 -5.53 14.08
N LEU A 327 4.19 -4.26 14.47
CA LEU A 327 5.29 -3.76 15.28
C LEU A 327 4.81 -2.60 16.15
N GLN A 328 5.65 -2.30 17.13
CA GLN A 328 5.50 -1.13 17.94
C GLN A 328 5.60 0.17 17.15
N GLY A 329 4.96 1.21 17.69
CA GLY A 329 5.26 2.56 17.27
C GLY A 329 6.55 2.95 17.99
N PRO A 330 7.60 3.30 17.24
CA PRO A 330 8.87 3.65 17.90
C PRO A 330 8.76 4.85 18.84
N GLY A 331 9.61 4.87 19.86
CA GLY A 331 9.67 5.95 20.83
C GLY A 331 9.44 5.41 22.22
N ARG A 332 8.26 5.65 22.77
CA ARG A 332 7.98 5.20 24.11
C ARG A 332 6.52 4.77 24.29
N GLY A 333 6.29 4.08 25.39
CA GLY A 333 4.98 3.75 25.87
C GLY A 333 4.78 4.39 27.24
N ILE A 334 3.72 3.97 27.91
CA ILE A 334 3.29 4.58 29.16
C ILE A 334 2.75 3.55 30.13
N THR A 335 2.67 3.99 31.38
CA THR A 335 1.86 3.37 32.41
C THR A 335 0.69 4.29 32.67
N MSE A 336 -0.54 3.79 32.53
CA MSE A 336 -1.72 4.57 32.88
C MSE A 336 -1.86 4.69 34.40
O MSE A 336 -1.29 3.92 35.17
CB MSE A 336 -2.97 3.93 32.28
CG MSE A 336 -2.92 3.81 30.78
SE MSE A 336 -4.53 2.96 30.10
CE MSE A 336 -5.77 4.42 30.37
N GLN A 337 -2.65 5.67 34.83
CA GLN A 337 -2.85 5.89 36.26
C GLN A 337 -3.27 4.61 36.97
N ASP A 338 -4.08 3.78 36.32
CA ASP A 338 -4.59 2.56 36.96
C ASP A 338 -3.63 1.37 36.87
N GLY A 339 -2.43 1.61 36.33
CA GLY A 339 -1.39 0.59 36.28
C GLY A 339 -1.31 -0.16 34.96
N THR A 340 -2.21 0.11 34.04
CA THR A 340 -2.16 -0.53 32.73
C THR A 340 -0.94 -0.09 31.95
N LEU A 341 -0.19 -1.04 31.38
CA LEU A 341 0.94 -0.69 30.51
C LEU A 341 0.46 -0.59 29.08
N VAL A 342 0.90 0.44 28.36
CA VAL A 342 0.46 0.63 26.98
C VAL A 342 1.60 0.99 26.05
N PHE A 343 1.70 0.26 24.95
CA PHE A 343 2.58 0.60 23.83
C PHE A 343 1.75 0.95 22.62
N PRO A 344 2.08 2.04 21.95
CA PRO A 344 1.44 2.19 20.63
C PRO A 344 1.95 1.09 19.68
N ILE A 345 1.12 0.68 18.74
CA ILE A 345 1.50 -0.30 17.75
C ILE A 345 0.97 0.10 16.41
N GLN A 346 1.40 -0.64 15.39
CA GLN A 346 0.97 -0.40 14.00
C GLN A 346 0.99 -1.74 13.31
N PHE A 347 0.00 -1.99 12.46
CA PHE A 347 0.03 -3.22 11.65
C PHE A 347 -0.41 -2.98 10.24
N ILE A 348 0.27 -3.67 9.34
CA ILE A 348 -0.14 -3.78 7.96
C ILE A 348 -1.11 -4.92 7.92
N ASP A 349 -2.38 -4.60 7.59
CA ASP A 349 -3.44 -5.60 7.66
C ASP A 349 -3.45 -6.44 6.36
N SER A 350 -4.44 -7.31 6.25
CA SER A 350 -4.45 -8.27 5.15
C SER A 350 -4.73 -7.61 3.81
N THR A 351 -5.14 -6.34 3.82
CA THR A 351 -5.34 -5.60 2.57
C THR A 351 -4.11 -4.78 2.19
N ARG A 352 -3.02 -4.99 2.95
CA ARG A 352 -1.72 -4.29 2.79
C ARG A 352 -1.75 -2.80 3.16
N VAL A 353 -2.73 -2.43 3.97
CA VAL A 353 -2.83 -1.08 4.49
C VAL A 353 -2.37 -1.02 5.95
N PRO A 354 -1.54 -0.02 6.29
CA PRO A 354 -1.13 0.11 7.69
C PRO A 354 -2.13 0.87 8.51
N ASN A 355 -2.22 0.48 9.77
CA ASN A 355 -3.10 1.11 10.75
C ASN A 355 -2.46 1.17 12.11
N ALA A 356 -2.58 2.32 12.76
CA ALA A 356 -2.07 2.48 14.10
C ALA A 356 -3.10 2.10 15.16
N GLY A 357 -2.62 1.70 16.33
CA GLY A 357 -3.49 1.40 17.47
C GLY A 357 -2.66 1.26 18.73
N ILE A 358 -3.20 0.60 19.73
CA ILE A 358 -2.47 0.40 20.98
C ILE A 358 -2.55 -1.03 21.45
N MSE A 359 -1.50 -1.41 22.16
CA MSE A 359 -1.40 -2.73 22.76
C MSE A 359 -1.24 -2.50 24.26
O MSE A 359 -0.47 -1.64 24.68
CB MSE A 359 -0.19 -3.47 22.18
CG MSE A 359 0.10 -4.77 22.81
SE MSE A 359 1.72 -5.49 21.97
CE MSE A 359 3.08 -4.43 22.75
N TYR A 360 -1.94 -3.26 25.07
CA TYR A 360 -1.88 -3.01 26.50
C TYR A 360 -1.73 -4.27 27.32
N SER A 361 -1.24 -4.11 28.54
CA SER A 361 -1.09 -5.20 29.51
C SER A 361 -1.65 -4.79 30.85
N LYS A 362 -2.51 -5.63 31.38
CA LYS A 362 -3.10 -5.38 32.71
C LYS A 362 -2.42 -6.20 33.78
N ASP A 363 -1.42 -6.98 33.41
CA ASP A 363 -0.73 -7.83 34.38
C ASP A 363 0.78 -7.62 34.37
N ARG A 364 1.15 -6.35 34.38
CA ARG A 364 2.54 -5.92 34.54
C ARG A 364 3.45 -6.40 33.40
N GLY A 365 2.88 -6.63 32.23
CA GLY A 365 3.65 -6.98 31.05
C GLY A 365 3.72 -8.47 30.74
N GLU A 366 3.03 -9.29 31.50
CA GLU A 366 3.04 -10.74 31.26
C GLU A 366 2.22 -11.10 30.01
N THR A 367 1.07 -10.45 29.83
CA THR A 367 0.28 -10.70 28.64
C THR A 367 -0.18 -9.37 28.05
N TRP A 368 -0.36 -9.39 26.73
CA TRP A 368 -0.68 -8.20 25.93
C TRP A 368 -1.87 -8.45 25.03
N LYS A 369 -2.59 -7.38 24.70
CA LYS A 369 -3.83 -7.44 23.92
C LYS A 369 -3.90 -6.23 23.00
N ILE A 370 -4.41 -6.43 21.78
CA ILE A 370 -4.77 -5.36 20.85
C ILE A 370 -6.23 -5.55 20.48
N HIS A 371 -7.04 -4.48 20.49
CA HIS A 371 -8.40 -4.55 19.95
C HIS A 371 -8.46 -4.03 18.52
N ASN A 372 -8.90 -2.80 18.32
CA ASN A 372 -9.12 -2.27 16.98
C ASN A 372 -8.21 -1.10 16.66
N TYR A 373 -7.90 -0.93 15.38
CA TYR A 373 -7.09 0.20 14.99
C TYR A 373 -7.86 1.49 15.19
N ALA A 374 -7.09 2.57 15.29
CA ALA A 374 -7.63 3.88 15.53
C ALA A 374 -8.06 4.55 14.23
N ARG A 375 -7.30 4.33 13.17
CA ARG A 375 -7.54 5.00 11.91
C ARG A 375 -6.78 4.29 10.82
N THR A 376 -7.41 4.18 9.66
CA THR A 376 -6.76 3.52 8.54
C THR A 376 -5.65 4.37 7.95
N ASN A 377 -4.69 3.68 7.33
CA ASN A 377 -3.58 4.28 6.60
C ASN A 377 -2.76 5.25 7.46
N THR A 378 -2.44 4.79 8.67
CA THR A 378 -1.59 5.48 9.61
C THR A 378 -0.53 4.51 10.07
N THR A 379 0.60 5.01 10.56
CA THR A 379 1.72 4.16 10.93
C THR A 379 2.24 4.49 12.31
N GLU A 380 3.34 5.23 12.38
CA GLU A 380 3.98 5.50 13.65
C GLU A 380 3.10 6.38 14.51
N ALA A 381 2.93 6.01 15.77
CA ALA A 381 2.10 6.78 16.67
C ALA A 381 2.64 6.74 18.09
N GLN A 382 2.23 7.72 18.87
CA GLN A 382 2.54 7.76 20.28
C GLN A 382 1.26 8.02 21.06
N VAL A 383 1.20 7.48 22.26
CA VAL A 383 -0.03 7.49 23.07
C VAL A 383 0.24 8.19 24.38
N ALA A 384 -0.74 8.95 24.83
CA ALA A 384 -0.64 9.62 26.12
C ALA A 384 -1.99 9.57 26.83
N GLU A 385 -1.97 9.45 28.15
CA GLU A 385 -3.20 9.46 28.94
C GLU A 385 -3.53 10.91 29.21
N VAL A 386 -4.40 11.48 28.40
CA VAL A 386 -4.63 12.91 28.41
C VAL A 386 -5.53 13.27 29.59
N GLU A 387 -6.43 12.36 29.93
CA GLU A 387 -7.25 12.44 31.14
C GLU A 387 -7.35 11.03 31.67
N PRO A 388 -7.60 10.87 32.97
CA PRO A 388 -7.62 9.53 33.56
C PRO A 388 -8.55 8.60 32.81
N GLY A 389 -8.01 7.49 32.35
CA GLY A 389 -8.76 6.52 31.59
C GLY A 389 -9.02 6.88 30.13
N VAL A 390 -8.49 8.02 29.66
CA VAL A 390 -8.68 8.44 28.27
C VAL A 390 -7.32 8.45 27.56
N LEU A 391 -7.16 7.59 26.56
CA LEU A 391 -5.90 7.53 25.82
C LEU A 391 -6.01 8.32 24.53
N MSE A 392 -5.04 9.17 24.29
CA MSE A 392 -4.91 9.90 23.05
C MSE A 392 -3.78 9.33 22.20
O MSE A 392 -2.65 9.21 22.65
CB MSE A 392 -4.67 11.38 23.36
CG MSE A 392 -4.23 12.22 22.19
SE MSE A 392 -4.01 14.06 22.76
CE MSE A 392 -5.82 14.66 22.58
N LEU A 393 -4.11 8.95 20.98
CA LEU A 393 -3.14 8.44 20.03
C LEU A 393 -2.90 9.50 18.96
N ASN A 394 -1.65 9.86 18.80
CA ASN A 394 -1.25 10.90 17.89
C ASN A 394 -0.42 10.22 16.82
N MSE A 395 -0.89 10.30 15.58
CA MSE A 395 -0.48 9.38 14.50
C MSE A 395 0.13 10.00 13.25
O MSE A 395 -0.38 10.98 12.73
CB MSE A 395 -1.68 8.56 14.02
CG MSE A 395 -2.37 7.75 15.06
SE MSE A 395 -4.09 7.16 14.41
CE MSE A 395 -5.26 8.48 15.27
N ARG A 396 1.19 9.40 12.77
CA ARG A 396 1.71 9.63 11.42
C ARG A 396 0.68 9.19 10.39
N ASP A 397 0.29 10.08 9.49
CA ASP A 397 -0.84 9.80 8.60
C ASP A 397 -0.36 9.85 7.16
N ASN A 398 -0.50 8.75 6.44
CA ASN A 398 0.01 8.68 5.06
C ASN A 398 -0.71 9.62 4.10
N ARG A 399 -1.85 10.18 4.50
CA ARG A 399 -2.54 11.15 3.65
C ARG A 399 -1.75 12.45 3.51
N GLY A 400 -0.82 12.68 4.45
CA GLY A 400 0.11 13.79 4.34
C GLY A 400 -0.29 15.08 5.07
N GLY A 401 0.72 15.83 5.51
CA GLY A 401 0.53 17.19 5.95
C GLY A 401 0.20 17.43 7.41
N SER A 402 -0.38 16.46 8.11
CA SER A 402 -0.80 16.74 9.49
C SER A 402 -1.05 15.46 10.29
N ARG A 403 -0.78 15.53 11.60
CA ARG A 403 -1.00 14.40 12.51
C ARG A 403 -2.48 14.10 12.64
N ALA A 404 -2.81 12.82 12.67
CA ALA A 404 -4.16 12.42 13.03
C ALA A 404 -4.20 12.19 14.53
N VAL A 405 -5.34 12.46 15.15
CA VAL A 405 -5.47 12.34 16.61
C VAL A 405 -6.81 11.70 16.93
N ALA A 406 -6.79 10.67 17.77
CA ALA A 406 -8.03 10.03 18.21
C ALA A 406 -7.91 9.66 19.66
N THR A 407 -9.04 9.53 20.35
CA THR A 407 -8.98 9.07 21.72
C THR A 407 -9.83 7.82 21.94
N THR A 408 -9.49 7.05 22.96
CA THR A 408 -10.27 5.87 23.33
C THR A 408 -10.40 5.84 24.86
N LYS A 409 -11.59 5.47 25.32
CA LYS A 409 -11.86 5.25 26.73
C LYS A 409 -11.98 3.78 27.06
N ASP A 410 -11.76 2.89 26.08
CA ASP A 410 -11.89 1.44 26.31
C ASP A 410 -10.72 0.65 25.72
N LEU A 411 -9.55 1.27 25.78
CA LEU A 411 -8.28 0.61 25.40
C LEU A 411 -8.31 0.12 23.96
N GLY A 412 -8.99 0.89 23.12
CA GLY A 412 -8.89 0.70 21.69
C GLY A 412 -9.95 -0.17 21.05
N LYS A 413 -10.98 -0.52 21.81
CA LYS A 413 -12.16 -1.14 21.22
C LYS A 413 -12.86 -0.15 20.30
N THR A 414 -13.02 1.07 20.78
CA THR A 414 -13.69 2.12 19.98
C THR A 414 -12.88 3.41 20.11
N TRP A 415 -12.93 4.20 19.06
CA TRP A 415 -12.14 5.42 18.93
C TRP A 415 -13.01 6.59 18.50
N THR A 416 -12.62 7.77 18.95
CA THR A 416 -13.29 9.02 18.61
C THR A 416 -12.24 9.96 18.06
N GLU A 417 -12.52 10.46 16.86
CA GLU A 417 -11.68 11.46 16.21
C GLU A 417 -11.62 12.70 17.10
N HIS A 418 -10.41 13.21 17.33
CA HIS A 418 -10.20 14.38 18.19
C HIS A 418 -10.37 15.66 17.36
N PRO A 419 -10.85 16.75 17.97
CA PRO A 419 -11.03 17.98 17.19
C PRO A 419 -9.73 18.51 16.58
N SER A 420 -8.59 18.20 17.18
CA SER A 420 -7.30 18.70 16.66
C SER A 420 -6.81 17.88 15.47
N SER A 421 -7.48 16.77 15.21
CA SER A 421 -6.97 15.83 14.21
C SER A 421 -6.94 16.43 12.83
N ARG A 422 -5.81 16.21 12.16
CA ARG A 422 -5.65 16.59 10.77
C ARG A 422 -5.83 18.10 10.58
N LYS A 423 -5.41 18.89 11.56
CA LYS A 423 -5.55 20.34 11.55
C LYS A 423 -4.44 21.02 12.33
N ALA A 424 -4.31 20.64 13.59
CA ALA A 424 -3.54 21.43 14.55
C ALA A 424 -2.03 21.25 14.45
N LEU A 425 -1.57 20.06 14.08
CA LEU A 425 -0.13 19.73 14.08
C LEU A 425 0.34 19.32 12.70
N GLN A 426 0.97 20.24 11.99
CA GLN A 426 1.45 19.94 10.66
C GLN A 426 2.62 18.97 10.80
N GLU A 427 2.86 18.17 9.77
CA GLU A 427 4.01 17.25 9.76
C GLU A 427 4.39 16.96 8.33
N PRO A 428 5.64 16.51 8.14
CA PRO A 428 6.11 16.04 6.84
C PRO A 428 5.92 14.52 6.64
N VAL A 429 5.05 13.90 7.45
CA VAL A 429 4.85 12.44 7.53
C VAL A 429 6.11 11.79 8.11
N CYS A 430 6.16 11.77 9.43
CA CYS A 430 7.39 11.49 10.15
C CYS A 430 6.98 11.08 11.55
N MSE A 431 7.88 10.45 12.28
CA MSE A 431 7.58 10.11 13.65
C MSE A 431 7.44 11.40 14.44
O MSE A 431 8.04 12.40 14.09
CB MSE A 431 8.66 9.23 14.25
CG MSE A 431 8.36 8.67 15.63
SE MSE A 431 9.21 9.87 16.92
CE MSE A 431 8.57 8.92 18.54
N ALA A 432 6.64 11.37 15.49
CA ALA A 432 6.48 12.48 16.45
C ALA A 432 6.30 11.92 17.83
N SER A 433 6.75 12.69 18.83
CA SER A 433 6.63 12.31 20.20
C SER A 433 5.52 13.09 20.87
N LEU A 434 4.77 12.41 21.72
CA LEU A 434 3.74 13.03 22.55
C LEU A 434 3.85 12.48 23.97
N ILE A 435 3.88 13.38 24.97
CA ILE A 435 3.75 12.94 26.35
C ILE A 435 2.76 13.81 27.10
N SER A 436 2.19 13.23 28.13
CA SER A 436 1.30 13.94 29.04
C SER A 436 1.98 14.08 30.37
N VAL A 437 1.95 15.28 30.94
CA VAL A 437 2.58 15.48 32.23
C VAL A 437 1.52 16.09 33.16
N LYS A 438 1.17 15.35 34.20
CA LYS A 438 0.09 15.76 35.11
C LYS A 438 0.51 16.87 36.05
N ALA A 439 -0.47 17.66 36.48
CA ALA A 439 -0.23 18.82 37.34
C ALA A 439 0.59 18.41 38.57
N ALA A 440 0.29 17.25 39.12
CA ALA A 440 0.96 16.83 40.35
C ALA A 440 2.46 16.64 40.14
N ASP A 441 2.84 16.38 38.90
CA ASP A 441 4.23 15.99 38.62
C ASP A 441 5.09 17.09 38.00
N ASN A 442 4.57 18.30 37.84
CA ASN A 442 5.40 19.36 37.27
C ASN A 442 5.20 20.65 37.98
N THR A 443 6.22 21.48 37.82
CA THR A 443 6.37 22.71 38.56
C THR A 443 5.31 23.74 38.16
N LEU A 444 4.64 23.58 37.01
CA LEU A 444 3.57 24.51 36.64
C LEU A 444 2.22 24.21 37.31
N ASN A 445 2.12 23.05 37.96
CA ASN A 445 0.88 22.59 38.55
C ASN A 445 -0.32 22.64 37.60
N LYS A 446 -0.04 22.28 36.35
CA LYS A 446 -1.04 22.20 35.31
C LYS A 446 -0.79 20.93 34.51
N ASP A 447 -1.86 20.29 34.06
CA ASP A 447 -1.74 19.18 33.13
C ASP A 447 -1.27 19.76 31.84
N ILE A 448 -0.22 19.18 31.30
CA ILE A 448 0.29 19.65 30.03
C ILE A 448 0.53 18.48 29.09
N LEU A 449 0.40 18.76 27.80
CA LEU A 449 0.87 17.86 26.77
C LEU A 449 2.08 18.49 26.14
N LEU A 450 3.08 17.66 25.86
CA LEU A 450 4.25 18.08 25.12
C LEU A 450 4.37 17.21 23.88
N PHE A 451 4.72 17.85 22.78
CA PHE A 451 4.78 17.23 21.45
C PHE A 451 6.07 17.65 20.75
N SER A 452 6.73 16.75 20.03
CA SER A 452 7.89 17.13 19.25
C SER A 452 7.91 16.46 17.90
N ASN A 453 8.28 17.23 16.89
CA ASN A 453 8.40 16.74 15.53
C ASN A 453 9.07 17.78 14.68
N PRO A 454 9.36 17.45 13.41
CA PRO A 454 9.79 18.51 12.50
C PRO A 454 8.60 19.40 12.12
N ASN A 455 8.66 20.67 12.51
CA ASN A 455 7.51 21.55 12.36
C ASN A 455 7.50 22.12 10.94
N THR A 456 7.11 21.27 9.99
CA THR A 456 7.19 21.57 8.55
C THR A 456 6.28 20.57 7.82
N VAL A 457 5.94 20.81 6.56
CA VAL A 457 5.22 19.79 5.80
C VAL A 457 6.09 19.17 4.71
N LYS A 458 7.33 19.64 4.57
CA LYS A 458 8.26 19.09 3.57
C LYS A 458 9.66 19.06 4.15
N GLY A 459 10.29 17.90 4.10
CA GLY A 459 11.63 17.75 4.66
C GLY A 459 11.58 17.51 6.16
N ARG A 460 12.73 17.30 6.77
CA ARG A 460 12.80 17.07 8.21
C ARG A 460 13.78 18.06 8.76
N HIS A 461 13.22 19.14 9.31
CA HIS A 461 14.01 20.23 9.83
C HIS A 461 13.13 21.00 10.79
N HIS A 462 13.70 21.95 11.50
CA HIS A 462 12.94 22.70 12.49
C HIS A 462 12.24 21.82 13.53
N ILE A 463 13.04 20.95 14.14
CA ILE A 463 12.59 20.13 15.25
C ILE A 463 12.17 21.07 16.33
N THR A 464 10.95 20.90 16.79
CA THR A 464 10.30 21.85 17.71
C THR A 464 9.56 21.10 18.81
N ILE A 465 9.67 21.59 20.04
CA ILE A 465 8.82 21.13 21.11
C ILE A 465 7.66 22.09 21.24
N LYS A 466 6.45 21.55 21.23
CA LYS A 466 5.22 22.32 21.37
C LYS A 466 4.49 21.85 22.63
N ALA A 467 3.84 22.78 23.30
CA ALA A 467 3.09 22.46 24.52
C ALA A 467 1.65 22.85 24.37
N SER A 468 0.77 22.06 24.98
CA SER A 468 -0.65 22.39 25.03
C SER A 468 -1.12 22.38 26.45
N LEU A 469 -1.88 23.42 26.81
CA LEU A 469 -2.46 23.54 28.15
C LEU A 469 -3.95 23.17 28.20
N ASP A 470 -4.54 22.84 27.06
CA ASP A 470 -5.97 22.48 27.02
C ASP A 470 -6.21 21.10 26.41
N GLY A 471 -5.38 20.14 26.78
CA GLY A 471 -5.58 18.78 26.37
C GLY A 471 -5.40 18.56 24.87
N GLY A 472 -4.57 19.39 24.23
CA GLY A 472 -4.23 19.18 22.83
C GLY A 472 -5.20 19.82 21.85
N ILE A 473 -6.10 20.65 22.35
CA ILE A 473 -6.98 21.40 21.48
C ILE A 473 -6.26 22.53 20.77
N THR A 474 -5.38 23.21 21.51
CA THR A 474 -4.60 24.33 20.99
CA THR A 474 -4.58 24.29 20.94
C THR A 474 -3.13 24.16 21.33
N TRP A 475 -2.30 24.52 20.37
CA TRP A 475 -0.84 24.53 20.51
C TRP A 475 -0.39 25.95 20.18
N LEU A 476 -0.38 26.82 21.18
CA LEU A 476 -0.06 28.23 20.97
C LEU A 476 1.41 28.44 20.55
N PRO A 477 1.67 29.35 19.60
CA PRO A 477 3.05 29.66 19.15
C PRO A 477 3.98 30.07 20.28
N GLU A 478 3.47 30.76 21.29
CA GLU A 478 4.33 31.20 22.38
C GLU A 478 4.77 30.03 23.27
N HIS A 479 4.10 28.89 23.14
CA HIS A 479 4.45 27.73 23.96
C HIS A 479 5.24 26.70 23.20
N GLN A 480 6.23 27.17 22.44
CA GLN A 480 7.02 26.31 21.58
C GLN A 480 8.49 26.69 21.64
N VAL A 481 9.39 25.71 21.51
CA VAL A 481 10.82 26.00 21.39
C VAL A 481 11.36 25.26 20.18
N MSE A 482 11.98 25.99 19.25
CA MSE A 482 12.51 25.40 18.05
C MSE A 482 13.96 25.06 18.37
O MSE A 482 14.74 25.92 18.74
CB MSE A 482 12.37 26.38 16.87
CG MSE A 482 12.52 25.76 15.51
SE MSE A 482 14.41 25.57 15.08
CE MSE A 482 14.91 27.40 14.82
N LEU A 483 14.32 23.78 18.29
CA LEU A 483 15.63 23.30 18.75
C LEU A 483 16.67 23.19 17.63
N ASP A 484 16.22 22.92 16.41
CA ASP A 484 17.17 22.55 15.36
C ASP A 484 16.60 22.91 14.00
N GLU A 485 17.10 23.99 13.40
CA GLU A 485 16.65 24.44 12.09
C GLU A 485 17.26 23.63 10.97
N GLY A 486 18.26 22.84 11.30
CA GLY A 486 18.96 22.09 10.27
C GLY A 486 18.22 20.83 9.81
N ASP A 487 18.74 20.24 8.76
CA ASP A 487 18.19 19.03 8.19
C ASP A 487 18.69 17.82 8.92
N GLY A 488 17.78 16.90 9.20
CA GLY A 488 18.13 15.63 9.85
C GLY A 488 17.13 14.57 9.47
N TRP A 489 17.17 13.43 10.18
CA TRP A 489 16.25 12.34 9.90
C TRP A 489 14.91 12.46 10.67
N GLY A 490 14.86 13.38 11.61
CA GLY A 490 13.60 13.88 12.09
C GLY A 490 12.94 13.24 13.29
N TYR A 491 13.35 12.05 13.69
CA TYR A 491 12.63 11.39 14.79
C TYR A 491 13.06 11.95 16.15
N SER A 492 12.14 11.94 17.10
CA SER A 492 12.42 12.48 18.41
C SER A 492 11.63 11.74 19.51
N CYS A 493 12.09 11.81 20.74
CA CYS A 493 11.29 11.29 21.85
C CYS A 493 11.50 12.13 23.10
N LEU A 494 10.39 12.42 23.77
CA LEU A 494 10.38 13.25 24.95
C LEU A 494 10.29 12.50 26.27
N THR A 495 10.80 13.11 27.33
CA THR A 495 10.52 12.66 28.69
C THR A 495 10.64 13.84 29.63
N MSE A 496 10.19 13.66 30.87
CA MSE A 496 10.49 14.62 31.93
C MSE A 496 11.72 14.15 32.67
O MSE A 496 11.77 13.04 33.19
CB MSE A 496 9.33 14.78 32.91
CG MSE A 496 8.09 15.36 32.30
SE MSE A 496 8.36 17.12 31.48
CE MSE A 496 8.79 18.25 32.97
N ILE A 497 12.75 14.99 32.70
CA ILE A 497 13.95 14.68 33.44
C ILE A 497 13.66 14.81 34.92
N ASP A 498 12.93 15.86 35.27
CA ASP A 498 12.47 16.09 36.64
C ASP A 498 11.25 17.02 36.57
N LYS A 499 10.74 17.50 37.72
CA LYS A 499 9.49 18.23 37.74
C LYS A 499 9.57 19.55 37.00
N GLU A 500 10.79 20.05 36.75
CA GLU A 500 11.03 21.36 36.12
C GLU A 500 11.64 21.32 34.72
N THR A 501 11.98 20.13 34.24
CA THR A 501 12.85 19.99 33.07
C THR A 501 12.45 18.89 32.10
N VAL A 502 12.34 19.29 30.84
CA VAL A 502 12.03 18.37 29.75
C VAL A 502 13.32 17.86 29.12
N GLY A 503 13.35 16.57 28.79
CA GLY A 503 14.45 16.00 28.05
C GLY A 503 13.95 15.55 26.69
N ILE A 504 14.80 15.63 25.70
CA ILE A 504 14.49 15.18 24.37
C ILE A 504 15.69 14.48 23.79
N LEU A 505 15.45 13.32 23.23
CA LEU A 505 16.45 12.56 22.49
C LEU A 505 16.01 12.51 21.03
N TYR A 506 16.83 12.98 20.11
CA TYR A 506 16.39 13.05 18.75
C TYR A 506 17.48 13.04 17.71
N GLU A 507 17.06 12.76 16.48
CA GLU A 507 17.92 12.75 15.31
C GLU A 507 18.04 14.20 14.84
N SER A 508 19.22 14.77 14.99
CA SER A 508 19.40 16.19 14.69
C SER A 508 20.32 16.36 13.50
N SER A 509 20.52 17.63 13.15
CA SER A 509 21.43 18.01 12.10
C SER A 509 22.89 17.93 12.59
N VAL A 510 23.09 17.71 13.90
CA VAL A 510 24.46 17.72 14.43
C VAL A 510 24.93 16.40 15.02
N ALA A 511 24.02 15.45 15.27
CA ALA A 511 24.41 14.14 15.75
C ALA A 511 23.26 13.17 15.59
N HIS A 512 23.60 11.92 15.28
CA HIS A 512 22.57 10.90 15.09
C HIS A 512 21.67 10.80 16.31
N MSE A 513 22.26 10.82 17.51
CA MSE A 513 21.44 10.83 18.73
C MSE A 513 21.85 12.04 19.54
O MSE A 513 22.93 12.06 20.10
CB MSE A 513 21.61 9.56 19.58
CG MSE A 513 20.99 8.33 18.98
SE MSE A 513 19.05 8.44 19.07
CE MSE A 513 18.75 7.86 17.25
N THR A 514 20.94 13.01 19.63
CA THR A 514 21.17 14.27 20.30
C THR A 514 20.25 14.37 21.49
N PHE A 515 20.82 14.69 22.64
CA PHE A 515 20.03 14.93 23.84
C PHE A 515 20.08 16.38 24.26
N GLN A 516 18.91 16.94 24.56
CA GLN A 516 18.86 18.30 25.14
C GLN A 516 17.92 18.31 26.32
N ALA A 517 18.21 19.21 27.24
CA ALA A 517 17.40 19.46 28.42
C ALA A 517 16.85 20.86 28.30
N ILE A 518 15.54 21.02 28.51
CA ILE A 518 14.89 22.32 28.37
C ILE A 518 14.03 22.55 29.62
N ARG A 519 14.28 23.67 30.30
CA ARG A 519 13.47 24.04 31.45
C ARG A 519 12.02 24.23 31.00
N LEU A 520 11.09 23.65 31.73
CA LEU A 520 9.69 23.72 31.34
C LEU A 520 9.21 25.18 31.23
N ARG A 521 9.71 26.03 32.10
CA ARG A 521 9.33 27.44 32.10
C ARG A 521 9.92 28.23 30.93
N ASP A 522 10.85 27.64 30.18
CA ASP A 522 11.29 28.22 28.90
C ASP A 522 10.26 27.96 27.79
N ILE A 523 9.54 26.86 27.91
CA ILE A 523 8.55 26.48 26.93
C ILE A 523 7.26 27.22 27.26
N ILE A 524 6.83 27.14 28.51
CA ILE A 524 5.60 27.81 28.98
C ILE A 524 6.00 28.92 29.94
N GLN A 525 6.08 30.15 29.45
CA GLN A 525 6.64 31.24 30.24
C GLN A 525 5.61 31.96 31.11
N THR B 3 12.29 -25.90 -10.48
CA THR B 3 13.61 -25.40 -10.11
C THR B 3 14.02 -25.78 -8.67
N SER B 4 13.06 -26.27 -7.88
CA SER B 4 13.32 -26.59 -6.48
C SER B 4 14.31 -27.77 -6.32
N ASP B 5 15.17 -27.67 -5.32
CA ASP B 5 16.16 -28.71 -4.97
C ASP B 5 17.18 -28.99 -6.10
N THR B 6 17.30 -28.03 -7.00
CA THR B 6 18.41 -27.98 -7.92
C THR B 6 19.37 -26.92 -7.37
N VAL B 7 20.65 -27.24 -7.30
CA VAL B 7 21.66 -26.26 -6.91
C VAL B 7 22.10 -25.50 -8.17
N PHE B 8 21.80 -24.21 -8.19
CA PHE B 8 22.22 -23.37 -9.30
C PHE B 8 23.56 -22.75 -9.01
N VAL B 9 24.42 -22.74 -10.01
CA VAL B 9 25.77 -22.23 -9.84
C VAL B 9 26.10 -21.14 -10.86
N ARG B 10 26.66 -20.06 -10.36
CA ARG B 10 27.20 -19.00 -11.20
C ARG B 10 28.65 -18.70 -10.80
N GLU B 11 29.55 -18.95 -11.73
CA GLU B 11 30.95 -18.65 -11.57
C GLU B 11 31.19 -17.17 -11.90
N THR B 12 32.02 -16.49 -11.09
CA THR B 12 32.27 -15.08 -11.35
C THR B 12 33.28 -14.85 -12.46
N GLN B 13 33.24 -13.65 -13.03
CA GLN B 13 34.30 -13.19 -13.95
C GLN B 13 34.73 -11.81 -13.52
N ILE B 14 35.45 -11.80 -12.41
CA ILE B 14 35.96 -10.59 -11.78
C ILE B 14 37.39 -10.82 -11.30
N PRO B 15 38.15 -9.71 -11.13
CA PRO B 15 39.55 -9.89 -10.69
C PRO B 15 39.64 -10.45 -9.30
N ILE B 16 40.56 -11.38 -9.15
CA ILE B 16 40.94 -11.92 -7.87
C ILE B 16 42.11 -11.10 -7.33
N LEU B 17 41.88 -10.28 -6.32
CA LEU B 17 42.95 -9.40 -5.84
C LEU B 17 43.85 -10.21 -4.93
N ILE B 18 45.14 -10.10 -5.21
CA ILE B 18 46.13 -10.89 -4.53
C ILE B 18 46.13 -10.55 -3.05
N GLU B 19 45.95 -9.28 -2.70
CA GLU B 19 45.99 -8.89 -1.29
C GLU B 19 44.66 -9.09 -0.55
N ARG B 20 43.58 -9.44 -1.25
CA ARG B 20 42.31 -9.60 -0.53
C ARG B 20 42.32 -10.89 0.30
N GLN B 21 41.62 -10.86 1.42
CA GLN B 21 41.42 -12.05 2.26
C GLN B 21 40.32 -12.93 1.71
N ASP B 22 39.43 -12.31 0.93
CA ASP B 22 38.35 -13.03 0.23
C ASP B 22 38.19 -12.51 -1.17
N ASN B 23 37.78 -13.40 -2.07
CA ASN B 23 37.38 -13.02 -3.42
C ASN B 23 36.26 -13.94 -3.84
N VAL B 24 35.19 -13.42 -4.43
CA VAL B 24 34.06 -14.27 -4.78
C VAL B 24 34.36 -15.07 -6.05
N LEU B 25 34.40 -16.39 -5.93
CA LEU B 25 34.75 -17.26 -7.05
C LEU B 25 33.52 -17.96 -7.64
N PHE B 26 32.68 -18.53 -6.78
CA PHE B 26 31.40 -19.14 -7.21
C PHE B 26 30.29 -18.67 -6.31
N MSE B 27 29.11 -18.48 -6.90
CA MSE B 27 27.91 -18.23 -6.16
C MSE B 27 26.96 -19.41 -6.39
O MSE B 27 26.84 -19.92 -7.52
CB MSE B 27 27.27 -16.92 -6.59
CG MSE B 27 28.24 -15.72 -6.59
SE MSE B 27 27.41 -14.23 -7.49
CE MSE B 27 28.64 -12.76 -7.14
N LEU B 28 26.32 -19.86 -5.32
CA LEU B 28 25.37 -20.98 -5.36
C LEU B 28 24.00 -20.57 -4.79
N ARG B 29 22.94 -21.02 -5.46
CA ARG B 29 21.57 -20.73 -5.02
C ARG B 29 20.82 -22.05 -5.02
N LEU B 30 20.18 -22.33 -3.91
CA LEU B 30 19.34 -23.53 -3.74
C LEU B 30 18.01 -23.12 -3.13
N ASN B 31 16.92 -23.31 -3.88
CA ASN B 31 15.56 -23.12 -3.36
C ASN B 31 15.12 -24.45 -2.77
N ALA B 32 15.18 -24.54 -1.46
CA ALA B 32 15.03 -25.79 -0.72
C ALA B 32 13.56 -26.13 -0.46
N LYS B 33 12.98 -27.02 -1.23
CA LYS B 33 11.62 -27.49 -0.97
C LYS B 33 11.70 -28.80 -0.22
N GLU B 34 12.41 -29.77 -0.78
CA GLU B 34 12.62 -31.05 -0.13
C GLU B 34 13.94 -31.11 0.65
N SER B 35 14.89 -30.24 0.29
CA SER B 35 16.25 -30.30 0.86
C SER B 35 16.28 -29.79 2.30
N ARG B 36 17.01 -30.45 3.18
CA ARG B 36 17.09 -30.00 4.57
C ARG B 36 18.46 -29.46 4.96
N SER B 37 19.52 -30.03 4.40
CA SER B 37 20.87 -29.58 4.71
CA SER B 37 20.87 -29.57 4.71
C SER B 37 21.76 -29.70 3.49
N LEU B 38 22.67 -28.74 3.34
CA LEU B 38 23.72 -28.78 2.32
C LEU B 38 24.99 -29.19 3.06
N ASP B 39 25.58 -30.30 2.65
CA ASP B 39 26.60 -30.96 3.48
C ASP B 39 28.07 -30.75 3.09
N GLU B 40 28.34 -30.96 1.81
CA GLU B 40 29.71 -31.09 1.25
C GLU B 40 29.74 -30.54 -0.16
N VAL B 41 30.75 -29.73 -0.46
CA VAL B 41 30.97 -29.21 -1.80
C VAL B 41 32.36 -29.61 -2.21
N VAL B 42 32.48 -30.20 -3.39
CA VAL B 42 33.77 -30.59 -3.91
C VAL B 42 34.14 -29.70 -5.07
N LEU B 43 35.30 -29.08 -4.95
CA LEU B 43 35.83 -28.16 -5.95
C LEU B 43 37.13 -28.75 -6.49
N ASN B 44 37.25 -28.80 -7.83
CA ASN B 44 38.48 -29.27 -8.49
CA ASN B 44 38.48 -29.26 -8.47
C ASN B 44 39.09 -28.14 -9.31
N PHE B 45 40.31 -27.76 -8.98
CA PHE B 45 41.04 -26.78 -9.75
C PHE B 45 41.57 -27.45 -11.02
N GLY B 46 41.76 -26.67 -12.07
CA GLY B 46 42.33 -27.15 -13.32
C GLY B 46 43.72 -27.67 -13.10
N LYS B 47 44.14 -28.61 -13.95
CA LYS B 47 45.40 -29.26 -13.73
C LYS B 47 46.57 -28.27 -13.98
N ASP B 48 46.34 -27.17 -14.69
CA ASP B 48 47.40 -26.20 -14.96
C ASP B 48 47.51 -25.12 -13.86
N VAL B 49 46.62 -25.18 -12.87
CA VAL B 49 46.63 -24.17 -11.84
C VAL B 49 47.81 -24.40 -10.91
N ASN B 50 48.48 -23.31 -10.57
CA ASN B 50 49.57 -23.38 -9.60
C ASN B 50 49.04 -23.31 -8.16
N MSE B 51 48.87 -24.47 -7.54
CA MSE B 51 48.23 -24.52 -6.22
C MSE B 51 49.08 -23.82 -5.18
O MSE B 51 48.54 -23.34 -4.17
CB MSE B 51 47.98 -25.98 -5.78
CG MSE B 51 46.97 -26.74 -6.65
SE MSE B 51 45.35 -25.76 -6.98
CE MSE B 51 44.88 -25.40 -5.12
N ALA B 52 50.39 -23.75 -5.41
CA ALA B 52 51.32 -23.12 -4.45
C ALA B 52 51.03 -21.63 -4.32
N ASP B 53 50.31 -21.05 -5.27
CA ASP B 53 49.99 -19.63 -5.20
C ASP B 53 48.67 -19.34 -4.48
N ILE B 54 47.97 -20.39 -4.07
CA ILE B 54 46.66 -20.26 -3.42
C ILE B 54 46.75 -20.52 -1.91
N GLN B 55 46.24 -19.59 -1.11
CA GLN B 55 46.32 -19.71 0.35
C GLN B 55 45.15 -20.48 0.94
N SER B 56 43.93 -20.13 0.54
CA SER B 56 42.77 -20.84 1.07
CA SER B 56 42.73 -20.71 1.15
C SER B 56 41.56 -20.73 0.17
N VAL B 57 40.64 -21.65 0.41
CA VAL B 57 39.33 -21.72 -0.23
C VAL B 57 38.35 -21.83 0.89
N LYS B 58 37.27 -21.05 0.83
CA LYS B 58 36.28 -21.00 1.91
C LYS B 58 34.91 -21.17 1.31
N LEU B 59 34.03 -21.72 2.11
CA LEU B 59 32.62 -21.82 1.78
C LEU B 59 31.84 -20.99 2.77
N TYR B 60 31.09 -20.03 2.26
CA TYR B 60 30.26 -19.14 3.05
C TYR B 60 28.79 -19.42 2.81
N TYR B 61 28.01 -19.25 3.88
CA TYR B 61 26.56 -19.22 3.81
C TYR B 61 26.06 -17.78 4.05
N SER B 62 25.19 -17.31 3.16
CA SER B 62 24.75 -15.91 3.19
C SER B 62 23.23 -15.79 3.30
N GLY B 63 22.59 -16.87 3.71
CA GLY B 63 21.20 -16.82 4.09
C GLY B 63 20.23 -16.86 2.93
N THR B 64 19.18 -16.06 3.03
CA THR B 64 18.05 -16.20 2.14
C THR B 64 17.77 -14.90 1.38
N GLU B 65 16.61 -14.87 0.71
CA GLU B 65 16.21 -13.77 -0.16
C GLU B 65 14.84 -13.24 0.26
N ALA B 66 14.53 -12.00 -0.08
CA ALA B 66 13.18 -11.49 0.14
C ALA B 66 12.24 -12.21 -0.81
N ARG B 67 11.06 -12.56 -0.30
CA ARG B 67 10.13 -13.40 -1.06
C ARG B 67 9.73 -12.77 -2.39
N GLN B 68 9.64 -11.44 -2.45
CA GLN B 68 9.28 -10.76 -3.68
C GLN B 68 10.32 -10.91 -4.78
N ASN B 69 11.53 -11.32 -4.41
CA ASN B 69 12.61 -11.50 -5.38
C ASN B 69 12.84 -12.94 -5.80
N TYR B 70 12.00 -13.88 -5.39
CA TYR B 70 12.29 -15.28 -5.73
C TYR B 70 12.33 -15.57 -7.22
N GLY B 71 11.67 -14.74 -8.02
CA GLY B 71 11.64 -14.97 -9.45
C GLY B 71 12.66 -14.17 -10.22
N LYS B 72 13.50 -13.43 -9.51
CA LYS B 72 14.46 -12.57 -10.19
C LYS B 72 15.79 -13.26 -10.49
N LYS B 73 15.99 -14.47 -9.99
CA LYS B 73 17.18 -15.26 -10.35
C LYS B 73 18.51 -14.60 -9.93
N PHE B 74 18.47 -13.87 -8.83
CA PHE B 74 19.69 -13.39 -8.20
C PHE B 74 20.51 -14.56 -7.66
N PHE B 75 21.82 -14.36 -7.54
CA PHE B 75 22.73 -15.35 -6.96
C PHE B 75 23.34 -14.91 -5.62
N THR B 76 23.00 -13.70 -5.19
CA THR B 76 23.36 -13.18 -3.87
C THR B 76 22.25 -12.29 -3.35
N PRO B 77 22.18 -12.11 -2.02
CA PRO B 77 21.20 -11.17 -1.46
C PRO B 77 21.73 -9.75 -1.35
N VAL B 78 23.04 -9.61 -1.49
CA VAL B 78 23.77 -8.40 -1.10
C VAL B 78 25.21 -8.53 -1.66
N SER B 79 25.91 -7.41 -1.83
CA SER B 79 27.35 -7.44 -2.14
C SER B 79 28.15 -7.92 -0.94
N TYR B 80 28.95 -8.96 -1.17
CA TYR B 80 29.67 -9.62 -0.08
C TYR B 80 30.91 -8.90 0.40
N ILE B 81 31.61 -8.25 -0.53
CA ILE B 81 32.89 -7.61 -0.21
C ILE B 81 32.84 -6.20 -0.79
N SER B 82 32.99 -5.24 0.09
CA SER B 82 32.88 -3.83 -0.27
C SER B 82 34.10 -3.39 -1.05
N SER B 83 33.89 -2.54 -2.06
CA SER B 83 35.04 -1.83 -2.65
C SER B 83 34.97 -0.35 -2.30
N HIS B 84 34.11 0.03 -1.35
CA HIS B 84 33.92 1.45 -1.05
C HIS B 84 34.11 1.85 0.40
N THR B 85 33.89 0.92 1.32
CA THR B 85 33.92 1.27 2.75
C THR B 85 35.35 1.41 3.26
N PRO B 86 35.76 2.62 3.66
CA PRO B 86 37.17 2.79 4.04
C PRO B 86 37.63 1.81 5.10
N GLY B 87 38.74 1.13 4.82
CA GLY B 87 39.31 0.20 5.76
C GLY B 87 38.59 -1.13 5.82
N LYS B 88 37.57 -1.34 5.00
CA LYS B 88 36.81 -2.59 5.05
C LYS B 88 36.58 -3.15 3.65
N THR B 89 37.60 -3.12 2.81
CA THR B 89 37.45 -3.59 1.44
C THR B 89 38.26 -4.85 1.15
N LEU B 90 38.92 -5.40 2.16
CA LEU B 90 39.79 -6.57 1.97
C LEU B 90 39.15 -7.93 2.29
N ALA B 91 38.16 -7.94 3.16
CA ALA B 91 37.55 -9.18 3.64
C ALA B 91 36.05 -9.12 3.49
N ALA B 92 35.47 -10.29 3.33
CA ALA B 92 34.02 -10.43 3.31
C ALA B 92 33.42 -9.76 4.57
N ASN B 93 32.37 -8.97 4.38
CA ASN B 93 31.64 -8.42 5.52
C ASN B 93 31.03 -9.59 6.32
N PRO B 94 31.43 -9.76 7.58
CA PRO B 94 30.99 -10.99 8.27
C PRO B 94 29.51 -10.96 8.71
N SER B 95 28.87 -9.80 8.66
CA SER B 95 27.44 -9.75 8.91
C SER B 95 26.63 -10.28 7.73
N TYR B 96 27.24 -10.37 6.55
CA TYR B 96 26.52 -10.87 5.35
C TYR B 96 26.83 -12.33 5.05
N SER B 97 27.93 -12.85 5.56
CA SER B 97 28.41 -14.18 5.16
C SER B 97 29.02 -14.91 6.33
N ILE B 98 28.59 -16.15 6.55
CA ILE B 98 29.06 -16.97 7.65
C ILE B 98 30.00 -18.03 7.07
N ASN B 99 31.22 -18.05 7.57
CA ASN B 99 32.23 -18.98 7.07
C ASN B 99 31.92 -20.38 7.60
N LYS B 100 31.53 -21.29 6.71
CA LYS B 100 31.14 -22.62 7.14
C LYS B 100 32.29 -23.60 7.04
N SER B 101 33.24 -23.31 6.17
CA SER B 101 34.31 -24.27 5.91
C SER B 101 35.50 -23.61 5.27
N GLN B 102 36.71 -24.01 5.65
CA GLN B 102 37.85 -23.39 5.00
C GLN B 102 38.99 -24.40 4.91
N VAL B 103 39.63 -24.44 3.75
CA VAL B 103 40.79 -25.30 3.49
C VAL B 103 41.99 -24.42 3.20
N ASN B 104 43.02 -24.51 4.03
CA ASN B 104 44.27 -23.76 3.85
C ASN B 104 45.32 -24.62 3.16
N ASN B 105 46.12 -24.00 2.33
CA ASN B 105 47.11 -24.69 1.52
C ASN B 105 46.48 -25.84 0.79
N PRO B 106 45.42 -25.56 0.03
CA PRO B 106 44.69 -26.64 -0.64
C PRO B 106 45.50 -27.39 -1.69
N GLY B 107 45.11 -28.64 -1.88
CA GLY B 107 45.51 -29.41 -3.05
C GLY B 107 44.54 -29.09 -4.16
N ARG B 108 44.73 -29.72 -5.30
CA ARG B 108 43.93 -29.44 -6.47
CA ARG B 108 43.93 -29.45 -6.47
C ARG B 108 42.47 -29.81 -6.23
N LYS B 109 42.25 -30.86 -5.46
CA LYS B 109 40.88 -31.23 -5.13
C LYS B 109 40.58 -30.70 -3.73
N VAL B 110 39.49 -29.96 -3.61
CA VAL B 110 39.14 -29.32 -2.34
C VAL B 110 37.79 -29.80 -1.88
N ILE B 111 37.74 -30.27 -0.63
CA ILE B 111 36.48 -30.72 -0.03
C ILE B 111 36.02 -29.75 1.02
N LEU B 112 34.90 -29.07 0.76
CA LEU B 112 34.33 -28.08 1.67
C LEU B 112 33.10 -28.67 2.33
N ASN B 113 33.04 -28.64 3.65
CA ASN B 113 31.93 -29.20 4.39
CA ASN B 113 31.93 -29.21 4.39
C ASN B 113 31.04 -28.10 4.98
N ALA B 114 29.88 -27.87 4.39
CA ALA B 114 29.02 -26.76 4.85
C ALA B 114 28.31 -27.13 6.15
N ASN B 115 27.74 -28.33 6.17
CA ASN B 115 26.90 -28.75 7.29
CA ASN B 115 26.83 -28.79 7.22
C ASN B 115 25.88 -27.66 7.63
N GLN B 116 25.20 -27.17 6.61
CA GLN B 116 24.30 -26.04 6.78
C GLN B 116 22.85 -26.47 6.64
N LYS B 117 22.11 -26.35 7.73
CA LYS B 117 20.67 -26.53 7.69
C LYS B 117 20.05 -25.45 6.81
N LEU B 118 19.15 -25.84 5.93
CA LEU B 118 18.64 -24.91 4.93
C LEU B 118 17.39 -24.19 5.36
N PHE B 119 17.33 -22.92 4.96
CA PHE B 119 16.10 -22.15 5.07
C PHE B 119 15.07 -22.76 4.15
N PRO B 120 13.81 -22.81 4.58
CA PRO B 120 12.73 -23.32 3.71
C PRO B 120 12.40 -22.28 2.63
N GLY B 121 13.20 -22.27 1.57
CA GLY B 121 13.13 -21.23 0.55
C GLY B 121 14.51 -21.04 -0.04
N ILE B 122 14.81 -19.83 -0.51
CA ILE B 122 16.11 -19.60 -1.15
C ILE B 122 17.23 -19.63 -0.10
N ASN B 123 18.34 -20.24 -0.51
CA ASN B 123 19.59 -20.29 0.24
C ASN B 123 20.72 -19.91 -0.68
N TYR B 124 21.57 -19.02 -0.20
CA TYR B 124 22.73 -18.57 -0.94
C TYR B 124 24.00 -19.05 -0.28
N PHE B 125 24.90 -19.57 -1.08
CA PHE B 125 26.25 -19.93 -0.62
C PHE B 125 27.24 -19.33 -1.57
N TRP B 126 28.48 -19.21 -1.15
CA TRP B 126 29.50 -18.82 -2.09
C TRP B 126 30.88 -19.34 -1.69
N ILE B 127 31.72 -19.43 -2.70
CA ILE B 127 33.10 -19.90 -2.54
C ILE B 127 34.05 -18.74 -2.70
N SER B 128 34.92 -18.60 -1.70
CA SER B 128 35.93 -17.58 -1.63
C SER B 128 37.28 -18.17 -1.94
N LEU B 129 38.03 -17.47 -2.77
CA LEU B 129 39.39 -17.82 -3.13
C LEU B 129 40.35 -16.80 -2.58
N GLN B 130 41.33 -17.24 -1.82
CA GLN B 130 42.35 -16.35 -1.29
C GLN B 130 43.73 -16.76 -1.78
N MSE B 131 44.41 -15.83 -2.45
CA MSE B 131 45.75 -16.08 -2.97
C MSE B 131 46.82 -15.86 -1.91
O MSE B 131 46.60 -15.20 -0.88
CB MSE B 131 46.06 -15.16 -4.16
CG MSE B 131 45.02 -15.10 -5.24
SE MSE B 131 44.62 -16.80 -6.02
CE MSE B 131 46.24 -17.17 -7.06
N LYS B 132 48.01 -16.40 -2.19
CA LYS B 132 49.17 -16.09 -1.39
C LYS B 132 49.74 -14.73 -1.85
N PRO B 133 50.26 -13.92 -0.91
CA PRO B 133 50.77 -12.59 -1.27
C PRO B 133 51.74 -12.52 -2.43
N GLY B 134 52.55 -13.54 -2.67
CA GLY B 134 53.53 -13.45 -3.75
C GLY B 134 53.08 -14.04 -5.08
N ALA B 135 51.77 -14.29 -5.23
CA ALA B 135 51.27 -14.93 -6.43
C ALA B 135 51.64 -14.13 -7.66
N SER B 136 51.84 -14.84 -8.77
CA SER B 136 52.19 -14.22 -10.04
C SER B 136 50.97 -13.52 -10.65
N LEU B 137 51.21 -12.38 -11.28
CA LEU B 137 50.14 -11.57 -11.86
CA LEU B 137 50.13 -11.59 -11.86
C LEU B 137 49.59 -12.20 -13.12
N LEU B 138 50.38 -13.11 -13.67
N LEU B 138 50.38 -13.07 -13.79
CA LEU B 138 49.95 -13.83 -14.83
CA LEU B 138 50.03 -13.46 -15.17
C LEU B 138 49.26 -15.11 -14.35
C LEU B 138 49.23 -14.77 -15.35
N ASP B 139 49.11 -15.28 -13.03
N ASP B 139 49.34 -15.68 -14.40
CA ASP B 139 48.34 -16.42 -12.52
CA ASP B 139 48.72 -16.99 -14.59
C ASP B 139 46.97 -16.45 -13.16
C ASP B 139 47.27 -16.97 -14.14
N LYS B 140 46.64 -17.60 -13.73
N LYS B 140 46.56 -18.00 -14.57
CA LYS B 140 45.28 -17.91 -14.15
CA LYS B 140 45.11 -18.05 -14.44
C LYS B 140 44.78 -19.10 -13.35
C LYS B 140 44.69 -19.19 -13.51
N VAL B 141 43.55 -18.99 -12.88
CA VAL B 141 42.93 -20.01 -12.05
C VAL B 141 41.67 -20.47 -12.72
N SER B 142 41.51 -21.78 -12.85
CA SER B 142 40.25 -22.34 -13.31
C SER B 142 39.84 -23.37 -12.30
N ALA B 143 38.54 -23.64 -12.24
CA ALA B 143 38.03 -24.61 -11.30
C ALA B 143 36.62 -25.01 -11.69
N LYS B 144 36.21 -26.18 -11.20
CA LYS B 144 34.86 -26.69 -11.37
C LYS B 144 34.31 -27.18 -10.04
N ILE B 145 33.03 -26.93 -9.79
CA ILE B 145 32.33 -27.58 -8.70
C ILE B 145 31.90 -28.93 -9.24
N VAL B 146 32.46 -29.99 -8.70
CA VAL B 146 32.24 -31.36 -9.15
CA VAL B 146 32.18 -31.31 -9.24
C VAL B 146 30.94 -31.93 -8.62
N THR B 147 30.74 -31.75 -7.31
CA THR B 147 29.54 -32.27 -6.65
C THR B 147 29.14 -31.37 -5.48
N VAL B 148 27.84 -31.34 -5.22
CA VAL B 148 27.27 -30.68 -4.07
C VAL B 148 26.34 -31.68 -3.43
N LYS B 149 26.59 -32.01 -2.17
CA LYS B 149 25.79 -33.02 -1.49
C LYS B 149 24.76 -32.38 -0.61
N VAL B 150 23.52 -32.79 -0.82
CA VAL B 150 22.39 -32.27 -0.05
C VAL B 150 21.72 -33.49 0.56
N ASP B 151 21.55 -33.45 1.87
CA ASP B 151 20.99 -34.58 2.61
C ASP B 151 21.74 -35.89 2.27
N ASN B 152 23.08 -35.80 2.29
CA ASN B 152 23.98 -36.93 2.09
CA ASN B 152 23.94 -36.97 2.10
C ASN B 152 23.80 -37.62 0.72
N LYS B 153 23.28 -36.88 -0.25
CA LYS B 153 23.19 -37.34 -1.65
C LYS B 153 23.67 -36.26 -2.59
N GLU B 154 24.19 -36.65 -3.74
CA GLU B 154 24.60 -35.69 -4.74
C GLU B 154 23.37 -35.01 -5.32
N ALA B 155 23.36 -33.68 -5.23
CA ALA B 155 22.23 -32.89 -5.71
C ALA B 155 22.31 -32.67 -7.19
N LEU B 156 21.15 -32.41 -7.81
CA LEU B 156 21.14 -31.90 -9.17
C LEU B 156 21.82 -30.53 -9.19
N MSE B 157 22.66 -30.30 -10.20
CA MSE B 157 23.32 -29.03 -10.37
C MSE B 157 23.03 -28.42 -11.71
O MSE B 157 22.93 -29.11 -12.70
CB MSE B 157 24.82 -29.19 -10.24
CG MSE B 157 25.35 -29.49 -8.87
SE MSE B 157 27.30 -29.69 -9.06
CE MSE B 157 27.67 -27.98 -9.70
N HIS B 158 22.89 -27.10 -11.76
CA HIS B 158 22.79 -26.42 -13.04
C HIS B 158 23.66 -25.18 -13.00
N THR B 159 24.61 -25.11 -13.93
CA THR B 159 25.53 -24.01 -13.99
C THR B 159 25.13 -23.03 -15.10
N VAL B 160 24.89 -21.79 -14.73
CA VAL B 160 24.39 -20.79 -15.67
C VAL B 160 25.52 -20.00 -16.35
N SER B 161 26.73 -20.08 -15.82
CA SER B 161 27.86 -19.37 -16.37
C SER B 161 28.58 -20.27 -17.38
N PRO B 162 29.40 -19.66 -18.25
CA PRO B 162 30.03 -20.45 -19.32
C PRO B 162 31.15 -21.33 -18.85
N GLU B 163 31.51 -22.33 -19.65
CA GLU B 163 32.68 -23.17 -19.37
C GLU B 163 34.01 -22.48 -19.66
N ASN B 164 35.09 -23.04 -19.10
CA ASN B 164 36.45 -22.57 -19.36
C ASN B 164 36.71 -21.12 -18.96
N ILE B 165 36.12 -20.66 -17.85
CA ILE B 165 36.44 -19.35 -17.33
C ILE B 165 37.88 -19.41 -16.78
N ALA B 166 38.70 -18.46 -17.21
CA ALA B 166 40.02 -18.26 -16.64
C ALA B 166 39.94 -17.07 -15.71
N HIS B 167 40.07 -17.32 -14.42
CA HIS B 167 40.06 -16.24 -13.45
C HIS B 167 41.45 -15.63 -13.43
N ARG B 168 41.51 -14.32 -13.53
CA ARG B 168 42.77 -13.58 -13.46
C ARG B 168 42.89 -12.88 -12.12
N VAL B 169 44.13 -12.75 -11.66
CA VAL B 169 44.39 -12.03 -10.44
C VAL B 169 44.64 -10.55 -10.78
N GLY B 170 44.72 -9.74 -9.75
CA GLY B 170 44.98 -8.33 -9.92
C GLY B 170 45.51 -7.80 -8.61
N VAL B 171 45.94 -6.56 -8.66
CA VAL B 171 46.39 -5.84 -7.49
C VAL B 171 45.54 -4.62 -7.27
N GLY B 172 45.03 -4.45 -6.06
CA GLY B 172 44.34 -3.22 -5.72
C GLY B 172 45.39 -2.17 -5.35
N VAL B 173 45.86 -1.43 -6.34
CA VAL B 173 46.87 -0.40 -6.13
C VAL B 173 46.39 0.63 -5.10
N ARG B 174 45.11 1.01 -5.20
CA ARG B 174 44.44 1.85 -4.20
C ARG B 174 43.08 1.25 -3.87
N HIS B 175 42.82 1.16 -2.58
CA HIS B 175 41.53 0.80 -2.04
C HIS B 175 40.93 2.03 -1.38
N ALA B 176 39.60 2.15 -1.44
CA ALA B 176 38.90 3.20 -0.73
C ALA B 176 39.45 3.29 0.69
N GLY B 177 39.75 4.51 1.13
CA GLY B 177 40.26 4.73 2.47
C GLY B 177 41.76 4.80 2.58
N ASP B 178 42.49 4.29 1.58
CA ASP B 178 43.95 4.29 1.65
C ASP B 178 44.51 5.70 1.84
N ASP B 179 45.50 5.78 2.73
CA ASP B 179 46.22 7.03 3.00
C ASP B 179 45.28 8.21 3.29
N GLY B 180 44.17 7.90 3.95
CA GLY B 180 43.25 8.91 4.41
C GLY B 180 42.30 9.44 3.36
N SER B 181 42.26 8.81 2.19
CA SER B 181 41.39 9.30 1.11
C SER B 181 40.17 8.46 0.94
N ALA B 182 39.00 9.09 0.88
CA ALA B 182 37.76 8.33 0.68
C ALA B 182 37.78 7.53 -0.61
N ALA B 183 38.34 8.13 -1.66
CA ALA B 183 38.19 7.54 -2.98
C ALA B 183 39.36 7.87 -3.87
N PHE B 184 39.52 7.03 -4.89
CA PHE B 184 40.48 7.25 -5.94
C PHE B 184 39.78 7.01 -7.24
N ARG B 185 40.01 7.89 -8.22
CA ARG B 185 39.34 7.82 -9.51
C ARG B 185 40.26 8.34 -10.60
N ILE B 186 39.89 8.00 -11.84
CA ILE B 186 40.46 8.56 -13.06
C ILE B 186 41.91 8.12 -13.30
N PRO B 187 42.08 6.91 -13.75
CA PRO B 187 43.41 6.31 -13.90
C PRO B 187 44.17 6.80 -15.14
N GLY B 188 45.47 6.95 -15.02
CA GLY B 188 46.33 7.04 -16.18
C GLY B 188 47.51 6.13 -15.95
N LEU B 189 48.06 5.58 -17.02
CA LEU B 189 49.12 4.59 -16.90
C LEU B 189 50.11 4.72 -18.05
N ALA B 190 51.40 4.68 -17.74
CA ALA B 190 52.44 4.67 -18.77
C ALA B 190 53.64 3.88 -18.27
N THR B 191 54.48 3.49 -19.23
CA THR B 191 55.70 2.75 -18.96
C THR B 191 56.91 3.59 -19.35
N THR B 192 57.85 3.76 -18.43
CA THR B 192 59.03 4.55 -18.74
C THR B 192 59.97 3.73 -19.59
N ASN B 193 60.98 4.39 -20.12
CA ASN B 193 61.98 3.69 -20.94
C ASN B 193 62.76 2.67 -20.13
N LYS B 194 62.70 2.80 -18.81
CA LYS B 194 63.37 1.82 -17.93
C LYS B 194 62.46 0.65 -17.56
N GLY B 195 61.23 0.65 -18.09
CA GLY B 195 60.29 -0.42 -17.76
C GLY B 195 59.47 -0.13 -16.51
N THR B 196 59.65 1.05 -15.94
CA THR B 196 58.92 1.44 -14.72
C THR B 196 57.45 1.73 -15.03
N LEU B 197 56.54 1.26 -14.19
CA LEU B 197 55.11 1.59 -14.36
C LEU B 197 54.78 2.79 -13.50
N LEU B 198 54.10 3.76 -14.11
CA LEU B 198 53.65 4.93 -13.41
C LEU B 198 52.14 5.03 -13.58
N GLY B 199 51.40 4.89 -12.48
CA GLY B 199 49.96 5.00 -12.53
C GLY B 199 49.56 6.25 -11.78
N VAL B 200 48.78 7.11 -12.42
CA VAL B 200 48.26 8.31 -11.77
C VAL B 200 46.73 8.27 -11.62
N TYR B 201 46.23 9.09 -10.71
CA TYR B 201 44.81 9.09 -10.39
C TYR B 201 44.52 10.31 -9.50
N ASP B 202 43.25 10.67 -9.45
CA ASP B 202 42.67 11.60 -8.46
C ASP B 202 42.74 10.96 -7.11
N VAL B 203 43.16 11.73 -6.13
CA VAL B 203 43.03 11.37 -4.75
C VAL B 203 41.87 12.21 -4.21
N ARG B 204 40.70 11.60 -4.08
CA ARG B 204 39.50 12.34 -3.73
C ARG B 204 39.22 12.16 -2.25
N TYR B 205 39.73 13.10 -1.47
CA TYR B 205 39.87 12.90 -0.04
C TYR B 205 38.54 12.81 0.71
N ASN B 206 37.58 13.67 0.37
CA ASN B 206 36.32 13.77 1.12
C ASN B 206 35.21 12.83 0.67
N SER B 207 35.19 12.49 -0.61
CA SER B 207 34.11 11.70 -1.20
C SER B 207 34.52 11.37 -2.62
N SER B 208 33.69 10.64 -3.35
CA SER B 208 34.02 10.27 -4.72
C SER B 208 33.58 11.34 -5.73
N VAL B 209 33.07 12.46 -5.25
CA VAL B 209 32.56 13.51 -6.12
CA VAL B 209 32.56 13.48 -6.15
C VAL B 209 33.68 14.19 -6.95
N ASP B 210 33.34 14.58 -8.17
CA ASP B 210 34.23 15.30 -9.08
C ASP B 210 34.62 16.69 -8.56
N LEU B 211 35.65 17.29 -9.17
CA LEU B 211 35.96 18.69 -8.95
C LEU B 211 34.72 19.58 -9.08
N GLN B 212 34.58 20.63 -8.27
CA GLN B 212 35.54 21.11 -7.29
C GLN B 212 35.46 20.34 -5.99
N GLU B 213 36.62 20.04 -5.40
CA GLU B 213 36.66 19.37 -4.08
C GLU B 213 38.11 19.24 -3.68
N HIS B 214 38.34 18.66 -2.51
CA HIS B 214 39.71 18.42 -2.03
C HIS B 214 40.25 17.21 -2.78
N VAL B 215 41.01 17.52 -3.81
CA VAL B 215 41.54 16.53 -4.74
C VAL B 215 42.99 16.87 -5.06
N ASP B 216 43.84 15.85 -4.97
CA ASP B 216 45.22 15.89 -5.47
C ASP B 216 45.41 14.88 -6.59
N VAL B 217 46.50 15.02 -7.33
CA VAL B 217 46.92 13.97 -8.26
C VAL B 217 47.94 13.11 -7.57
N GLY B 218 47.62 11.82 -7.46
CA GLY B 218 48.50 10.82 -6.86
C GLY B 218 49.17 9.97 -7.92
N LEU B 219 50.28 9.33 -7.52
CA LEU B 219 51.05 8.49 -8.41
C LEU B 219 51.61 7.30 -7.64
N SER B 220 51.37 6.12 -8.22
CA SER B 220 51.91 4.86 -7.75
C SER B 220 52.94 4.38 -8.79
N ARG B 221 54.12 4.04 -8.29
CA ARG B 221 55.26 3.67 -9.10
C ARG B 221 55.62 2.20 -8.84
N SER B 222 55.79 1.43 -9.90
CA SER B 222 56.21 0.04 -9.75
C SER B 222 57.46 -0.26 -10.59
N VAL B 223 58.45 -0.85 -9.94
CA VAL B 223 59.67 -1.24 -10.62
C VAL B 223 59.75 -2.75 -10.89
N ASP B 224 58.65 -3.47 -10.62
CA ASP B 224 58.66 -4.93 -10.83
C ASP B 224 57.44 -5.41 -11.64
N GLY B 225 57.06 -4.62 -12.64
CA GLY B 225 56.02 -5.06 -13.54
C GLY B 225 54.62 -5.04 -12.96
N GLY B 226 54.43 -4.31 -11.85
CA GLY B 226 53.10 -4.13 -11.27
C GLY B 226 52.81 -5.07 -10.11
N LYS B 227 53.78 -5.90 -9.76
CA LYS B 227 53.61 -6.82 -8.66
C LYS B 227 53.52 -6.04 -7.34
N THR B 228 54.36 -5.05 -7.19
CA THR B 228 54.34 -4.23 -5.99
C THR B 228 54.48 -2.74 -6.37
N TRP B 229 53.92 -1.89 -5.55
CA TRP B 229 53.83 -0.46 -5.83
C TRP B 229 54.40 0.34 -4.67
N GLU B 230 55.24 1.31 -5.00
CA GLU B 230 55.86 2.18 -4.01
C GLU B 230 54.82 3.09 -3.35
N LYS B 231 55.20 3.60 -2.19
CA LYS B 231 54.40 4.57 -1.47
C LYS B 231 53.88 5.67 -2.41
N MSE B 232 52.61 6.02 -2.25
CA MSE B 232 51.98 7.03 -3.09
C MSE B 232 52.72 8.35 -3.07
O MSE B 232 53.06 8.88 -1.99
CB MSE B 232 50.54 7.27 -2.67
CG MSE B 232 49.84 8.25 -3.59
SE MSE B 232 47.97 8.44 -3.05
CE MSE B 232 48.15 9.17 -1.27
N ARG B 233 52.96 8.88 -4.25
CA ARG B 233 53.50 10.22 -4.43
C ARG B 233 52.36 11.17 -4.83
N LEU B 234 52.57 12.48 -4.69
CA LEU B 234 51.59 13.49 -5.08
C LEU B 234 52.22 14.51 -6.02
N PRO B 235 52.28 14.20 -7.33
CA PRO B 235 52.92 15.13 -8.26
C PRO B 235 52.24 16.51 -8.33
N LEU B 236 50.92 16.60 -8.11
CA LEU B 236 50.22 17.89 -8.12
C LEU B 236 49.27 18.02 -6.93
N ALA B 237 49.42 19.10 -6.20
CA ALA B 237 48.58 19.35 -5.02
C ALA B 237 48.67 20.81 -4.68
N PHE B 238 47.54 21.45 -4.45
CA PHE B 238 47.53 22.91 -4.30
C PHE B 238 47.15 23.40 -2.91
N GLY B 239 46.72 22.49 -2.03
CA GLY B 239 46.49 22.85 -0.64
C GLY B 239 45.70 24.15 -0.52
N GLU B 240 46.18 25.09 0.29
CA GLU B 240 45.47 26.35 0.53
C GLU B 240 46.04 27.51 -0.33
N THR B 241 46.35 27.21 -1.60
CA THR B 241 46.85 28.22 -2.52
C THR B 241 45.90 29.40 -2.64
N GLY B 242 46.46 30.60 -2.58
CA GLY B 242 45.67 31.80 -2.75
C GLY B 242 44.84 32.08 -1.51
N GLY B 243 45.07 31.32 -0.46
CA GLY B 243 44.36 31.49 0.79
C GLY B 243 42.95 30.89 0.84
N LEU B 244 42.56 30.17 -0.21
CA LEU B 244 41.28 29.47 -0.20
C LEU B 244 41.46 28.08 0.43
N PRO B 245 40.38 27.51 0.96
CA PRO B 245 40.44 26.15 1.49
C PRO B 245 40.92 25.14 0.47
N ALA B 246 41.48 24.05 0.98
CA ALA B 246 42.00 23.00 0.10
C ALA B 246 40.91 22.43 -0.79
N ALA B 247 39.69 22.40 -0.30
CA ALA B 247 38.59 21.86 -1.11
C ALA B 247 38.15 22.83 -2.21
N GLN B 248 38.71 24.02 -2.24
CA GLN B 248 38.52 24.96 -3.34
C GLN B 248 39.82 25.16 -4.11
N ASN B 249 40.61 24.09 -4.15
CA ASN B 249 41.89 24.09 -4.84
C ASN B 249 42.21 22.72 -5.41
N GLY B 250 41.18 21.98 -5.79
CA GLY B 250 41.38 20.65 -6.30
C GLY B 250 42.13 20.62 -7.62
N VAL B 251 42.87 19.55 -7.84
CA VAL B 251 43.48 19.32 -9.13
C VAL B 251 43.28 17.85 -9.50
N GLY B 252 42.84 17.59 -10.73
CA GLY B 252 42.50 16.23 -11.12
C GLY B 252 42.28 15.94 -12.60
N ASP B 253 41.71 14.76 -12.84
CA ASP B 253 41.54 14.17 -14.18
C ASP B 253 42.87 14.03 -14.90
N PRO B 254 43.85 13.45 -14.23
CA PRO B 254 45.21 13.48 -14.79
C PRO B 254 45.39 12.70 -16.07
N SER B 255 46.37 13.15 -16.84
CA SER B 255 46.86 12.39 -17.99
C SER B 255 48.38 12.32 -17.92
N ILE B 256 48.96 11.17 -18.22
CA ILE B 256 50.41 11.01 -18.08
C ILE B 256 51.01 10.65 -19.45
N LEU B 257 52.18 11.17 -19.76
CA LEU B 257 52.87 10.66 -20.93
C LEU B 257 54.34 10.62 -20.62
N VAL B 258 54.99 9.67 -21.27
CA VAL B 258 56.42 9.51 -21.22
C VAL B 258 56.99 9.97 -22.55
N ASP B 259 57.92 10.91 -22.46
CA ASP B 259 58.70 11.37 -23.60
C ASP B 259 59.76 10.33 -23.87
N THR B 260 59.55 9.53 -24.90
CA THR B 260 60.40 8.38 -25.16
C THR B 260 61.77 8.77 -25.63
N LYS B 261 61.92 10.01 -26.05
CA LYS B 261 63.23 10.48 -26.51
C LYS B 261 64.17 10.73 -25.34
N THR B 262 63.62 11.10 -24.19
CA THR B 262 64.43 11.51 -23.05
C THR B 262 64.14 10.77 -21.77
N ASN B 263 63.04 10.02 -21.73
CA ASN B 263 62.46 9.42 -20.53
C ASN B 263 61.93 10.41 -19.47
N THR B 264 61.76 11.66 -19.85
CA THR B 264 61.04 12.60 -18.98
C THR B 264 59.56 12.26 -18.99
N THR B 265 58.93 12.26 -17.82
CA THR B 265 57.50 11.95 -17.71
C THR B 265 56.75 13.23 -17.42
N TRP B 266 55.60 13.41 -18.08
CA TRP B 266 54.76 14.58 -17.92
C TRP B 266 53.39 14.13 -17.41
N VAL B 267 52.90 14.81 -16.40
CA VAL B 267 51.52 14.66 -15.93
C VAL B 267 50.84 16.02 -16.12
N VAL B 268 49.69 16.03 -16.79
CA VAL B 268 48.89 17.23 -16.98
C VAL B 268 47.58 17.02 -16.23
N ALA B 269 47.09 18.06 -15.57
CA ALA B 269 45.83 17.98 -14.85
C ALA B 269 45.14 19.33 -14.83
N ALA B 270 43.89 19.36 -14.38
CA ALA B 270 43.12 20.59 -14.31
C ALA B 270 43.06 21.05 -12.86
N TRP B 271 43.60 22.24 -12.59
CA TRP B 271 43.51 22.83 -11.26
C TRP B 271 42.36 23.81 -11.23
N THR B 272 41.40 23.51 -10.38
CA THR B 272 40.25 24.36 -10.19
C THR B 272 40.38 25.13 -8.87
N HIS B 273 40.24 26.44 -8.98
CA HIS B 273 40.41 27.36 -7.83
C HIS B 273 39.10 28.08 -7.55
N GLY B 274 38.64 28.09 -6.30
CA GLY B 274 37.37 28.73 -5.98
C GLY B 274 36.22 27.78 -6.26
N MSE B 275 35.16 28.31 -6.85
CA MSE B 275 33.97 27.56 -7.30
C MSE B 275 33.11 26.89 -6.24
O MSE B 275 32.34 25.97 -6.55
CB MSE B 275 34.42 26.49 -8.33
CG MSE B 275 35.21 27.07 -9.48
SE MSE B 275 35.74 25.68 -10.77
CE MSE B 275 37.02 26.69 -11.78
N GLY B 276 33.20 27.36 -4.99
CA GLY B 276 32.44 26.76 -3.90
C GLY B 276 32.67 25.26 -3.81
N ASN B 277 31.59 24.51 -3.64
CA ASN B 277 31.67 23.05 -3.64
C ASN B 277 30.88 22.47 -4.82
N GLN B 278 30.87 23.22 -5.92
CA GLN B 278 30.10 22.82 -7.08
C GLN B 278 30.97 22.15 -8.13
N ARG B 279 30.33 21.54 -9.11
CA ARG B 279 31.07 20.80 -10.12
C ARG B 279 31.75 21.75 -11.10
N ALA B 280 33.04 21.49 -11.32
CA ALA B 280 33.85 22.37 -12.15
C ALA B 280 33.29 22.44 -13.55
N TRP B 281 32.71 21.35 -14.01
CA TRP B 281 32.18 21.28 -15.37
C TRP B 281 31.17 22.42 -15.58
N TRP B 282 30.45 22.78 -14.50
CA TRP B 282 29.46 23.86 -14.58
C TRP B 282 29.84 25.16 -13.86
N SER B 283 31.08 25.23 -13.36
CA SER B 283 31.50 26.35 -12.54
C SER B 283 32.72 27.08 -13.08
N SER B 284 33.32 26.53 -14.13
CA SER B 284 34.44 27.19 -14.76
C SER B 284 33.92 28.08 -15.88
N TYR B 285 34.45 29.30 -15.96
CA TYR B 285 33.91 30.31 -16.89
C TYR B 285 34.98 30.91 -17.77
N PRO B 286 34.57 31.67 -18.79
CA PRO B 286 35.54 32.27 -19.71
C PRO B 286 36.49 33.20 -19.02
N GLY B 287 37.65 33.40 -19.62
CA GLY B 287 38.71 34.18 -19.00
C GLY B 287 39.98 33.37 -18.99
N MSE B 288 40.99 33.84 -18.25
CA MSE B 288 42.28 33.16 -18.21
C MSE B 288 42.80 32.98 -16.78
O MSE B 288 43.58 32.05 -16.52
CB MSE B 288 43.34 33.93 -19.03
CG MSE B 288 42.96 34.10 -20.50
SE MSE B 288 42.97 32.35 -21.41
CE MSE B 288 44.89 32.19 -21.57
N ASP B 289 42.37 33.85 -15.87
CA ASP B 289 42.90 33.79 -14.52
CA ASP B 289 42.81 33.87 -14.48
C ASP B 289 42.20 32.73 -13.66
N MSE B 290 42.92 32.30 -12.62
CA MSE B 290 42.46 31.26 -11.73
C MSE B 290 41.16 31.64 -11.02
O MSE B 290 40.43 30.78 -10.57
CB MSE B 290 43.53 30.94 -10.68
CG MSE B 290 43.70 32.04 -9.62
SE MSE B 290 45.06 31.57 -8.25
CE MSE B 290 46.49 31.89 -9.40
N ASN B 291 40.87 32.94 -10.90
CA ASN B 291 39.65 33.33 -10.24
C ASN B 291 38.43 33.10 -11.10
N HIS B 292 38.64 32.84 -12.39
CA HIS B 292 37.52 32.63 -13.30
C HIS B 292 37.47 31.22 -13.91
N THR B 293 38.63 30.65 -14.24
CA THR B 293 38.61 29.46 -15.10
C THR B 293 39.63 28.44 -14.63
N ALA B 294 39.34 27.16 -14.93
CA ALA B 294 40.27 26.08 -14.58
C ALA B 294 41.64 26.31 -15.21
N GLN B 295 42.68 25.99 -14.46
CA GLN B 295 44.05 26.17 -14.93
C GLN B 295 44.64 24.84 -15.41
N LEU B 296 45.31 24.84 -16.56
CA LEU B 296 45.94 23.65 -17.08
C LEU B 296 47.39 23.63 -16.58
N VAL B 297 47.70 22.64 -15.78
CA VAL B 297 49.00 22.59 -15.11
C VAL B 297 49.73 21.29 -15.36
N LEU B 298 51.06 21.38 -15.47
CA LEU B 298 51.94 20.24 -15.69
C LEU B 298 52.88 20.02 -14.51
N SER B 299 53.24 18.77 -14.27
CA SER B 299 54.39 18.45 -13.43
C SER B 299 55.24 17.47 -14.24
N LYS B 300 56.56 17.63 -14.18
CA LYS B 300 57.45 16.73 -14.90
C LYS B 300 58.40 16.05 -13.96
N SER B 301 58.87 14.88 -14.41
CA SER B 301 59.85 14.08 -13.67
C SER B 301 60.98 13.73 -14.61
N THR B 302 62.19 14.06 -14.18
CA THR B 302 63.37 13.74 -14.97
C THR B 302 64.19 12.63 -14.31
N ASP B 303 63.61 11.96 -13.31
CA ASP B 303 64.26 10.85 -12.65
C ASP B 303 63.35 9.61 -12.58
N ASP B 304 62.76 9.26 -13.71
CA ASP B 304 62.02 8.01 -13.87
C ASP B 304 60.82 7.94 -12.93
N GLY B 305 60.25 9.10 -12.64
CA GLY B 305 59.00 9.18 -11.89
C GLY B 305 59.16 9.30 -10.40
N LYS B 306 60.41 9.41 -9.92
CA LYS B 306 60.64 9.43 -8.47
C LYS B 306 60.33 10.78 -7.81
N THR B 307 60.67 11.88 -8.48
CA THR B 307 60.33 13.20 -7.97
C THR B 307 59.76 14.06 -9.09
N TRP B 308 59.01 15.08 -8.68
CA TRP B 308 58.12 15.84 -9.54
C TRP B 308 58.34 17.32 -9.36
N SER B 309 58.34 18.05 -10.48
CA SER B 309 58.53 19.49 -10.43
C SER B 309 57.35 20.19 -9.76
N GLU B 310 57.58 21.41 -9.33
CA GLU B 310 56.48 22.33 -9.01
C GLU B 310 55.59 22.52 -10.25
N PRO B 311 54.33 22.93 -10.06
CA PRO B 311 53.42 23.03 -11.20
C PRO B 311 53.89 24.06 -12.25
N ILE B 312 53.67 23.71 -13.51
CA ILE B 312 53.91 24.58 -14.62
C ILE B 312 52.55 24.93 -15.24
N ASN B 313 52.15 26.19 -15.14
CA ASN B 313 50.84 26.63 -15.62
C ASN B 313 50.93 27.04 -17.08
N ILE B 314 50.34 26.23 -17.97
CA ILE B 314 50.42 26.47 -19.42
C ILE B 314 49.14 26.99 -20.04
N THR B 315 48.19 27.37 -19.19
CA THR B 315 46.89 27.86 -19.62
C THR B 315 47.07 28.92 -20.71
N ASP B 316 48.04 29.83 -20.50
CA ASP B 316 48.21 30.95 -21.42
C ASP B 316 48.62 30.52 -22.83
N GLN B 317 49.23 29.36 -22.96
CA GLN B 317 49.67 28.90 -24.28
C GLN B 317 48.56 28.32 -25.12
N VAL B 318 47.55 27.74 -24.48
CA VAL B 318 46.64 26.88 -25.24
C VAL B 318 45.17 27.17 -25.03
N LYS B 319 44.80 27.91 -23.99
CA LYS B 319 43.39 28.18 -23.76
C LYS B 319 42.93 29.42 -24.51
N ASP B 320 41.86 29.27 -25.27
CA ASP B 320 41.17 30.44 -25.84
C ASP B 320 40.37 31.11 -24.72
N PRO B 321 40.54 32.43 -24.55
CA PRO B 321 39.80 33.10 -23.45
C PRO B 321 38.29 32.87 -23.46
N SER B 322 37.71 32.62 -24.64
CA SER B 322 36.24 32.54 -24.74
C SER B 322 35.71 31.19 -24.29
N TRP B 323 36.60 30.21 -24.13
CA TRP B 323 36.21 28.89 -23.66
C TRP B 323 35.85 28.95 -22.18
N TYR B 324 34.84 28.19 -21.80
CA TYR B 324 34.47 28.06 -20.38
C TYR B 324 35.53 27.25 -19.60
N PHE B 325 36.13 26.27 -20.27
CA PHE B 325 36.88 25.19 -19.57
C PHE B 325 37.76 24.49 -20.60
N LEU B 326 39.07 24.47 -20.37
CA LEU B 326 39.99 23.63 -21.12
C LEU B 326 40.64 22.65 -20.18
N LEU B 327 40.62 21.38 -20.53
CA LEU B 327 41.39 20.38 -19.78
C LEU B 327 41.84 19.26 -20.66
N GLN B 328 42.80 18.50 -20.14
CA GLN B 328 43.23 17.27 -20.73
C GLN B 328 42.11 16.23 -20.82
N GLY B 329 42.26 15.31 -21.77
CA GLY B 329 41.53 14.05 -21.75
C GLY B 329 42.23 13.14 -20.76
N PRO B 330 41.53 12.68 -19.70
CA PRO B 330 42.23 11.88 -18.69
C PRO B 330 42.75 10.56 -19.25
N GLY B 331 43.83 10.09 -18.64
CA GLY B 331 44.41 8.82 -19.03
C GLY B 331 45.87 9.06 -19.38
N ARG B 332 46.19 9.01 -20.68
CA ARG B 332 47.57 9.19 -21.08
C ARG B 332 47.69 9.95 -22.40
N GLY B 333 48.90 10.42 -22.64
CA GLY B 333 49.31 10.93 -23.93
C GLY B 333 50.39 10.05 -24.52
N ILE B 334 51.02 10.56 -25.58
CA ILE B 334 51.98 9.78 -26.35
C ILE B 334 53.17 10.61 -26.81
N THR B 335 54.22 9.90 -27.23
CA THR B 335 55.27 10.46 -28.06
C THR B 335 55.09 9.89 -29.47
N MSE B 336 55.00 10.76 -30.47
CA MSE B 336 54.93 10.28 -31.85
C MSE B 336 56.30 9.81 -32.28
O MSE B 336 57.31 10.20 -31.71
CB MSE B 336 54.43 11.39 -32.77
CG MSE B 336 53.01 11.80 -32.47
SE MSE B 336 52.43 13.25 -33.63
CE MSE B 336 52.20 12.20 -35.26
N GLN B 337 56.34 8.96 -33.30
CA GLN B 337 57.61 8.48 -33.83
C GLN B 337 58.61 9.61 -34.09
N ASP B 338 58.14 10.76 -34.55
CA ASP B 338 59.03 11.87 -34.86
C ASP B 338 59.35 12.73 -33.64
N GLY B 339 58.88 12.33 -32.45
CA GLY B 339 59.28 13.00 -31.23
C GLY B 339 58.29 14.02 -30.70
N THR B 340 57.21 14.26 -31.45
CA THR B 340 56.15 15.17 -31.02
C THR B 340 55.43 14.60 -29.79
N LEU B 341 55.26 15.40 -28.74
CA LEU B 341 54.46 15.00 -27.58
C LEU B 341 53.01 15.43 -27.81
N VAL B 342 52.07 14.54 -27.52
CA VAL B 342 50.65 14.83 -27.74
C VAL B 342 49.83 14.40 -26.54
N PHE B 343 49.01 15.33 -26.02
CA PHE B 343 47.99 15.02 -25.03
C PHE B 343 46.62 15.25 -25.67
N PRO B 344 45.68 14.32 -25.51
CA PRO B 344 44.30 14.68 -25.86
C PRO B 344 43.77 15.77 -24.93
N ILE B 345 42.87 16.61 -25.44
CA ILE B 345 42.26 17.64 -24.65
C ILE B 345 40.79 17.75 -25.00
N GLN B 346 40.09 18.56 -24.23
CA GLN B 346 38.68 18.83 -24.45
C GLN B 346 38.43 20.25 -23.98
N PHE B 347 37.57 20.98 -24.68
CA PHE B 347 37.19 22.30 -24.21
C PHE B 347 35.73 22.59 -24.40
N ILE B 348 35.17 23.28 -23.41
CA ILE B 348 33.83 23.81 -23.49
C ILE B 348 33.91 25.18 -24.16
N ASP B 349 33.34 25.30 -25.35
CA ASP B 349 33.50 26.53 -26.11
C ASP B 349 32.51 27.58 -25.65
N SER B 350 32.48 28.71 -26.35
CA SER B 350 31.68 29.85 -25.91
C SER B 350 30.19 29.61 -25.96
N THR B 351 29.75 28.57 -26.67
CA THR B 351 28.34 28.19 -26.68
C THR B 351 28.07 27.12 -25.63
N ARG B 352 29.07 26.81 -24.83
CA ARG B 352 28.97 25.86 -23.73
C ARG B 352 28.78 24.41 -24.20
N VAL B 353 29.28 24.14 -25.40
CA VAL B 353 29.35 22.80 -25.95
C VAL B 353 30.79 22.29 -25.83
N PRO B 354 30.97 21.04 -25.35
CA PRO B 354 32.32 20.47 -25.29
C PRO B 354 32.78 19.87 -26.60
N ASN B 355 34.08 19.94 -26.86
CA ASN B 355 34.67 19.38 -28.06
C ASN B 355 36.03 18.82 -27.73
N ALA B 356 36.31 17.64 -28.27
CA ALA B 356 37.61 17.02 -28.07
C ALA B 356 38.61 17.42 -29.15
N GLY B 357 39.88 17.39 -28.79
CA GLY B 357 40.96 17.66 -29.71
C GLY B 357 42.27 17.19 -29.13
N ILE B 358 43.38 17.69 -29.66
CA ILE B 358 44.70 17.34 -29.15
C ILE B 358 45.56 18.59 -28.98
N MSE B 359 46.48 18.55 -28.01
CA MSE B 359 47.50 19.59 -27.90
C MSE B 359 48.82 18.88 -28.03
O MSE B 359 48.97 17.75 -27.60
CB MSE B 359 47.41 20.36 -26.57
CG MSE B 359 48.08 19.85 -25.40
SE MSE B 359 48.00 21.15 -23.93
CE MSE B 359 48.61 19.84 -22.68
N TYR B 360 49.77 19.57 -28.64
CA TYR B 360 51.07 18.95 -28.90
C TYR B 360 52.23 19.88 -28.63
N SER B 361 53.40 19.27 -28.47
CA SER B 361 54.64 20.00 -28.30
C SER B 361 55.70 19.43 -29.24
N LYS B 362 56.36 20.32 -29.97
CA LYS B 362 57.45 19.92 -30.87
C LYS B 362 58.81 20.16 -30.23
N ASP B 363 58.83 20.68 -29.00
CA ASP B 363 60.08 20.98 -28.35
C ASP B 363 60.21 20.38 -26.96
N ARG B 364 59.87 19.09 -26.85
CA ARG B 364 60.09 18.33 -25.63
C ARG B 364 59.27 18.86 -24.46
N GLY B 365 58.17 19.52 -24.74
CA GLY B 365 57.27 19.94 -23.69
C GLY B 365 57.42 21.38 -23.22
N GLU B 366 58.31 22.14 -23.87
CA GLU B 366 58.50 23.54 -23.51
C GLU B 366 57.33 24.41 -23.96
N THR B 367 56.83 24.17 -25.17
CA THR B 367 55.66 24.90 -25.63
C THR B 367 54.65 23.94 -26.19
N TRP B 368 53.39 24.36 -26.09
CA TRP B 368 52.25 23.55 -26.45
C TRP B 368 51.30 24.34 -27.35
N LYS B 369 50.57 23.63 -28.19
CA LYS B 369 49.71 24.27 -29.17
C LYS B 369 48.47 23.41 -29.39
N ILE B 370 47.32 24.06 -29.54
CA ILE B 370 46.06 23.41 -29.95
C ILE B 370 45.58 24.12 -31.19
N HIS B 371 45.18 23.37 -32.21
CA HIS B 371 44.52 23.95 -33.38
C HIS B 371 42.98 23.79 -33.27
N ASN B 372 42.37 22.82 -33.95
CA ASN B 372 40.91 22.74 -33.99
C ASN B 372 40.36 21.48 -33.36
N TYR B 373 39.13 21.53 -32.89
CA TYR B 373 38.50 20.35 -32.34
C TYR B 373 38.26 19.33 -33.46
N ALA B 374 38.14 18.08 -33.05
CA ALA B 374 37.93 16.98 -33.96
C ALA B 374 36.45 16.80 -34.23
N ARG B 375 35.62 17.05 -33.23
CA ARG B 375 34.20 16.79 -33.40
C ARG B 375 33.43 17.49 -32.31
N THR B 376 32.28 18.06 -32.65
CA THR B 376 31.49 18.73 -31.61
C THR B 376 30.81 17.76 -30.69
N ASN B 377 30.54 18.25 -29.48
CA ASN B 377 29.79 17.55 -28.45
C ASN B 377 30.44 16.21 -28.09
N THR B 378 31.75 16.30 -27.91
CA THR B 378 32.57 15.20 -27.46
C THR B 378 33.39 15.69 -26.30
N THR B 379 33.84 14.75 -25.45
CA THR B 379 34.55 15.11 -24.23
C THR B 379 35.85 14.34 -24.09
N GLU B 380 35.87 13.34 -23.24
CA GLU B 380 37.10 12.59 -22.94
C GLU B 380 37.56 11.80 -24.17
N ALA B 381 38.84 11.90 -24.47
CA ALA B 381 39.35 11.23 -25.66
C ALA B 381 40.76 10.74 -25.38
N GLN B 382 41.18 9.75 -26.18
CA GLN B 382 42.55 9.27 -26.14
C GLN B 382 43.05 9.21 -27.56
N VAL B 383 44.36 9.39 -27.72
CA VAL B 383 44.97 9.52 -29.04
C VAL B 383 46.07 8.48 -29.22
N ALA B 384 46.18 7.97 -30.45
CA ALA B 384 47.23 7.04 -30.81
C ALA B 384 47.71 7.29 -32.25
N GLU B 385 48.98 7.05 -32.49
CA GLU B 385 49.53 7.18 -33.81
C GLU B 385 49.30 5.88 -34.54
N VAL B 386 48.25 5.83 -35.34
CA VAL B 386 47.79 4.60 -35.96
C VAL B 386 48.64 4.26 -37.22
N GLU B 387 49.13 5.29 -37.87
CA GLU B 387 50.12 5.17 -38.96
C GLU B 387 51.08 6.34 -38.77
N PRO B 388 52.30 6.25 -39.33
CA PRO B 388 53.27 7.34 -39.14
C PRO B 388 52.73 8.73 -39.52
N GLY B 389 52.76 9.65 -38.56
CA GLY B 389 52.25 11.00 -38.79
C GLY B 389 50.74 11.11 -38.80
N VAL B 390 50.06 10.01 -38.51
CA VAL B 390 48.61 10.02 -38.49
C VAL B 390 48.12 9.73 -37.06
N LEU B 391 47.46 10.72 -36.50
CA LEU B 391 46.89 10.61 -35.17
C LEU B 391 45.45 10.22 -35.26
N MSE B 392 45.06 9.24 -34.45
CA MSE B 392 43.70 8.80 -34.30
C MSE B 392 43.18 9.22 -32.92
O MSE B 392 43.75 8.85 -31.89
CB MSE B 392 43.58 7.29 -34.45
CG MSE B 392 42.22 6.74 -34.12
SE MSE B 392 42.25 4.80 -34.36
CE MSE B 392 41.65 4.83 -36.20
N LEU B 393 42.08 9.97 -32.92
CA LEU B 393 41.45 10.40 -31.68
C LEU B 393 40.15 9.64 -31.50
N ASN B 394 40.01 8.98 -30.36
CA ASN B 394 38.87 8.12 -30.05
C ASN B 394 38.16 8.77 -28.88
N MSE B 395 36.88 9.12 -29.07
CA MSE B 395 36.21 10.09 -28.22
C MSE B 395 34.92 9.62 -27.61
O MSE B 395 34.12 8.96 -28.26
CB MSE B 395 35.89 11.38 -29.03
CG MSE B 395 37.06 11.98 -29.80
SE MSE B 395 36.34 13.21 -31.13
CE MSE B 395 36.55 12.04 -32.66
N ARG B 396 34.72 9.99 -26.35
CA ARG B 396 33.44 9.93 -25.68
C ARG B 396 32.45 10.89 -26.35
N ASP B 397 31.33 10.38 -26.82
CA ASP B 397 30.43 11.15 -27.66
C ASP B 397 29.09 11.30 -26.94
N ASN B 398 28.70 12.55 -26.66
CA ASN B 398 27.47 12.79 -25.91
C ASN B 398 26.18 12.36 -26.64
N ARG B 399 26.28 12.05 -27.92
CA ARG B 399 25.14 11.53 -28.66
C ARG B 399 24.78 10.12 -28.20
N GLY B 400 25.70 9.42 -27.58
CA GLY B 400 25.40 8.14 -26.93
C GLY B 400 25.66 6.90 -27.77
N GLY B 401 25.97 5.80 -27.08
CA GLY B 401 26.04 4.47 -27.65
C GLY B 401 27.36 3.99 -28.26
N SER B 402 28.21 4.90 -28.72
CA SER B 402 29.42 4.50 -29.42
C SER B 402 30.46 5.61 -29.53
N ARG B 403 31.73 5.19 -29.51
CA ARG B 403 32.84 6.11 -29.61
C ARG B 403 32.85 6.79 -30.94
N ALA B 404 33.22 8.06 -30.95
CA ALA B 404 33.52 8.75 -32.19
C ALA B 404 35.00 8.61 -32.45
N VAL B 405 35.37 8.54 -33.72
CA VAL B 405 36.76 8.37 -34.12
C VAL B 405 37.07 9.27 -35.32
N ALA B 406 38.19 10.00 -35.24
CA ALA B 406 38.66 10.83 -36.35
C ALA B 406 40.17 10.75 -36.41
N THR B 407 40.73 11.03 -37.58
CA THR B 407 42.18 11.14 -37.70
C THR B 407 42.59 12.48 -38.26
N THR B 408 43.83 12.84 -37.95
CA THR B 408 44.45 14.05 -38.47
C THR B 408 45.88 13.76 -38.85
N LYS B 409 46.30 14.35 -39.98
CA LYS B 409 47.68 14.28 -40.47
C LYS B 409 48.40 15.61 -40.28
N ASP B 410 47.74 16.59 -39.67
CA ASP B 410 48.36 17.89 -39.48
C ASP B 410 48.20 18.40 -38.05
N LEU B 411 48.24 17.47 -37.10
CA LEU B 411 48.22 17.81 -35.66
C LEU B 411 46.97 18.61 -35.27
N GLY B 412 45.87 18.29 -35.94
CA GLY B 412 44.58 18.80 -35.52
C GLY B 412 44.11 20.08 -36.20
N LYS B 413 44.79 20.50 -37.26
CA LYS B 413 44.28 21.59 -38.09
C LYS B 413 43.04 21.12 -38.83
N THR B 414 43.11 19.91 -39.40
CA THR B 414 41.97 19.32 -40.10
C THR B 414 41.77 17.86 -39.70
N TRP B 415 40.52 17.42 -39.72
CA TRP B 415 40.17 16.10 -39.24
C TRP B 415 39.33 15.36 -40.25
N THR B 416 39.47 14.04 -40.27
CA THR B 416 38.67 13.17 -41.11
C THR B 416 38.01 12.10 -40.28
N GLU B 417 36.69 11.99 -40.39
CA GLU B 417 35.94 10.97 -39.71
C GLU B 417 36.42 9.59 -40.14
N HIS B 418 36.69 8.74 -39.18
CA HIS B 418 37.18 7.40 -39.47
C HIS B 418 35.99 6.48 -39.77
N PRO B 419 36.19 5.49 -40.65
CA PRO B 419 35.09 4.60 -40.97
C PRO B 419 34.51 3.86 -39.75
N SER B 420 35.29 3.68 -38.70
CA SER B 420 34.84 2.95 -37.51
C SER B 420 33.98 3.82 -36.58
N SER B 421 33.92 5.11 -36.88
CA SER B 421 33.32 6.07 -35.98
C SER B 421 31.83 5.76 -35.77
N ARG B 422 31.38 5.80 -34.52
CA ARG B 422 29.97 5.66 -34.19
C ARG B 422 29.39 4.33 -34.68
N LYS B 423 30.21 3.29 -34.70
CA LYS B 423 29.76 1.99 -35.17
C LYS B 423 30.50 0.88 -34.45
N ALA B 424 31.83 0.92 -34.53
CA ALA B 424 32.63 -0.25 -34.20
C ALA B 424 32.78 -0.47 -32.70
N LEU B 425 32.77 0.60 -31.89
CA LEU B 425 33.06 0.48 -30.46
C LEU B 425 31.91 1.03 -29.62
N GLN B 426 31.11 0.13 -29.06
CA GLN B 426 29.96 0.58 -28.27
C GLN B 426 30.44 1.15 -26.96
N GLU B 427 29.66 2.04 -26.37
CA GLU B 427 30.04 2.58 -25.06
C GLU B 427 28.82 3.08 -24.34
N PRO B 428 28.91 3.18 -23.02
CA PRO B 428 27.82 3.78 -22.24
C PRO B 428 28.05 5.29 -21.99
N VAL B 429 28.95 5.94 -22.76
CA VAL B 429 29.38 7.36 -22.59
C VAL B 429 30.25 7.44 -21.34
N CYS B 430 31.52 7.14 -21.55
CA CYS B 430 32.46 6.86 -20.47
C CYS B 430 33.86 7.02 -21.03
N MSE B 431 34.85 7.17 -20.16
CA MSE B 431 36.23 7.24 -20.63
C MSE B 431 36.61 5.91 -21.27
O MSE B 431 36.08 4.87 -20.90
CB MSE B 431 37.16 7.60 -19.49
CG MSE B 431 38.62 7.84 -19.94
SE MSE B 431 39.57 6.21 -19.65
CE MSE B 431 41.30 6.88 -20.37
N ALA B 432 37.52 5.94 -22.24
CA ALA B 432 38.02 4.72 -22.85
C ALA B 432 39.48 4.90 -23.14
N SER B 433 40.24 3.81 -23.08
CA SER B 433 41.67 3.89 -23.36
C SER B 433 41.96 3.37 -24.76
N LEU B 434 42.88 4.03 -25.46
CA LEU B 434 43.39 3.53 -26.74
C LEU B 434 44.91 3.66 -26.76
N ILE B 435 45.63 2.59 -27.14
CA ILE B 435 47.07 2.68 -27.39
C ILE B 435 47.44 1.99 -28.68
N SER B 436 48.53 2.45 -29.28
CA SER B 436 49.08 1.84 -30.47
C SER B 436 50.41 1.17 -30.12
N VAL B 437 50.63 -0.05 -30.58
CA VAL B 437 51.88 -0.76 -30.29
C VAL B 437 52.47 -1.21 -31.61
N LYS B 438 53.64 -0.70 -31.94
CA LYS B 438 54.28 -1.05 -33.22
C LYS B 438 54.84 -2.48 -33.19
N ALA B 439 54.92 -3.10 -34.36
CA ALA B 439 55.36 -4.49 -34.50
C ALA B 439 56.67 -4.78 -33.75
N ALA B 440 57.62 -3.86 -33.88
CA ALA B 440 58.94 -4.05 -33.28
C ALA B 440 58.85 -4.03 -31.77
N ASP B 441 57.77 -3.49 -31.22
CA ASP B 441 57.66 -3.34 -29.78
C ASP B 441 56.79 -4.41 -29.11
N ASN B 442 56.36 -5.40 -29.85
CA ASN B 442 55.63 -6.50 -29.22
C ASN B 442 55.98 -7.85 -29.83
N THR B 443 55.66 -8.89 -29.07
CA THR B 443 56.09 -10.25 -29.38
C THR B 443 55.44 -10.85 -30.64
N LEU B 444 54.33 -10.30 -31.10
CA LEU B 444 53.63 -10.81 -32.28
C LEU B 444 54.22 -10.30 -33.59
N ASN B 445 55.10 -9.31 -33.48
CA ASN B 445 55.63 -8.59 -34.61
C ASN B 445 54.54 -8.10 -35.57
N LYS B 446 53.46 -7.57 -35.01
CA LYS B 446 52.39 -6.97 -35.79
C LYS B 446 52.02 -5.62 -35.19
N ASP B 447 51.67 -4.65 -36.03
CA ASP B 447 51.17 -3.37 -35.53
C ASP B 447 49.81 -3.64 -34.92
N ILE B 448 49.58 -3.21 -33.68
CA ILE B 448 48.29 -3.47 -33.09
C ILE B 448 47.79 -2.19 -32.43
N LEU B 449 46.47 -2.10 -32.36
CA LEU B 449 45.81 -1.14 -31.48
C LEU B 449 45.17 -1.93 -30.36
N LEU B 450 45.21 -1.39 -29.13
CA LEU B 450 44.50 -1.95 -28.00
C LEU B 450 43.56 -0.90 -27.40
N PHE B 451 42.38 -1.33 -27.00
CA PHE B 451 41.33 -0.44 -26.55
C PHE B 451 40.67 -1.05 -25.33
N SER B 452 40.31 -0.24 -24.36
CA SER B 452 39.59 -0.77 -23.22
C SER B 452 38.50 0.20 -22.80
N ASN B 453 37.37 -0.41 -22.45
CA ASN B 453 36.25 0.34 -21.91
C ASN B 453 35.20 -0.63 -21.39
N PRO B 454 34.14 -0.09 -20.79
CA PRO B 454 33.01 -0.93 -20.45
C PRO B 454 32.29 -1.28 -21.72
N ASN B 455 32.29 -2.57 -22.07
CA ASN B 455 31.79 -3.03 -23.34
C ASN B 455 30.29 -3.22 -23.29
N THR B 456 29.58 -2.11 -23.29
CA THR B 456 28.14 -2.07 -23.04
C THR B 456 27.62 -0.73 -23.54
N VAL B 457 26.32 -0.59 -23.71
CA VAL B 457 25.72 0.72 -23.99
C VAL B 457 24.99 1.23 -22.78
N LYS B 458 24.90 0.40 -21.73
CA LYS B 458 24.22 0.82 -20.51
C LYS B 458 24.98 0.34 -19.29
N GLY B 459 25.27 1.27 -18.40
CA GLY B 459 25.97 0.98 -17.16
C GLY B 459 27.46 0.87 -17.38
N ARG B 460 28.22 0.74 -16.29
CA ARG B 460 29.66 0.58 -16.41
C ARG B 460 30.05 -0.74 -15.81
N HIS B 461 30.25 -1.70 -16.70
CA HIS B 461 30.55 -3.09 -16.35
C HIS B 461 31.08 -3.78 -17.60
N HIS B 462 31.53 -5.02 -17.44
CA HIS B 462 32.15 -5.77 -18.52
C HIS B 462 33.32 -4.98 -19.14
N ILE B 463 34.21 -4.52 -18.27
CA ILE B 463 35.47 -3.89 -18.71
C ILE B 463 36.20 -4.92 -19.57
N THR B 464 36.56 -4.51 -20.77
CA THR B 464 37.07 -5.42 -21.79
C THR B 464 38.22 -4.79 -22.52
N ILE B 465 39.25 -5.58 -22.78
CA ILE B 465 40.33 -5.14 -23.67
C ILE B 465 40.06 -5.75 -25.05
N LYS B 466 40.12 -4.90 -26.07
CA LYS B 466 39.92 -5.28 -27.46
C LYS B 466 41.17 -4.94 -28.27
N ALA B 467 41.49 -5.75 -29.27
CA ALA B 467 42.66 -5.54 -30.11
C ALA B 467 42.24 -5.45 -31.57
N SER B 468 42.92 -4.60 -32.33
CA SER B 468 42.71 -4.48 -33.76
C SER B 468 44.03 -4.54 -34.53
N LEU B 469 43.98 -5.25 -35.67
CA LEU B 469 45.12 -5.43 -36.58
CA LEU B 469 45.14 -5.41 -36.56
C LEU B 469 45.07 -4.57 -37.83
N ASP B 470 43.94 -3.89 -38.04
CA ASP B 470 43.77 -3.06 -39.23
C ASP B 470 43.48 -1.60 -38.88
N GLY B 471 44.19 -1.10 -37.87
CA GLY B 471 44.11 0.32 -37.56
C GLY B 471 42.76 0.75 -37.05
N GLY B 472 42.05 -0.16 -36.41
CA GLY B 472 40.79 0.15 -35.76
C GLY B 472 39.57 0.03 -36.67
N ILE B 473 39.74 -0.52 -37.87
CA ILE B 473 38.58 -0.76 -38.72
C ILE B 473 37.75 -1.91 -38.17
N THR B 474 38.43 -2.92 -37.64
CA THR B 474 37.78 -4.15 -37.18
CA THR B 474 37.71 -4.08 -37.12
C THR B 474 38.30 -4.50 -35.80
N TRP B 475 37.38 -4.86 -34.91
CA TRP B 475 37.71 -5.34 -33.58
C TRP B 475 37.05 -6.71 -33.46
N LEU B 476 37.77 -7.76 -33.85
CA LEU B 476 37.22 -9.10 -33.89
C LEU B 476 36.90 -9.62 -32.48
N PRO B 477 35.75 -10.30 -32.32
CA PRO B 477 35.37 -10.84 -31.01
C PRO B 477 36.42 -11.77 -30.40
N GLU B 478 37.16 -12.52 -31.21
CA GLU B 478 38.14 -13.47 -30.65
C GLU B 478 39.36 -12.77 -30.07
N HIS B 479 39.52 -11.48 -30.41
CA HIS B 479 40.64 -10.70 -29.97
C HIS B 479 40.29 -9.79 -28.81
N GLN B 480 39.54 -10.33 -27.85
CA GLN B 480 39.06 -9.53 -26.74
C GLN B 480 39.17 -10.33 -25.45
N VAL B 481 39.45 -9.64 -24.34
CA VAL B 481 39.42 -10.27 -23.03
C VAL B 481 38.56 -9.45 -22.10
N MSE B 482 37.53 -10.08 -21.55
CA MSE B 482 36.65 -9.43 -20.59
C MSE B 482 37.22 -9.62 -19.18
O MSE B 482 37.44 -10.75 -18.73
CB MSE B 482 35.24 -10.01 -20.73
CG MSE B 482 34.12 -9.15 -20.15
SE MSE B 482 34.00 -9.46 -18.25
CE MSE B 482 33.30 -11.25 -18.23
N LEU B 483 37.52 -8.53 -18.51
CA LEU B 483 38.23 -8.56 -17.22
C LEU B 483 37.34 -8.46 -15.99
N ASP B 484 36.20 -7.78 -16.10
CA ASP B 484 35.41 -7.48 -14.90
C ASP B 484 33.94 -7.35 -15.29
N GLU B 485 33.11 -8.36 -14.97
CA GLU B 485 31.67 -8.29 -15.29
C GLU B 485 30.90 -7.44 -14.28
N GLY B 486 31.55 -7.08 -13.19
CA GLY B 486 30.90 -6.33 -12.14
C GLY B 486 30.75 -4.84 -12.46
N ASP B 487 29.97 -4.16 -11.63
CA ASP B 487 29.70 -2.73 -11.77
C ASP B 487 30.80 -1.94 -11.12
N GLY B 488 31.22 -0.89 -11.79
CA GLY B 488 32.23 0.00 -11.25
C GLY B 488 32.07 1.35 -11.86
N TRP B 489 33.07 2.22 -11.70
CA TRP B 489 33.01 3.57 -12.28
C TRP B 489 33.55 3.65 -13.72
N GLY B 490 34.18 2.58 -14.19
CA GLY B 490 34.34 2.38 -15.62
C GLY B 490 35.59 2.91 -16.31
N TYR B 491 36.35 3.81 -15.70
CA TYR B 491 37.52 4.37 -16.41
C TYR B 491 38.68 3.37 -16.38
N SER B 492 39.51 3.40 -17.43
CA SER B 492 40.63 2.49 -17.55
C SER B 492 41.77 3.14 -18.35
N CYS B 493 42.96 2.62 -18.21
CA CYS B 493 44.09 3.05 -19.03
C CYS B 493 45.11 1.92 -19.25
N LEU B 494 45.52 1.77 -20.51
CA LEU B 494 46.39 0.70 -20.93
C LEU B 494 47.85 1.14 -21.09
N THR B 495 48.75 0.18 -20.97
CA THR B 495 50.14 0.39 -21.34
C THR B 495 50.73 -0.95 -21.69
N MSE B 496 51.89 -0.96 -22.35
CA MSE B 496 52.63 -2.19 -22.48
C MSE B 496 53.60 -2.32 -21.31
O MSE B 496 54.41 -1.43 -21.04
CB MSE B 496 53.38 -2.26 -23.82
CG MSE B 496 52.47 -2.32 -25.01
SE MSE B 496 51.33 -3.91 -25.06
CE MSE B 496 52.66 -5.30 -25.18
N ILE B 497 53.48 -3.41 -20.58
CA ILE B 497 54.39 -3.65 -19.49
C ILE B 497 55.74 -4.03 -20.08
N ASP B 498 55.70 -4.89 -21.07
CA ASP B 498 56.90 -5.26 -21.81
C ASP B 498 56.43 -5.77 -23.15
N LYS B 499 57.31 -6.37 -23.95
CA LYS B 499 56.92 -6.77 -25.30
C LYS B 499 55.87 -7.87 -25.36
N GLU B 500 55.72 -8.60 -24.27
CA GLU B 500 54.79 -9.74 -24.21
C GLU B 500 53.52 -9.52 -23.38
N THR B 501 53.45 -8.37 -22.70
CA THR B 501 52.47 -8.21 -21.62
C THR B 501 51.80 -6.85 -21.60
N VAL B 502 50.48 -6.87 -21.56
CA VAL B 502 49.66 -5.67 -21.46
C VAL B 502 49.39 -5.37 -20.00
N GLY B 503 49.42 -4.10 -19.62
CA GLY B 503 49.04 -3.66 -18.28
C GLY B 503 47.81 -2.78 -18.42
N ILE B 504 46.93 -2.84 -17.41
CA ILE B 504 45.74 -1.99 -17.39
C ILE B 504 45.52 -1.57 -15.95
N LEU B 505 45.26 -0.28 -15.78
CA LEU B 505 44.90 0.30 -14.49
C LEU B 505 43.48 0.82 -14.64
N TYR B 506 42.59 0.35 -13.78
CA TYR B 506 41.22 0.72 -13.96
C TYR B 506 40.35 0.66 -12.71
N GLU B 507 39.22 1.35 -12.83
CA GLU B 507 38.21 1.41 -11.80
C GLU B 507 37.38 0.15 -11.99
N SER B 508 37.51 -0.76 -11.04
CA SER B 508 36.85 -2.05 -11.18
C SER B 508 35.78 -2.22 -10.11
N SER B 509 35.10 -3.35 -10.20
CA SER B 509 34.11 -3.69 -9.21
C SER B 509 34.74 -4.16 -7.90
N VAL B 510 36.07 -4.32 -7.87
CA VAL B 510 36.71 -4.85 -6.67
C VAL B 510 37.67 -3.88 -5.99
N ALA B 511 38.10 -2.82 -6.66
CA ALA B 511 38.98 -1.82 -6.06
C ALA B 511 39.00 -0.54 -6.90
N HIS B 512 39.12 0.60 -6.22
CA HIS B 512 39.11 1.87 -6.91
C HIS B 512 40.18 1.98 -7.98
N MSE B 513 41.40 1.51 -7.69
CA MSE B 513 42.47 1.40 -8.66
C MSE B 513 42.96 -0.03 -8.69
O MSE B 513 43.65 -0.50 -7.78
CB MSE B 513 43.64 2.33 -8.32
CG MSE B 513 43.38 3.81 -8.51
SE MSE B 513 43.19 4.22 -10.41
CE MSE B 513 41.58 5.27 -10.32
N THR B 514 42.62 -0.72 -9.78
CA THR B 514 42.90 -2.12 -9.99
C THR B 514 43.90 -2.25 -11.12
N PHE B 515 44.96 -2.98 -10.87
CA PHE B 515 45.94 -3.25 -11.90
C PHE B 515 45.91 -4.73 -12.28
N GLN B 516 45.90 -5.01 -13.59
CA GLN B 516 46.08 -6.37 -14.05
C GLN B 516 47.10 -6.39 -15.18
N ALA B 517 47.78 -7.53 -15.27
CA ALA B 517 48.73 -7.83 -16.32
C ALA B 517 48.18 -8.97 -17.12
N ILE B 518 48.18 -8.82 -18.44
CA ILE B 518 47.61 -9.80 -19.35
C ILE B 518 48.60 -10.11 -20.45
N ARG B 519 48.97 -11.37 -20.63
CA ARG B 519 49.83 -11.75 -21.76
C ARG B 519 49.17 -11.33 -23.06
N LEU B 520 49.93 -10.69 -23.94
CA LEU B 520 49.38 -10.23 -25.20
C LEU B 520 48.78 -11.38 -25.99
N ARG B 521 49.41 -12.55 -25.91
CA ARG B 521 48.92 -13.69 -26.66
C ARG B 521 47.62 -14.25 -26.14
N ASP B 522 47.18 -13.87 -24.94
CA ASP B 522 45.84 -14.21 -24.48
C ASP B 522 44.81 -13.34 -25.21
N ILE B 523 45.21 -12.16 -25.64
CA ILE B 523 44.28 -11.26 -26.33
C ILE B 523 44.22 -11.61 -27.83
N ILE B 524 45.37 -11.64 -28.49
CA ILE B 524 45.45 -12.00 -29.90
C ILE B 524 46.18 -13.32 -29.96
N GLN B 525 45.43 -14.42 -30.06
CA GLN B 525 46.00 -15.74 -29.87
C GLN B 525 46.62 -16.31 -31.14
N THR C 3 -43.37 27.96 4.47
CA THR C 3 -43.25 26.70 3.74
C THR C 3 -44.55 25.89 3.87
N SER C 4 -50.58 29.75 3.74
N SER C 4 -45.43 26.37 4.74
CA SER C 4 -50.93 28.74 2.75
CA SER C 4 -46.81 25.92 4.85
C SER C 4 -49.75 27.81 2.52
C SER C 4 -47.52 25.86 3.52
N ASP C 5 -50.05 26.54 2.29
N ASP C 5 -47.90 24.65 3.07
CA ASP C 5 -49.03 25.53 2.02
CA ASP C 5 -48.83 24.49 1.95
C ASP C 5 -48.39 25.76 0.64
C ASP C 5 -48.31 25.03 0.60
N THR C 6 -47.08 25.54 0.58
CA THR C 6 -46.35 25.72 -0.68
C THR C 6 -45.96 24.38 -1.27
N VAL C 7 -46.16 24.24 -2.56
CA VAL C 7 -45.66 23.09 -3.29
C VAL C 7 -44.24 23.33 -3.77
N PHE C 8 -43.31 22.56 -3.23
CA PHE C 8 -41.91 22.61 -3.59
C PHE C 8 -41.63 21.64 -4.71
N VAL C 9 -40.89 22.10 -5.71
CA VAL C 9 -40.62 21.32 -6.91
C VAL C 9 -39.11 21.22 -7.13
N ARG C 10 -38.62 20.00 -7.38
CA ARG C 10 -37.23 19.78 -7.78
C ARG C 10 -37.24 18.96 -9.06
N GLU C 11 -36.70 19.56 -10.12
CA GLU C 11 -36.53 18.92 -11.41
C GLU C 11 -35.25 18.09 -11.42
N THR C 12 -35.29 16.88 -11.95
CA THR C 12 -34.09 16.03 -11.95
C THR C 12 -33.10 16.39 -13.06
N GLN C 13 -31.86 15.99 -12.89
CA GLN C 13 -30.88 16.08 -13.98
C GLN C 13 -30.13 14.76 -14.07
N ILE C 14 -30.87 13.76 -14.58
CA ILE C 14 -30.40 12.40 -14.74
C ILE C 14 -30.85 11.93 -16.09
N PRO C 15 -30.17 10.90 -16.64
CA PRO C 15 -30.55 10.40 -17.95
C PRO C 15 -31.92 9.78 -17.91
N ILE C 16 -32.70 10.10 -18.93
CA ILE C 16 -34.00 9.50 -19.21
C ILE C 16 -33.78 8.28 -20.10
N LEU C 17 -33.94 7.07 -19.58
CA LEU C 17 -33.63 5.88 -20.38
C LEU C 17 -34.76 5.54 -21.30
N ILE C 18 -34.41 5.35 -22.56
CA ILE C 18 -35.43 5.14 -23.59
C ILE C 18 -36.24 3.86 -23.37
N GLU C 19 -35.61 2.80 -22.89
CA GLU C 19 -36.32 1.54 -22.66
C GLU C 19 -37.02 1.47 -21.30
N ARG C 20 -36.81 2.44 -20.43
CA ARG C 20 -37.47 2.40 -19.12
C ARG C 20 -38.97 2.68 -19.24
N GLN C 21 -39.74 2.08 -18.35
CA GLN C 21 -41.18 2.32 -18.27
CA GLN C 21 -41.17 2.32 -18.28
C GLN C 21 -41.47 3.56 -17.46
N ASP C 22 -40.53 3.93 -16.60
CA ASP C 22 -40.62 5.14 -15.81
C ASP C 22 -39.27 5.83 -15.75
N ASN C 23 -39.30 7.16 -15.67
CA ASN C 23 -38.10 7.95 -15.44
C ASN C 23 -38.50 9.13 -14.59
N VAL C 24 -37.72 9.40 -13.54
CA VAL C 24 -38.12 10.46 -12.65
C VAL C 24 -37.76 11.82 -13.24
N LEU C 25 -38.77 12.64 -13.52
CA LEU C 25 -38.57 13.94 -14.20
C LEU C 25 -38.69 15.12 -13.22
N PHE C 26 -39.73 15.10 -12.38
CA PHE C 26 -39.93 16.08 -11.33
C PHE C 26 -40.31 15.43 -10.02
N MSE C 27 -39.78 15.99 -8.94
CA MSE C 27 -40.23 15.65 -7.62
C MSE C 27 -40.99 16.82 -6.99
O MSE C 27 -40.61 18.00 -7.13
CB MSE C 27 -39.02 15.22 -6.78
CG MSE C 27 -38.25 14.03 -7.36
SE MSE C 27 -36.50 13.94 -6.51
CE MSE C 27 -35.74 12.35 -7.35
N LEU C 28 -42.08 16.49 -6.30
CA LEU C 28 -42.90 17.47 -5.63
C LEU C 28 -43.09 17.12 -4.16
N ARG C 29 -42.99 18.14 -3.34
CA ARG C 29 -43.18 17.97 -1.93
C ARG C 29 -44.12 19.04 -1.44
N LEU C 30 -45.15 18.62 -0.70
CA LEU C 30 -46.13 19.52 -0.12
C LEU C 30 -46.34 19.15 1.33
N ASN C 31 -45.99 20.06 2.23
CA ASN C 31 -46.30 19.88 3.64
C ASN C 31 -47.68 20.47 3.92
N ALA C 32 -48.67 19.59 4.03
CA ALA C 32 -50.07 19.99 4.08
C ALA C 32 -50.54 20.35 5.48
N LYS C 33 -50.63 21.63 5.77
CA LYS C 33 -51.21 22.14 7.00
C LYS C 33 -52.67 22.50 6.74
N GLU C 34 -52.92 23.39 5.77
CA GLU C 34 -54.30 23.78 5.41
C GLU C 34 -54.85 22.94 4.26
N SER C 35 -53.95 22.39 3.45
CA SER C 35 -54.34 21.68 2.22
C SER C 35 -54.97 20.33 2.55
N ARG C 36 -56.06 20.00 1.88
CA ARG C 36 -56.79 18.73 2.12
C ARG C 36 -56.64 17.76 0.95
N SER C 37 -56.58 18.28 -0.27
CA SER C 37 -56.54 17.40 -1.44
C SER C 37 -55.77 18.06 -2.56
N LEU C 38 -54.92 17.27 -3.22
CA LEU C 38 -54.28 17.73 -4.44
C LEU C 38 -55.07 17.22 -5.65
N ASP C 39 -55.52 18.18 -6.46
CA ASP C 39 -56.48 17.90 -7.52
C ASP C 39 -55.75 17.55 -8.81
N GLU C 40 -54.80 18.36 -9.25
CA GLU C 40 -54.16 18.12 -10.53
C GLU C 40 -52.84 18.86 -10.59
N VAL C 41 -51.97 18.39 -11.49
CA VAL C 41 -50.68 19.01 -11.79
C VAL C 41 -50.72 19.30 -13.26
N VAL C 42 -50.38 20.53 -13.64
CA VAL C 42 -50.35 20.94 -15.05
C VAL C 42 -48.91 21.14 -15.49
N LEU C 43 -48.55 20.43 -16.55
CA LEU C 43 -47.21 20.38 -17.08
C LEU C 43 -47.18 20.88 -18.53
N ASN C 44 -46.19 21.72 -18.87
CA ASN C 44 -46.02 22.19 -20.25
CA ASN C 44 -46.04 22.19 -20.25
C ASN C 44 -44.65 21.84 -20.77
N PHE C 45 -44.59 21.04 -21.83
CA PHE C 45 -43.32 20.75 -22.47
C PHE C 45 -42.86 21.95 -23.29
N GLY C 46 -41.55 22.09 -23.47
CA GLY C 46 -41.00 23.17 -24.28
C GLY C 46 -41.47 23.09 -25.72
N LYS C 47 -41.49 24.23 -26.40
CA LYS C 47 -42.01 24.29 -27.77
C LYS C 47 -41.18 23.50 -28.77
N ASP C 48 -39.91 23.29 -28.47
CA ASP C 48 -39.07 22.52 -29.39
C ASP C 48 -39.06 21.04 -29.09
N VAL C 49 -39.74 20.61 -28.04
CA VAL C 49 -39.68 19.20 -27.71
C VAL C 49 -40.43 18.41 -28.78
N ASN C 50 -39.86 17.30 -29.21
CA ASN C 50 -40.54 16.43 -30.15
C ASN C 50 -41.52 15.50 -29.42
N MSE C 51 -42.80 15.86 -29.39
CA MSE C 51 -43.77 15.13 -28.59
C MSE C 51 -44.00 13.72 -29.13
O MSE C 51 -44.40 12.83 -28.41
CB MSE C 51 -45.11 15.89 -28.52
CG MSE C 51 -45.02 17.25 -27.88
SE MSE C 51 -44.31 17.26 -26.11
CE MSE C 51 -45.31 15.75 -25.37
N ALA C 52 -43.74 13.52 -30.42
CA ALA C 52 -43.92 12.22 -31.02
C ALA C 52 -42.94 11.18 -30.47
N ASP C 53 -41.86 11.60 -29.83
CA ASP C 53 -40.93 10.63 -29.25
C ASP C 53 -41.32 10.29 -27.79
N ILE C 54 -42.38 10.90 -27.28
CA ILE C 54 -42.80 10.67 -25.89
C ILE C 54 -44.00 9.73 -25.85
N GLN C 55 -43.88 8.66 -25.06
CA GLN C 55 -44.95 7.67 -24.96
C GLN C 55 -45.98 8.03 -23.89
N SER C 56 -45.53 8.42 -22.71
CA SER C 56 -46.42 8.72 -21.59
CA SER C 56 -46.45 8.82 -21.66
CA SER C 56 -46.42 8.68 -21.56
C SER C 56 -45.81 9.69 -20.60
N VAL C 57 -46.68 10.40 -19.89
CA VAL C 57 -46.30 11.23 -18.78
C VAL C 57 -47.23 10.79 -17.69
N LYS C 58 -46.69 10.55 -16.50
CA LYS C 58 -47.46 10.01 -15.38
C LYS C 58 -47.26 10.84 -14.12
N LEU C 59 -48.27 10.83 -13.26
CA LEU C 59 -48.19 11.40 -11.92
C LEU C 59 -48.30 10.27 -10.88
N TYR C 60 -47.30 10.19 -10.03
CA TYR C 60 -47.25 9.24 -8.93
C TYR C 60 -47.40 9.94 -7.59
N TYR C 61 -48.02 9.22 -6.65
CA TYR C 61 -48.03 9.62 -5.23
C TYR C 61 -47.21 8.64 -4.40
N SER C 62 -46.30 9.17 -3.57
CA SER C 62 -45.36 8.34 -2.83
C SER C 62 -45.44 8.54 -1.33
N GLY C 63 -46.55 9.12 -0.89
CA GLY C 63 -46.88 9.14 0.52
C GLY C 63 -46.15 10.22 1.31
N THR C 64 -45.76 9.86 2.53
CA THR C 64 -45.26 10.85 3.47
C THR C 64 -43.80 10.55 3.90
N GLU C 65 -43.37 11.26 4.94
CA GLU C 65 -42.01 11.20 5.45
C GLU C 65 -42.03 10.86 6.93
N ALA C 66 -40.93 10.31 7.44
CA ALA C 66 -40.81 10.13 8.87
C ALA C 66 -40.72 11.50 9.56
N ARG C 67 -41.39 11.65 10.69
CA ARG C 67 -41.48 12.96 11.33
C ARG C 67 -40.09 13.51 11.69
N GLN C 68 -39.15 12.64 12.06
CA GLN C 68 -37.79 13.10 12.40
C GLN C 68 -37.04 13.66 11.21
N ASN C 69 -37.57 13.43 10.02
CA ASN C 69 -36.94 13.93 8.81
C ASN C 69 -37.57 15.21 8.27
N TYR C 70 -38.56 15.73 8.96
CA TYR C 70 -39.18 16.98 8.52
C TYR C 70 -38.12 18.05 8.66
N GLY C 71 -38.11 19.00 7.74
CA GLY C 71 -37.17 20.10 7.83
C GLY C 71 -35.82 19.79 7.21
N LYS C 72 -35.64 18.58 6.68
CA LYS C 72 -34.37 18.22 6.05
C LYS C 72 -34.41 18.45 4.53
N LYS C 73 -35.56 18.90 4.03
CA LYS C 73 -35.70 19.28 2.62
C LYS C 73 -35.51 18.11 1.61
N PHE C 74 -35.82 16.88 2.03
CA PHE C 74 -35.85 15.77 1.10
C PHE C 74 -37.00 15.95 0.13
N PHE C 75 -36.84 15.41 -1.09
CA PHE C 75 -37.90 15.46 -2.09
C PHE C 75 -38.52 14.10 -2.40
N THR C 76 -38.01 13.04 -1.77
CA THR C 76 -38.58 11.69 -1.87
C THR C 76 -38.38 10.96 -0.54
N PRO C 77 -39.19 9.92 -0.28
CA PRO C 77 -38.98 9.13 0.93
C PRO C 77 -38.02 7.98 0.71
N VAL C 78 -37.75 7.69 -0.57
CA VAL C 78 -37.11 6.45 -0.98
C VAL C 78 -36.74 6.55 -2.46
N SER C 79 -35.81 5.74 -2.92
CA SER C 79 -35.55 5.65 -4.36
C SER C 79 -36.70 4.98 -5.07
N TYR C 80 -37.22 5.65 -6.09
CA TYR C 80 -38.43 5.16 -6.76
C TYR C 80 -38.21 4.04 -7.76
N ILE C 81 -37.06 4.06 -8.43
CA ILE C 81 -36.75 3.13 -9.51
C ILE C 81 -35.37 2.57 -9.25
N SER C 82 -35.30 1.26 -9.11
CA SER C 82 -34.06 0.61 -8.80
C SER C 82 -33.12 0.50 -10.01
N SER C 83 -31.82 0.68 -9.79
CA SER C 83 -30.84 0.29 -10.81
C SER C 83 -30.01 -0.93 -10.38
N HIS C 84 -30.43 -1.62 -9.32
CA HIS C 84 -29.64 -2.75 -8.77
C HIS C 84 -30.40 -4.04 -8.63
N THR C 85 -31.72 -3.97 -8.49
CA THR C 85 -32.53 -5.18 -8.27
C THR C 85 -32.72 -5.95 -9.57
N PRO C 86 -32.15 -7.17 -9.66
CA PRO C 86 -32.20 -7.91 -10.95
C PRO C 86 -33.60 -8.09 -11.46
N GLY C 87 -33.81 -7.72 -12.73
CA GLY C 87 -35.10 -7.88 -13.37
C GLY C 87 -36.16 -6.87 -12.96
N LYS C 88 -35.79 -5.92 -12.11
CA LYS C 88 -36.75 -4.95 -11.62
C LYS C 88 -36.17 -3.53 -11.68
N THR C 89 -35.52 -3.20 -12.80
CA THR C 89 -34.90 -1.88 -12.92
C THR C 89 -35.56 -1.02 -13.99
N LEU C 90 -36.62 -1.52 -14.63
CA LEU C 90 -37.25 -0.77 -15.71
C LEU C 90 -38.44 0.08 -15.32
N ALA C 91 -39.11 -0.29 -14.22
CA ALA C 91 -40.32 0.42 -13.81
C ALA C 91 -40.25 0.81 -12.34
N ALA C 92 -40.97 1.86 -12.01
CA ALA C 92 -41.14 2.29 -10.63
C ALA C 92 -41.60 1.12 -9.77
N ASN C 93 -40.99 0.95 -8.62
CA ASN C 93 -41.42 -0.04 -7.65
C ASN C 93 -42.84 0.33 -7.18
N PRO C 94 -43.81 -0.53 -7.44
CA PRO C 94 -45.18 -0.07 -7.18
C PRO C 94 -45.53 -0.04 -5.70
N SER C 95 -44.70 -0.65 -4.86
CA SER C 95 -44.96 -0.53 -3.42
C SER C 95 -44.55 0.85 -2.89
N TYR C 96 -43.73 1.60 -3.62
CA TYR C 96 -43.27 2.90 -3.17
C TYR C 96 -44.05 4.04 -3.83
N SER C 97 -44.72 3.78 -4.95
CA SER C 97 -45.37 4.85 -5.73
C SER C 97 -46.68 4.38 -6.29
N ILE C 98 -47.72 5.18 -6.10
CA ILE C 98 -49.05 4.86 -6.62
C ILE C 98 -49.31 5.74 -7.84
N ASN C 99 -49.60 5.09 -8.95
CA ASN C 99 -49.88 5.78 -10.20
C ASN C 99 -51.25 6.43 -10.12
N LYS C 100 -51.29 7.76 -10.10
CA LYS C 100 -52.56 8.49 -9.98
C LYS C 100 -53.22 8.77 -11.32
N SER C 101 -52.42 9.02 -12.33
CA SER C 101 -52.92 9.32 -13.66
CA SER C 101 -52.92 9.32 -13.66
C SER C 101 -51.78 9.33 -14.65
N GLN C 102 -52.11 9.11 -15.91
CA GLN C 102 -51.15 9.19 -16.97
C GLN C 102 -51.82 9.51 -18.29
N VAL C 103 -51.08 10.20 -19.14
CA VAL C 103 -51.51 10.53 -20.48
C VAL C 103 -50.58 9.87 -21.46
N ASN C 104 -51.14 9.05 -22.34
CA ASN C 104 -50.35 8.43 -23.41
C ASN C 104 -50.41 9.27 -24.66
N ASN C 105 -49.29 9.38 -25.36
CA ASN C 105 -49.18 10.27 -26.52
C ASN C 105 -49.66 11.67 -26.21
N PRO C 106 -49.06 12.30 -25.22
CA PRO C 106 -49.51 13.61 -24.79
C PRO C 106 -49.25 14.67 -25.82
N GLY C 107 -50.05 15.73 -25.80
CA GLY C 107 -49.70 16.97 -26.46
C GLY C 107 -48.73 17.75 -25.56
N ARG C 108 -48.36 18.94 -26.02
CA ARG C 108 -47.41 19.82 -25.33
CA ARG C 108 -47.38 19.77 -25.32
C ARG C 108 -47.88 20.17 -23.92
N LYS C 109 -49.17 20.40 -23.79
CA LYS C 109 -49.74 20.73 -22.50
C LYS C 109 -50.42 19.50 -21.93
N VAL C 110 -50.06 19.15 -20.70
CA VAL C 110 -50.54 17.96 -20.02
C VAL C 110 -51.14 18.30 -18.67
N ILE C 111 -52.36 17.85 -18.46
CA ILE C 111 -53.01 17.98 -17.16
C ILE C 111 -53.08 16.62 -16.51
N LEU C 112 -52.39 16.43 -15.39
CA LEU C 112 -52.41 15.14 -14.72
C LEU C 112 -53.32 15.22 -13.52
N ASN C 113 -54.37 14.43 -13.56
CA ASN C 113 -55.35 14.41 -12.49
C ASN C 113 -54.85 13.59 -11.30
N ALA C 114 -54.96 14.15 -10.12
CA ALA C 114 -54.59 13.42 -8.90
C ALA C 114 -55.78 13.01 -8.03
N ASN C 115 -56.62 13.99 -7.70
CA ASN C 115 -57.63 13.80 -6.68
CA ASN C 115 -57.63 13.85 -6.65
C ASN C 115 -57.08 12.98 -5.51
N GLN C 116 -55.96 13.43 -4.95
CA GLN C 116 -55.29 12.73 -3.86
C GLN C 116 -55.49 13.45 -2.54
N LYS C 117 -56.24 12.80 -1.65
CA LYS C 117 -56.37 13.26 -0.29
C LYS C 117 -54.98 13.29 0.36
N LEU C 118 -54.67 14.39 1.03
CA LEU C 118 -53.33 14.60 1.54
C LEU C 118 -53.15 14.13 2.97
N PHE C 119 -51.97 13.58 3.20
CA PHE C 119 -51.54 13.26 4.55
C PHE C 119 -51.36 14.59 5.32
N PRO C 120 -51.83 14.65 6.59
CA PRO C 120 -51.64 15.90 7.35
C PRO C 120 -50.17 16.04 7.77
N GLY C 121 -49.36 16.53 6.84
CA GLY C 121 -47.92 16.54 6.95
C GLY C 121 -47.27 16.50 5.58
N ILE C 122 -46.07 15.93 5.46
CA ILE C 122 -45.39 15.91 4.17
C ILE C 122 -46.09 14.94 3.22
N ASN C 123 -46.19 15.36 1.96
CA ASN C 123 -46.71 14.54 0.88
C ASN C 123 -45.73 14.65 -0.25
N TYR C 124 -45.37 13.49 -0.82
CA TYR C 124 -44.47 13.42 -1.96
C TYR C 124 -45.20 12.97 -3.21
N PHE C 125 -44.96 13.67 -4.32
CA PHE C 125 -45.46 13.26 -5.62
C PHE C 125 -44.31 13.30 -6.59
N TRP C 126 -44.47 12.60 -7.72
CA TRP C 126 -43.51 12.79 -8.78
C TRP C 126 -44.09 12.54 -10.14
N ILE C 127 -43.40 13.11 -11.13
CA ILE C 127 -43.77 12.98 -12.52
C ILE C 127 -42.80 12.07 -13.22
N SER C 128 -43.37 11.10 -13.92
CA SER C 128 -42.63 10.12 -14.68
C SER C 128 -42.75 10.42 -16.15
N LEU C 129 -41.63 10.34 -16.83
CA LEU C 129 -41.59 10.48 -18.29
C LEU C 129 -41.18 9.17 -18.92
N GLN C 130 -41.98 8.69 -19.86
CA GLN C 130 -41.66 7.47 -20.57
C GLN C 130 -41.56 7.78 -22.06
N MSE C 131 -40.41 7.46 -22.64
CA MSE C 131 -40.17 7.72 -24.06
C MSE C 131 -40.69 6.59 -24.89
O MSE C 131 -40.92 5.49 -24.39
CB MSE C 131 -38.66 7.89 -24.35
CG MSE C 131 -37.95 8.83 -23.40
SE MSE C 131 -38.65 10.61 -23.58
CE MSE C 131 -38.06 11.06 -25.40
N LYS C 132 -40.87 6.83 -26.19
CA LYS C 132 -41.10 5.74 -27.14
C LYS C 132 -39.81 4.96 -27.41
N PRO C 133 -39.94 3.64 -27.61
CA PRO C 133 -38.77 2.77 -27.81
C PRO C 133 -37.84 3.26 -28.90
N GLY C 134 -38.37 3.91 -29.94
CA GLY C 134 -37.53 4.36 -31.04
C GLY C 134 -37.04 5.81 -30.98
N ALA C 135 -37.15 6.46 -29.81
CA ALA C 135 -36.73 7.85 -29.72
C ALA C 135 -35.27 8.04 -30.11
N SER C 136 -34.98 9.21 -30.66
CA SER C 136 -33.62 9.60 -31.04
C SER C 136 -32.78 9.91 -29.80
N LEU C 137 -31.51 9.53 -29.84
CA LEU C 137 -30.62 9.68 -28.70
CA LEU C 137 -30.63 9.68 -28.69
C LEU C 137 -30.26 11.13 -28.43
N LEU C 138 -30.46 11.96 -29.45
CA LEU C 138 -30.13 13.36 -29.33
C LEU C 138 -31.36 14.17 -28.91
N ASP C 139 -32.48 13.50 -28.63
CA ASP C 139 -33.65 14.19 -28.09
C ASP C 139 -33.31 14.94 -26.81
N LYS C 140 -33.68 16.21 -26.73
CA LYS C 140 -33.70 16.90 -25.45
C LYS C 140 -35.14 17.27 -25.08
N VAL C 141 -35.44 17.11 -23.80
CA VAL C 141 -36.76 17.38 -23.31
C VAL C 141 -36.68 18.45 -22.26
N SER C 142 -37.53 19.45 -22.40
CA SER C 142 -37.67 20.47 -21.38
C SER C 142 -39.14 20.55 -21.01
N ALA C 143 -39.41 20.97 -19.78
CA ALA C 143 -40.77 21.08 -19.32
C ALA C 143 -40.80 21.94 -18.09
N LYS C 144 -41.99 22.48 -17.83
CA LYS C 144 -42.27 23.27 -16.65
C LYS C 144 -43.56 22.80 -16.02
N ILE C 145 -43.58 22.74 -14.72
CA ILE C 145 -44.81 22.60 -14.00
C ILE C 145 -45.40 24.00 -13.86
N VAL C 146 -46.54 24.25 -14.49
CA VAL C 146 -47.07 25.60 -14.54
CA VAL C 146 -47.17 25.55 -14.62
C VAL C 146 -48.14 25.86 -13.45
N THR C 147 -48.81 24.81 -12.99
CA THR C 147 -49.85 24.94 -11.98
CA THR C 147 -49.75 24.97 -11.88
C THR C 147 -49.97 23.66 -11.18
N VAL C 148 -50.28 23.79 -9.90
CA VAL C 148 -50.65 22.67 -9.08
C VAL C 148 -51.92 23.09 -8.35
N LYS C 149 -53.01 22.40 -8.60
CA LYS C 149 -54.27 22.77 -8.01
C LYS C 149 -54.50 21.94 -6.75
N VAL C 150 -54.73 22.66 -5.68
CA VAL C 150 -54.97 22.09 -4.36
C VAL C 150 -56.28 22.67 -3.84
N ASP C 151 -57.21 21.82 -3.43
CA ASP C 151 -58.51 22.29 -2.92
C ASP C 151 -59.15 23.30 -3.86
N ASN C 152 -59.11 22.97 -5.14
CA ASN C 152 -59.72 23.75 -6.20
C ASN C 152 -59.15 25.17 -6.34
N LYS C 153 -57.95 25.39 -5.83
CA LYS C 153 -57.27 26.67 -6.01
C LYS C 153 -55.86 26.44 -6.49
N GLU C 154 -55.27 27.40 -7.18
CA GLU C 154 -53.86 27.29 -7.55
C GLU C 154 -52.95 27.45 -6.35
N ALA C 155 -52.13 26.45 -6.09
CA ALA C 155 -51.26 26.52 -4.93
C ALA C 155 -50.06 27.40 -5.24
N LEU C 156 -49.51 28.00 -4.19
CA LEU C 156 -48.19 28.61 -4.26
C LEU C 156 -47.16 27.54 -4.57
N MSE C 157 -46.24 27.86 -5.47
CA MSE C 157 -45.17 26.94 -5.85
C MSE C 157 -43.81 27.57 -5.67
O MSE C 157 -43.65 28.78 -5.81
CB MSE C 157 -45.29 26.51 -7.30
CG MSE C 157 -46.53 25.73 -7.68
SE MSE C 157 -46.47 25.57 -9.64
CE MSE C 157 -44.81 24.58 -9.80
N HIS C 158 -42.84 26.74 -5.34
CA HIS C 158 -41.44 27.16 -5.28
C HIS C 158 -40.55 26.08 -5.86
N THR C 159 -39.80 26.44 -6.88
CA THR C 159 -38.91 25.54 -7.58
C THR C 159 -37.48 25.75 -7.17
N VAL C 160 -36.87 24.71 -6.61
CA VAL C 160 -35.51 24.81 -6.06
C VAL C 160 -34.45 24.51 -7.10
N SER C 161 -34.83 23.88 -8.21
CA SER C 161 -33.89 23.53 -9.28
C SER C 161 -33.79 24.67 -10.30
N PRO C 162 -32.70 24.68 -11.10
CA PRO C 162 -32.45 25.79 -12.03
C PRO C 162 -33.37 25.78 -13.25
N GLU C 163 -33.50 26.93 -13.91
CA GLU C 163 -34.29 27.04 -15.12
C GLU C 163 -33.58 26.45 -16.32
N ASN C 164 -34.35 26.14 -17.37
CA ASN C 164 -33.83 25.68 -18.66
C ASN C 164 -33.01 24.40 -18.60
N ILE C 165 -33.40 23.47 -17.73
CA ILE C 165 -32.80 22.15 -17.74
C ILE C 165 -33.20 21.47 -19.04
N ALA C 166 -32.21 20.95 -19.76
CA ALA C 166 -32.44 20.09 -20.91
C ALA C 166 -32.23 18.66 -20.48
N HIS C 167 -33.30 17.88 -20.46
CA HIS C 167 -33.18 16.48 -20.12
C HIS C 167 -32.71 15.73 -21.35
N ARG C 168 -31.71 14.89 -21.16
CA ARG C 168 -31.17 14.08 -22.23
C ARG C 168 -31.63 12.66 -22.06
N VAL C 169 -31.79 11.97 -23.16
CA VAL C 169 -32.14 10.56 -23.07
C VAL C 169 -30.86 9.69 -23.06
N GLY C 170 -31.04 8.39 -22.84
CA GLY C 170 -29.94 7.45 -22.82
C GLY C 170 -30.44 6.05 -23.07
N VAL C 171 -29.51 5.13 -23.25
CA VAL C 171 -29.83 3.73 -23.41
C VAL C 171 -29.19 2.98 -22.27
N GLY C 172 -29.97 2.21 -21.56
CA GLY C 172 -29.40 1.32 -20.56
C GLY C 172 -28.92 0.07 -21.25
N VAL C 173 -27.67 0.08 -21.70
CA VAL C 173 -27.08 -1.05 -22.45
C VAL C 173 -27.03 -2.32 -21.60
N ARG C 174 -26.73 -2.18 -20.32
CA ARG C 174 -26.87 -3.30 -19.38
C ARG C 174 -27.56 -2.81 -18.14
N HIS C 175 -28.56 -3.60 -17.71
CA HIS C 175 -29.22 -3.42 -16.45
C HIS C 175 -28.90 -4.59 -15.53
N ALA C 176 -28.86 -4.31 -14.24
CA ALA C 176 -28.67 -5.32 -13.24
C ALA C 176 -29.58 -6.50 -13.52
N GLY C 177 -29.03 -7.70 -13.53
CA GLY C 177 -29.82 -8.90 -13.74
C GLY C 177 -29.82 -9.39 -15.19
N ASP C 178 -29.45 -8.54 -16.15
CA ASP C 178 -29.46 -8.95 -17.57
C ASP C 178 -28.60 -10.19 -17.78
N ASP C 179 -29.09 -11.09 -18.62
CA ASP C 179 -28.40 -12.30 -19.03
C ASP C 179 -27.87 -13.09 -17.82
N GLY C 180 -28.60 -13.05 -16.72
CA GLY C 180 -28.24 -13.84 -15.55
C GLY C 180 -27.11 -13.26 -14.70
N SER C 181 -26.69 -12.03 -14.96
CA SER C 181 -25.59 -11.44 -14.23
C SER C 181 -26.09 -10.41 -13.21
N ALA C 182 -25.64 -10.50 -11.97
CA ALA C 182 -26.08 -9.54 -10.93
C ALA C 182 -25.70 -8.09 -11.31
N ALA C 183 -24.54 -7.93 -11.91
CA ALA C 183 -24.01 -6.62 -12.11
C ALA C 183 -23.08 -6.52 -13.33
N PHE C 184 -22.94 -5.29 -13.81
CA PHE C 184 -22.01 -4.94 -14.87
C PHE C 184 -21.25 -3.69 -14.43
N ARG C 185 -19.94 -3.70 -14.63
CA ARG C 185 -19.09 -2.61 -14.18
C ARG C 185 -17.92 -2.47 -15.14
N ILE C 186 -17.32 -1.28 -15.07
CA ILE C 186 -16.04 -0.95 -15.71
C ILE C 186 -16.14 -0.85 -17.25
N PRO C 187 -16.66 0.28 -17.73
CA PRO C 187 -16.87 0.45 -19.17
C PRO C 187 -15.62 0.80 -19.93
N GLY C 188 -15.55 0.26 -21.13
CA GLY C 188 -14.66 0.77 -22.15
C GLY C 188 -15.49 0.90 -23.42
N LEU C 189 -15.10 1.85 -24.26
CA LEU C 189 -15.84 2.20 -25.47
C LEU C 189 -14.89 2.63 -26.58
N ALA C 190 -15.13 2.11 -27.78
CA ALA C 190 -14.36 2.56 -28.92
C ALA C 190 -15.23 2.50 -30.16
N THR C 191 -14.79 3.21 -31.20
CA THR C 191 -15.49 3.24 -32.48
C THR C 191 -14.60 2.65 -33.52
N THR C 192 -15.09 1.66 -34.24
CA THR C 192 -14.25 1.07 -35.27
C THR C 192 -14.20 1.97 -36.51
N ASN C 193 -13.33 1.64 -37.44
CA ASN C 193 -13.19 2.42 -38.66
C ASN C 193 -14.48 2.44 -39.48
N LYS C 194 -15.35 1.49 -39.21
CA LYS C 194 -16.63 1.39 -39.93
C LYS C 194 -17.77 2.14 -39.23
N GLY C 195 -17.47 2.78 -38.11
CA GLY C 195 -18.48 3.53 -37.34
C GLY C 195 -19.20 2.71 -36.28
N THR C 196 -18.78 1.47 -36.15
CA THR C 196 -19.36 0.54 -35.20
C THR C 196 -18.92 0.89 -33.77
N LEU C 197 -19.87 0.91 -32.85
CA LEU C 197 -19.53 1.15 -31.45
C LEU C 197 -19.32 -0.18 -30.76
N LEU C 198 -18.21 -0.30 -30.03
CA LEU C 198 -17.92 -1.50 -29.24
C LEU C 198 -17.76 -1.10 -27.79
N GLY C 199 -18.68 -1.55 -26.95
CA GLY C 199 -18.65 -1.24 -25.53
C GLY C 199 -18.33 -2.50 -24.74
N VAL C 200 -17.31 -2.43 -23.89
CA VAL C 200 -16.91 -3.54 -23.05
C VAL C 200 -17.11 -3.23 -21.59
N TYR C 201 -17.18 -4.29 -20.79
CA TYR C 201 -17.44 -4.18 -19.35
C TYR C 201 -17.23 -5.53 -18.66
N ASP C 202 -17.07 -5.49 -17.33
CA ASP C 202 -17.12 -6.66 -16.47
C ASP C 202 -18.55 -7.20 -16.46
N VAL C 203 -18.66 -8.51 -16.57
CA VAL C 203 -19.90 -9.19 -16.28
C VAL C 203 -19.73 -9.86 -14.93
N ARG C 204 -20.30 -9.26 -13.88
CA ARG C 204 -20.08 -9.71 -12.53
C ARG C 204 -21.27 -10.54 -12.05
N TYR C 205 -21.16 -11.84 -12.24
CA TYR C 205 -22.33 -12.71 -12.16
C TYR C 205 -22.92 -12.82 -10.78
N ASN C 206 -22.08 -12.92 -9.75
CA ASN C 206 -22.59 -13.20 -8.41
C ASN C 206 -22.95 -11.98 -7.60
N SER C 207 -22.28 -10.87 -7.84
CA SER C 207 -22.43 -9.66 -7.04
C SER C 207 -21.67 -8.55 -7.73
N SER C 208 -21.70 -7.36 -7.15
CA SER C 208 -20.97 -6.24 -7.74
C SER C 208 -19.51 -6.17 -7.28
N VAL C 209 -19.05 -7.15 -6.50
CA VAL C 209 -17.72 -7.16 -5.92
CA VAL C 209 -17.72 -7.09 -5.92
C VAL C 209 -16.61 -7.29 -6.98
N ASP C 210 -15.48 -6.64 -6.75
CA ASP C 210 -14.35 -6.70 -7.70
C ASP C 210 -13.73 -8.11 -7.73
N LEU C 211 -12.87 -8.39 -8.73
CA LEU C 211 -12.05 -9.59 -8.70
C LEU C 211 -11.37 -9.76 -7.33
N GLN C 212 -11.19 -10.98 -6.83
CA GLN C 212 -11.53 -12.24 -7.51
C GLN C 212 -13.01 -12.57 -7.34
N GLU C 213 -13.63 -13.07 -8.41
CA GLU C 213 -15.00 -13.55 -8.40
C GLU C 213 -15.30 -14.13 -9.77
N HIS C 214 -16.53 -14.60 -9.94
CA HIS C 214 -17.02 -15.09 -11.21
C HIS C 214 -17.32 -13.91 -12.11
N VAL C 215 -16.36 -13.58 -12.97
CA VAL C 215 -16.40 -12.41 -13.81
C VAL C 215 -15.91 -12.77 -15.21
N ASP C 216 -16.67 -12.34 -16.22
CA ASP C 216 -16.22 -12.39 -17.62
C ASP C 216 -16.14 -10.96 -18.18
N VAL C 217 -15.46 -10.83 -19.32
CA VAL C 217 -15.52 -9.58 -20.06
C VAL C 217 -16.61 -9.71 -21.14
N GLY C 218 -17.58 -8.81 -21.06
CA GLY C 218 -18.65 -8.75 -22.04
C GLY C 218 -18.46 -7.60 -22.97
N LEU C 219 -19.17 -7.71 -24.10
CA LEU C 219 -19.13 -6.73 -25.16
C LEU C 219 -20.49 -6.53 -25.81
N SER C 220 -20.89 -5.27 -25.89
CA SER C 220 -22.09 -4.84 -26.60
C SER C 220 -21.69 -4.06 -27.85
N ARG C 221 -22.23 -4.47 -28.98
CA ARG C 221 -21.90 -3.93 -30.29
C ARG C 221 -23.11 -3.20 -30.90
N SER C 222 -22.90 -1.98 -31.40
CA SER C 222 -23.96 -1.22 -32.05
C SER C 222 -23.52 -0.78 -33.43
N VAL C 223 -24.36 -1.07 -34.43
CA VAL C 223 -24.08 -0.65 -35.78
C VAL C 223 -24.94 0.55 -36.17
N ASP C 224 -25.68 1.12 -35.22
CA ASP C 224 -26.51 2.29 -35.54
C ASP C 224 -26.29 3.48 -34.59
N GLY C 225 -25.04 3.73 -34.22
CA GLY C 225 -24.70 4.89 -33.44
C GLY C 225 -25.13 4.83 -31.99
N GLY C 226 -25.41 3.63 -31.50
CA GLY C 226 -25.72 3.46 -30.10
C GLY C 226 -27.22 3.41 -29.85
N LYS C 227 -28.00 3.50 -30.92
CA LYS C 227 -29.46 3.44 -30.75
C LYS C 227 -29.90 2.03 -30.34
N THR C 228 -29.29 1.01 -30.94
CA THR C 228 -29.56 -0.38 -30.57
C THR C 228 -28.28 -1.19 -30.44
N TRP C 229 -28.33 -2.19 -29.60
CA TRP C 229 -27.16 -2.97 -29.25
C TRP C 229 -27.47 -4.43 -29.43
N GLU C 230 -26.54 -5.12 -30.08
CA GLU C 230 -26.63 -6.54 -30.35
C GLU C 230 -26.47 -7.38 -29.08
N LYS C 231 -26.92 -8.62 -29.18
CA LYS C 231 -26.75 -9.61 -28.15
C LYS C 231 -25.31 -9.58 -27.62
N MSE C 232 -25.20 -9.61 -26.30
CA MSE C 232 -23.93 -9.52 -25.60
C MSE C 232 -23.01 -10.65 -26.01
O MSE C 232 -23.42 -11.81 -26.08
CB MSE C 232 -24.13 -9.55 -24.07
CG MSE C 232 -22.82 -9.57 -23.31
SE MSE C 232 -23.08 -9.57 -21.38
CE MSE C 232 -23.57 -11.41 -21.15
N ARG C 233 -21.76 -10.30 -26.25
CA ARG C 233 -20.71 -11.26 -26.56
C ARG C 233 -19.79 -11.33 -25.37
N LEU C 234 -19.00 -12.40 -25.29
CA LEU C 234 -18.06 -12.61 -24.20
C LEU C 234 -16.66 -12.86 -24.74
N PRO C 235 -15.95 -11.79 -25.10
CA PRO C 235 -14.60 -11.91 -25.67
C PRO C 235 -13.60 -12.62 -24.75
N LEU C 236 -13.74 -12.49 -23.42
CA LEU C 236 -12.84 -13.17 -22.47
C LEU C 236 -13.66 -13.78 -21.34
N ALA C 237 -13.44 -15.08 -21.13
CA ALA C 237 -14.11 -15.89 -20.12
C ALA C 237 -13.28 -17.15 -19.88
N PHE C 238 -13.02 -17.46 -18.62
CA PHE C 238 -12.09 -18.53 -18.30
C PHE C 238 -12.72 -19.74 -17.61
N GLY C 239 -13.99 -19.65 -17.24
CA GLY C 239 -14.69 -20.83 -16.71
C GLY C 239 -13.88 -21.59 -15.68
N GLU C 240 -13.77 -22.91 -15.87
CA GLU C 240 -13.05 -23.74 -14.90
C GLU C 240 -11.63 -24.06 -15.34
N THR C 241 -10.96 -23.05 -15.90
CA THR C 241 -9.56 -23.21 -16.31
C THR C 241 -8.70 -23.71 -15.15
N GLY C 242 -7.84 -24.68 -15.46
CA GLY C 242 -6.88 -25.17 -14.49
C GLY C 242 -7.53 -26.03 -13.42
N GLY C 243 -8.81 -26.32 -13.60
CA GLY C 243 -9.56 -27.14 -12.67
C GLY C 243 -10.06 -26.36 -11.46
N LEU C 244 -9.88 -25.05 -11.43
CA LEU C 244 -10.47 -24.27 -10.33
C LEU C 244 -11.88 -23.82 -10.67
N PRO C 245 -12.71 -23.58 -9.64
CA PRO C 245 -14.04 -23.03 -9.89
C PRO C 245 -14.02 -21.72 -10.69
N ALA C 246 -15.12 -21.45 -11.37
CA ALA C 246 -15.26 -20.27 -12.23
C ALA C 246 -15.09 -18.99 -11.41
N ALA C 247 -15.48 -19.01 -10.15
CA ALA C 247 -15.32 -17.84 -9.31
C ALA C 247 -13.86 -17.62 -8.86
N GLN C 248 -12.98 -18.57 -9.18
CA GLN C 248 -11.55 -18.39 -8.97
C GLN C 248 -10.82 -18.31 -10.32
N ASN C 249 -11.52 -17.74 -11.31
CA ASN C 249 -11.00 -17.57 -12.66
C ASN C 249 -11.56 -16.31 -13.33
N GLY C 250 -11.82 -15.29 -12.53
CA GLY C 250 -12.39 -14.09 -13.07
C GLY C 250 -11.44 -13.40 -14.03
N VAL C 251 -12.02 -12.73 -15.02
CA VAL C 251 -11.25 -11.85 -15.89
C VAL C 251 -12.02 -10.53 -16.04
N GLY C 252 -11.33 -9.41 -15.85
CA GLY C 252 -12.02 -8.12 -15.85
C GLY C 252 -11.19 -6.86 -15.91
N ASP C 253 -11.84 -5.71 -15.64
CA ASP C 253 -11.28 -4.36 -15.81
C ASP C 253 -10.83 -4.13 -17.25
N PRO C 254 -11.71 -4.41 -18.21
CA PRO C 254 -11.27 -4.41 -19.61
C PRO C 254 -10.87 -3.03 -20.14
N SER C 255 -9.97 -3.07 -21.11
CA SER C 255 -9.67 -1.90 -21.90
C SER C 255 -9.71 -2.29 -23.37
N ILE C 256 -10.31 -1.43 -24.19
CA ILE C 256 -10.48 -1.70 -25.61
C ILE C 256 -9.73 -0.67 -26.42
N LEU C 257 -9.14 -1.10 -27.55
CA LEU C 257 -8.63 -0.15 -28.53
C LEU C 257 -8.87 -0.69 -29.94
N VAL C 258 -9.04 0.23 -30.88
CA VAL C 258 -9.14 -0.10 -32.30
C VAL C 258 -7.83 0.30 -32.95
N ASP C 259 -7.21 -0.66 -33.63
CA ASP C 259 -6.06 -0.39 -34.47
C ASP C 259 -6.56 0.27 -35.75
N THR C 260 -6.40 1.58 -35.83
CA THR C 260 -7.02 2.34 -36.90
C THR C 260 -6.36 2.05 -38.24
N LYS C 261 -5.18 1.45 -38.23
CA LYS C 261 -4.49 1.12 -39.48
C LYS C 261 -5.10 -0.09 -40.17
N THR C 262 -5.70 -1.00 -39.39
CA THR C 262 -6.22 -2.27 -39.91
C THR C 262 -7.67 -2.57 -39.54
N ASN C 263 -8.21 -1.77 -38.62
CA ASN C 263 -9.52 -2.01 -38.00
C ASN C 263 -9.60 -3.28 -37.12
N THR C 264 -8.45 -3.83 -36.77
CA THR C 264 -8.43 -4.89 -35.78
C THR C 264 -8.71 -4.28 -34.42
N THR C 265 -9.56 -4.95 -33.66
CA THR C 265 -9.90 -4.48 -32.31
C THR C 265 -9.24 -5.39 -31.29
N TRP C 266 -8.71 -4.77 -30.24
CA TRP C 266 -8.05 -5.48 -29.14
C TRP C 266 -8.74 -5.19 -27.82
N VAL C 267 -8.98 -6.23 -27.02
CA VAL C 267 -9.45 -6.03 -25.65
C VAL C 267 -8.43 -6.66 -24.71
N VAL C 268 -7.94 -5.89 -23.74
CA VAL C 268 -6.99 -6.42 -22.76
C VAL C 268 -7.69 -6.45 -21.40
N ALA C 269 -7.43 -7.50 -20.61
CA ALA C 269 -8.04 -7.59 -19.29
C ALA C 269 -7.14 -8.36 -18.36
N ALA C 270 -7.48 -8.36 -17.07
CA ALA C 270 -6.70 -9.06 -16.06
C ALA C 270 -7.44 -10.34 -15.71
N TRP C 271 -6.78 -11.48 -15.93
CA TRP C 271 -7.30 -12.79 -15.56
C TRP C 271 -6.67 -13.18 -14.24
N THR C 272 -7.52 -13.31 -13.23
CA THR C 272 -7.08 -13.71 -11.92
C THR C 272 -7.50 -15.17 -11.66
N HIS C 273 -6.52 -15.96 -11.27
CA HIS C 273 -6.70 -17.39 -11.06
C HIS C 273 -6.40 -17.71 -9.60
N GLY C 274 -7.27 -18.47 -8.96
CA GLY C 274 -7.06 -18.74 -7.54
C GLY C 274 -7.58 -17.64 -6.62
N MSE C 275 -6.82 -17.37 -5.55
CA MSE C 275 -7.04 -16.24 -4.66
C MSE C 275 -8.32 -16.33 -3.80
O MSE C 275 -8.74 -15.33 -3.24
CB MSE C 275 -7.08 -14.94 -5.47
CG MSE C 275 -5.85 -14.73 -6.34
SE MSE C 275 -5.97 -13.04 -7.31
CE MSE C 275 -4.53 -13.36 -8.48
N GLY C 276 -8.88 -17.54 -3.67
CA GLY C 276 -10.09 -17.72 -2.86
C GLY C 276 -11.20 -16.79 -3.34
N ASN C 277 -11.86 -16.13 -2.41
CA ASN C 277 -12.88 -15.14 -2.73
C ASN C 277 -12.46 -13.73 -2.27
N GLN C 278 -11.16 -13.45 -2.29
CA GLN C 278 -10.64 -12.18 -1.80
C GLN C 278 -10.34 -11.24 -2.95
N ARG C 279 -10.10 -9.96 -2.66
CA ARG C 279 -9.87 -9.00 -3.76
C ARG C 279 -8.47 -9.15 -4.36
N ALA C 280 -8.43 -9.21 -5.69
CA ALA C 280 -7.17 -9.44 -6.42
C ALA C 280 -6.14 -8.33 -6.13
N TRP C 281 -6.64 -7.13 -5.83
CA TRP C 281 -5.79 -5.98 -5.61
C TRP C 281 -4.76 -6.27 -4.51
N TRP C 282 -5.13 -7.04 -3.47
CA TRP C 282 -4.15 -7.47 -2.48
C TRP C 282 -3.99 -9.00 -2.42
N SER C 283 -4.42 -9.75 -3.44
CA SER C 283 -4.29 -11.22 -3.43
C SER C 283 -3.45 -11.72 -4.61
N SER C 284 -3.06 -10.80 -5.48
CA SER C 284 -2.09 -11.11 -6.54
C SER C 284 -0.69 -10.86 -5.97
N TYR C 285 0.25 -11.75 -6.27
CA TYR C 285 1.58 -11.72 -5.65
C TYR C 285 2.68 -11.76 -6.69
N PRO C 286 3.90 -11.51 -6.25
CA PRO C 286 5.02 -11.63 -7.19
C PRO C 286 5.17 -13.02 -7.75
N GLY C 287 5.78 -13.08 -8.93
CA GLY C 287 5.88 -14.30 -9.69
C GLY C 287 5.41 -14.05 -11.09
N MSE C 288 5.21 -15.10 -11.86
CA MSE C 288 4.87 -14.92 -13.25
C MSE C 288 3.73 -15.81 -13.68
O MSE C 288 3.05 -15.46 -14.62
CB MSE C 288 6.09 -15.17 -14.14
CG MSE C 288 7.20 -14.13 -13.93
SE MSE C 288 6.72 -12.36 -14.57
CE MSE C 288 6.98 -12.63 -16.47
N ASP C 289 3.48 -16.93 -12.99
CA ASP C 289 2.47 -17.85 -13.49
C ASP C 289 1.10 -17.63 -12.83
N MSE C 290 0.11 -18.30 -13.37
CA MSE C 290 -1.28 -18.10 -12.94
CA MSE C 290 -1.28 -18.10 -12.94
C MSE C 290 -1.50 -18.48 -11.49
O MSE C 290 -2.44 -17.99 -10.86
CB MSE C 290 -2.23 -18.91 -13.86
CB MSE C 290 -2.21 -18.90 -13.85
CG MSE C 290 -2.13 -20.42 -13.73
CG MSE C 290 -2.20 -20.39 -13.59
SE MSE C 290 -3.58 -21.37 -14.71
SE MSE C 290 -3.35 -21.35 -14.84
CE MSE C 290 -3.19 -23.19 -14.10
CE MSE C 290 -2.12 -21.51 -16.31
N ASN C 291 -0.67 -19.36 -10.92
CA ASN C 291 -0.86 -19.71 -9.53
C ASN C 291 -0.38 -18.63 -8.57
N HIS C 292 0.38 -17.66 -9.07
CA HIS C 292 0.91 -16.60 -8.22
C HIS C 292 0.35 -15.22 -8.52
N THR C 293 0.16 -14.90 -9.79
CA THR C 293 -0.07 -13.51 -10.13
C THR C 293 -1.10 -13.37 -11.25
N ALA C 294 -1.76 -12.23 -11.26
CA ALA C 294 -2.73 -11.93 -12.32
C ALA C 294 -2.07 -11.97 -13.67
N GLN C 295 -2.82 -12.47 -14.65
CA GLN C 295 -2.34 -12.66 -16.00
C GLN C 295 -2.91 -11.59 -16.92
N LEU C 296 -2.04 -11.03 -17.76
CA LEU C 296 -2.46 -10.01 -18.71
C LEU C 296 -2.80 -10.69 -20.02
N VAL C 297 -4.09 -10.64 -20.38
CA VAL C 297 -4.58 -11.38 -21.53
C VAL C 297 -5.29 -10.47 -22.53
N LEU C 298 -5.14 -10.80 -23.79
CA LEU C 298 -5.77 -10.06 -24.87
C LEU C 298 -6.73 -10.96 -25.62
N SER C 299 -7.78 -10.36 -26.16
CA SER C 299 -8.55 -11.00 -27.22
C SER C 299 -8.63 -9.99 -28.38
N LYS C 300 -8.54 -10.49 -29.61
CA LYS C 300 -8.64 -9.63 -30.77
C LYS C 300 -9.78 -10.03 -31.67
N SER C 301 -10.25 -9.04 -32.42
CA SER C 301 -11.29 -9.22 -33.40
C SER C 301 -10.86 -8.63 -34.72
N THR C 302 -10.90 -9.44 -35.78
CA THR C 302 -10.57 -8.96 -37.12
C THR C 302 -11.78 -8.87 -38.04
N ASP C 303 -12.99 -8.94 -37.46
CA ASP C 303 -14.23 -8.79 -38.20
C ASP C 303 -15.12 -7.73 -37.53
N ASP C 304 -14.54 -6.59 -37.24
CA ASP C 304 -15.28 -5.41 -36.78
C ASP C 304 -16.02 -5.69 -35.47
N GLY C 305 -15.46 -6.56 -34.64
CA GLY C 305 -16.01 -6.81 -33.32
C GLY C 305 -17.02 -7.95 -33.22
N LYS C 306 -17.28 -8.67 -34.32
CA LYS C 306 -18.29 -9.73 -34.29
C LYS C 306 -17.81 -11.02 -33.61
N THR C 307 -16.56 -11.41 -33.85
CA THR C 307 -15.98 -12.59 -33.20
C THR C 307 -14.61 -12.27 -32.65
N TRP C 308 -14.19 -13.06 -31.66
CA TRP C 308 -13.08 -12.75 -30.77
C TRP C 308 -12.18 -13.97 -30.66
N SER C 309 -10.87 -13.74 -30.65
CA SER C 309 -9.89 -14.81 -30.53
C SER C 309 -9.88 -15.44 -29.15
N GLU C 310 -9.30 -16.63 -29.08
CA GLU C 310 -8.92 -17.21 -27.80
C GLU C 310 -7.93 -16.27 -27.13
N PRO C 311 -7.81 -16.36 -25.80
CA PRO C 311 -6.93 -15.41 -25.12
C PRO C 311 -5.48 -15.59 -25.51
N ILE C 312 -4.81 -14.46 -25.61
CA ILE C 312 -3.38 -14.37 -25.84
C ILE C 312 -2.73 -13.84 -24.57
N ASN C 313 -1.90 -14.64 -23.92
CA ASN C 313 -1.28 -14.26 -22.66
C ASN C 313 0.04 -13.55 -22.88
N ILE C 314 0.09 -12.25 -22.61
CA ILE C 314 1.30 -11.45 -22.86
C ILE C 314 2.05 -11.09 -21.59
N THR C 315 1.67 -11.70 -20.46
CA THR C 315 2.29 -11.43 -19.18
C THR C 315 3.80 -11.49 -19.30
N ASP C 316 4.32 -12.52 -19.95
CA ASP C 316 5.77 -12.72 -19.93
C ASP C 316 6.50 -11.68 -20.77
N GLN C 317 5.78 -10.92 -21.58
CA GLN C 317 6.42 -9.88 -22.38
C GLN C 317 6.70 -8.64 -21.57
N VAL C 318 5.88 -8.36 -20.57
CA VAL C 318 5.89 -7.02 -20.00
C VAL C 318 5.94 -6.99 -18.45
N LYS C 319 5.68 -8.11 -17.78
CA LYS C 319 5.68 -8.09 -16.30
C LYS C 319 7.04 -8.35 -15.68
N ASP C 320 7.42 -7.49 -14.74
CA ASP C 320 8.60 -7.74 -13.88
C ASP C 320 8.17 -8.76 -12.83
N PRO C 321 8.97 -9.83 -12.63
CA PRO C 321 8.58 -10.86 -11.65
C PRO C 321 8.33 -10.33 -10.26
N SER C 322 8.99 -9.24 -9.89
CA SER C 322 8.89 -8.74 -8.52
C SER C 322 7.65 -7.87 -8.33
N TRP C 323 6.95 -7.51 -9.42
CA TRP C 323 5.69 -6.76 -9.29
C TRP C 323 4.61 -7.69 -8.70
N TYR C 324 3.74 -7.17 -7.84
CA TYR C 324 2.60 -7.94 -7.32
C TYR C 324 1.48 -8.15 -8.35
N PHE C 325 1.30 -7.16 -9.22
CA PHE C 325 0.12 -7.05 -10.06
C PHE C 325 0.43 -6.10 -11.21
N LEU C 326 0.33 -6.59 -12.44
CA LEU C 326 0.34 -5.76 -13.62
C LEU C 326 -0.98 -5.90 -14.31
N LEU C 327 -1.62 -4.78 -14.62
CA LEU C 327 -2.83 -4.84 -15.41
C LEU C 327 -3.03 -3.58 -16.20
N GLN C 328 -3.94 -3.64 -17.18
CA GLN C 328 -4.35 -2.48 -17.94
C GLN C 328 -5.01 -1.43 -17.07
N GLY C 329 -4.96 -0.18 -17.54
CA GLY C 329 -5.87 0.85 -17.08
C GLY C 329 -7.21 0.66 -17.77
N PRO C 330 -8.29 0.46 -17.01
CA PRO C 330 -9.59 0.21 -17.67
C PRO C 330 -10.09 1.36 -18.52
N GLY C 331 -10.85 1.00 -19.55
CA GLY C 331 -11.44 1.96 -20.43
C GLY C 331 -11.01 1.66 -21.84
N ARG C 332 -10.10 2.47 -22.35
CA ARG C 332 -9.66 2.28 -23.73
C ARG C 332 -8.20 2.61 -23.91
N GLY C 333 -7.66 2.16 -25.05
CA GLY C 333 -6.36 2.57 -25.51
C GLY C 333 -6.46 3.29 -26.85
N ILE C 334 -5.33 3.50 -27.52
CA ILE C 334 -5.31 4.33 -28.74
C ILE C 334 -4.39 3.76 -29.80
N THR C 335 -4.55 4.25 -31.02
CA THR C 335 -3.52 4.14 -32.06
C THR C 335 -2.93 5.54 -32.23
N MSE C 336 -1.61 5.66 -32.16
CA MSE C 336 -0.95 6.92 -32.46
C MSE C 336 -0.94 7.17 -33.96
O MSE C 336 -1.07 6.24 -34.76
CB MSE C 336 0.48 6.92 -31.92
CG MSE C 336 0.52 6.91 -30.40
SE MSE C 336 2.31 6.71 -29.69
CE MSE C 336 2.85 8.57 -29.97
N GLN C 337 -0.81 8.43 -34.33
CA GLN C 337 -0.76 8.82 -35.73
C GLN C 337 0.25 7.95 -36.50
N ASP C 338 1.36 7.60 -35.85
CA ASP C 338 2.41 6.80 -36.53
C ASP C 338 2.15 5.28 -36.50
N GLY C 339 1.00 4.86 -35.95
CA GLY C 339 0.60 3.47 -35.98
C GLY C 339 0.91 2.66 -34.72
N THR C 340 1.60 3.26 -33.76
CA THR C 340 1.91 2.61 -32.50
C THR C 340 0.61 2.37 -31.72
N LEU C 341 0.38 1.14 -31.24
CA LEU C 341 -0.77 0.86 -30.35
C LEU C 341 -0.34 1.09 -28.91
N VAL C 342 -1.20 1.76 -28.13
CA VAL C 342 -0.87 2.07 -26.75
C VAL C 342 -2.04 1.78 -25.83
N PHE C 343 -1.75 1.05 -24.77
CA PHE C 343 -2.68 0.85 -23.67
C PHE C 343 -2.12 1.49 -22.43
N PRO C 344 -2.95 2.23 -21.70
CA PRO C 344 -2.44 2.56 -20.37
C PRO C 344 -2.32 1.31 -19.49
N ILE C 345 -1.37 1.31 -18.56
CA ILE C 345 -1.21 0.20 -17.63
C ILE C 345 -0.94 0.75 -16.22
N GLN C 346 -0.94 -0.16 -15.27
CA GLN C 346 -0.66 0.14 -13.89
C GLN C 346 -0.02 -1.08 -13.26
N PHE C 347 1.00 -0.89 -12.42
CA PHE C 347 1.54 -2.05 -11.72
C PHE C 347 1.83 -1.70 -10.28
N ILE C 348 1.53 -2.68 -9.42
CA ILE C 348 1.95 -2.65 -8.04
C ILE C 348 3.38 -3.18 -8.02
N ASP C 349 4.35 -2.33 -7.66
CA ASP C 349 5.74 -2.70 -7.79
C ASP C 349 6.20 -3.52 -6.57
N SER C 350 7.50 -3.81 -6.50
CA SER C 350 7.97 -4.70 -5.46
C SER C 350 7.88 -4.06 -4.08
N THR C 351 7.64 -2.76 -4.00
CA THR C 351 7.47 -2.10 -2.69
C THR C 351 6.00 -1.98 -2.32
N ARG C 352 5.15 -2.59 -3.15
CA ARG C 352 3.69 -2.65 -2.96
C ARG C 352 3.01 -1.32 -3.22
N VAL C 353 3.68 -0.47 -3.98
CA VAL C 353 3.10 0.81 -4.38
C VAL C 353 2.65 0.73 -5.85
N PRO C 354 1.42 1.19 -6.15
CA PRO C 354 0.98 1.18 -7.55
C PRO C 354 1.49 2.40 -8.30
N ASN C 355 1.78 2.20 -9.60
CA ASN C 355 2.27 3.24 -10.49
C ASN C 355 1.65 3.08 -11.86
N ALA C 356 1.21 4.19 -12.43
CA ALA C 356 0.65 4.17 -13.79
C ALA C 356 1.73 4.38 -14.83
N GLY C 357 1.47 3.84 -16.02
CA GLY C 357 2.35 4.00 -17.14
C GLY C 357 1.64 3.58 -18.39
N ILE C 358 2.42 3.32 -19.43
CA ILE C 358 1.85 2.85 -20.69
C ILE C 358 2.62 1.66 -21.25
N MSE C 359 1.87 0.85 -21.99
CA MSE C 359 2.36 -0.30 -22.71
C MSE C 359 2.12 -0.06 -24.18
O MSE C 359 1.04 0.38 -24.53
CB MSE C 359 1.60 -1.55 -22.26
CG MSE C 359 2.02 -2.78 -22.94
SE MSE C 359 1.00 -4.24 -22.16
CE MSE C 359 -0.73 -3.94 -22.86
N TYR C 360 3.09 -0.33 -25.04
CA TYR C 360 2.90 -0.05 -26.46
C TYR C 360 3.34 -1.19 -27.35
N SER C 361 2.83 -1.16 -28.57
CA SER C 361 3.19 -2.13 -29.59
C SER C 361 3.47 -1.45 -30.90
N LYS C 362 4.63 -1.74 -31.47
CA LYS C 362 4.99 -1.18 -32.76
C LYS C 362 4.78 -2.17 -33.90
N ASP C 363 4.26 -3.36 -33.61
CA ASP C 363 4.06 -4.37 -34.65
C ASP C 363 2.62 -4.90 -34.67
N ARG C 364 1.67 -3.97 -34.61
CA ARG C 364 0.24 -4.27 -34.75
C ARG C 364 -0.28 -5.19 -33.63
N GLY C 365 0.36 -5.17 -32.46
CA GLY C 365 -0.11 -5.91 -31.31
C GLY C 365 0.55 -7.27 -31.12
N GLU C 366 1.54 -7.63 -31.94
CA GLU C 366 2.22 -8.92 -31.77
C GLU C 366 3.14 -8.92 -30.54
N THR C 367 3.83 -7.82 -30.30
CA THR C 367 4.66 -7.71 -29.10
C THR C 367 4.42 -6.38 -28.40
N TRP C 368 4.64 -6.41 -27.10
CA TRP C 368 4.36 -5.28 -26.25
C TRP C 368 5.54 -4.93 -25.37
N LYS C 369 5.62 -3.66 -24.99
CA LYS C 369 6.72 -3.15 -24.17
C LYS C 369 6.23 -2.12 -23.16
N ILE C 370 6.82 -2.16 -21.97
CA ILE C 370 6.66 -1.10 -20.97
C ILE C 370 8.02 -0.57 -20.59
N HIS C 371 8.19 0.75 -20.53
CA HIS C 371 9.42 1.30 -19.99
C HIS C 371 9.25 1.70 -18.52
N ASN C 372 9.06 2.99 -18.24
CA ASN C 372 9.02 3.47 -16.85
C ASN C 372 7.68 4.05 -16.45
N TYR C 373 7.36 3.95 -15.16
CA TYR C 373 6.10 4.53 -14.71
C TYR C 373 6.15 6.05 -14.85
N ALA C 374 4.98 6.67 -14.93
CA ALA C 374 4.88 8.11 -15.07
C ALA C 374 4.94 8.79 -13.70
N ARG C 375 4.37 8.15 -12.70
CA ARG C 375 4.24 8.79 -11.39
C ARG C 375 3.92 7.75 -10.33
N THR C 376 4.53 7.90 -9.16
CA THR C 376 4.30 6.94 -8.08
C THR C 376 2.93 7.11 -7.45
N ASN C 377 2.44 6.00 -6.92
CA ASN C 377 1.18 5.95 -6.19
C ASN C 377 0.02 6.46 -7.04
N THR C 378 -0.02 5.98 -8.27
CA THR C 378 -1.11 6.26 -9.17
C THR C 378 -1.62 4.92 -9.69
N THR C 379 -2.88 4.87 -10.13
CA THR C 379 -3.47 3.61 -10.54
C THR C 379 -4.11 3.72 -11.92
N GLU C 380 -5.43 3.80 -11.98
CA GLU C 380 -6.12 3.82 -13.27
C GLU C 380 -5.79 5.09 -14.03
N ALA C 381 -5.45 4.93 -15.31
CA ALA C 381 -5.08 6.06 -16.12
C ALA C 381 -5.59 5.86 -17.54
N GLN C 382 -5.70 6.97 -18.27
CA GLN C 382 -6.03 6.93 -19.68
C GLN C 382 -5.05 7.84 -20.41
N VAL C 383 -4.76 7.48 -21.65
CA VAL C 383 -3.73 8.12 -22.44
C VAL C 383 -4.29 8.67 -23.73
N ALA C 384 -3.80 9.82 -24.16
CA ALA C 384 -4.19 10.39 -25.44
C ALA C 384 -3.02 11.07 -26.08
N GLU C 385 -2.98 11.02 -27.41
CA GLU C 385 -1.91 11.69 -28.16
C GLU C 385 -2.32 13.14 -28.32
N VAL C 386 -1.80 14.01 -27.45
CA VAL C 386 -2.30 15.37 -27.33
C VAL C 386 -1.71 16.23 -28.47
N GLU C 387 -0.49 15.88 -28.85
CA GLU C 387 0.19 16.43 -30.03
C GLU C 387 0.96 15.29 -30.68
N PRO C 388 1.27 15.42 -31.97
CA PRO C 388 1.98 14.34 -32.65
C PRO C 388 3.24 13.88 -31.90
N GLY C 389 3.29 12.59 -31.58
CA GLY C 389 4.39 11.99 -30.86
C GLY C 389 4.41 12.30 -29.37
N VAL C 390 3.39 13.01 -28.88
CA VAL C 390 3.37 13.39 -27.47
C VAL C 390 2.18 12.73 -26.79
N LEU C 391 2.48 11.83 -25.85
CA LEU C 391 1.44 11.12 -25.12
C LEU C 391 1.17 11.79 -23.77
N MSE C 392 -0.10 11.99 -23.50
CA MSE C 392 -0.54 12.56 -22.24
C MSE C 392 -1.22 11.44 -21.45
O MSE C 392 -2.16 10.81 -21.93
CB MSE C 392 -1.49 13.74 -22.49
CG MSE C 392 -2.20 14.22 -21.25
SE MSE C 392 -3.31 15.75 -21.69
CE MSE C 392 -1.98 17.13 -21.58
N LEU C 393 -0.73 11.21 -20.24
CA LEU C 393 -1.30 10.22 -19.34
C LEU C 393 -2.01 10.96 -18.21
N ASN C 394 -3.29 10.66 -18.06
CA ASN C 394 -4.15 11.32 -17.09
C ASN C 394 -4.57 10.28 -16.05
N MSE C 395 -4.23 10.52 -14.78
CA MSE C 395 -4.10 9.43 -13.79
C MSE C 395 -4.92 9.65 -12.54
O MSE C 395 -4.94 10.75 -11.98
CB MSE C 395 -2.61 9.29 -13.33
CG MSE C 395 -1.63 8.83 -14.37
SE MSE C 395 0.17 9.23 -13.76
CE MSE C 395 0.40 10.97 -14.63
N ARG C 396 -5.53 8.57 -12.10
CA ARG C 396 -6.07 8.46 -10.78
C ARG C 396 -4.93 8.52 -9.76
N ASP C 397 -5.02 9.45 -8.81
CA ASP C 397 -3.91 9.71 -7.89
C ASP C 397 -4.35 9.42 -6.48
N ASN C 398 -3.69 8.45 -5.84
CA ASN C 398 -4.09 8.09 -4.50
C ASN C 398 -3.90 9.19 -3.44
N ARG C 399 -3.17 10.24 -3.77
CA ARG C 399 -3.01 11.34 -2.83
C ARG C 399 -4.31 12.11 -2.63
N GLY C 400 -5.24 11.97 -3.59
CA GLY C 400 -6.60 12.50 -3.43
C GLY C 400 -6.86 13.85 -4.05
N GLY C 401 -8.11 14.07 -4.45
CA GLY C 401 -8.59 15.38 -4.83
C GLY C 401 -8.45 15.81 -6.29
N SER C 402 -7.49 15.28 -7.03
CA SER C 402 -7.24 15.77 -8.40
C SER C 402 -6.42 14.81 -9.26
N ARG C 403 -6.72 14.82 -10.56
CA ARG C 403 -5.99 14.00 -11.50
C ARG C 403 -4.54 14.45 -11.61
N ALA C 404 -3.63 13.49 -11.73
CA ALA C 404 -2.24 13.75 -12.11
C ALA C 404 -2.14 13.65 -13.62
N VAL C 405 -1.26 14.45 -14.21
CA VAL C 405 -1.12 14.51 -15.65
C VAL C 405 0.35 14.61 -15.99
N ALA C 406 0.81 13.77 -16.90
CA ALA C 406 2.20 13.84 -17.37
C ALA C 406 2.19 13.57 -18.84
N THR C 407 3.25 14.01 -19.51
CA THR C 407 3.42 13.68 -20.92
C THR C 407 4.77 13.01 -21.15
N THR C 408 4.84 12.22 -22.22
CA THR C 408 6.09 11.58 -22.65
C THR C 408 6.22 11.67 -24.16
N LYS C 409 7.44 11.93 -24.62
CA LYS C 409 7.74 11.97 -26.06
C LYS C 409 8.55 10.74 -26.51
N ASP C 410 8.82 9.82 -25.59
CA ASP C 410 9.62 8.64 -25.88
C ASP C 410 8.95 7.36 -25.34
N LEU C 411 7.63 7.35 -25.40
CA LEU C 411 6.84 6.16 -25.07
C LEU C 411 7.10 5.66 -23.66
N GLY C 412 7.32 6.60 -22.76
CA GLY C 412 7.34 6.29 -21.34
C GLY C 412 8.72 6.01 -20.78
N LYS C 413 9.76 6.29 -21.55
CA LYS C 413 11.10 6.25 -20.99
C LYS C 413 11.26 7.39 -19.99
N THR C 414 10.83 8.59 -20.39
CA THR C 414 10.91 9.76 -19.54
C THR C 414 9.59 10.50 -19.58
N TRP C 415 9.27 11.15 -18.47
CA TRP C 415 8.00 11.82 -18.28
C TRP C 415 8.19 13.24 -17.77
N THR C 416 7.26 14.10 -18.15
CA THR C 416 7.24 15.47 -17.72
C THR C 416 5.89 15.78 -17.10
N GLU C 417 5.91 16.29 -15.87
CA GLU C 417 4.68 16.72 -15.20
C GLU C 417 4.06 17.86 -15.99
N HIS C 418 2.78 17.77 -16.27
CA HIS C 418 2.05 18.79 -17.03
C HIS C 418 1.59 19.92 -16.11
N PRO C 419 1.52 21.16 -16.64
CA PRO C 419 1.09 22.28 -15.80
C PRO C 419 -0.27 22.10 -15.14
N SER C 420 -1.14 21.32 -15.77
CA SER C 420 -2.49 21.12 -15.25
C SER C 420 -2.54 20.09 -14.12
N SER C 421 -1.42 19.40 -13.91
CA SER C 421 -1.40 18.26 -13.00
C SER C 421 -1.76 18.68 -11.59
N ARG C 422 -2.63 17.89 -10.97
CA ARG C 422 -2.98 18.07 -9.57
C ARG C 422 -3.57 19.47 -9.30
N LYS C 423 -4.26 20.00 -10.30
CA LYS C 423 -4.86 21.33 -10.21
C LYS C 423 -6.15 21.46 -10.98
N ALA C 424 -6.08 21.19 -12.27
CA ALA C 424 -7.15 21.60 -13.15
C ALA C 424 -8.37 20.68 -13.08
N LEU C 425 -8.19 19.40 -12.76
CA LEU C 425 -9.28 18.42 -12.84
C LEU C 425 -9.48 17.69 -11.53
N GLN C 426 -10.48 18.12 -10.79
CA GLN C 426 -10.74 17.51 -9.51
C GLN C 426 -11.29 16.10 -9.71
N GLU C 427 -11.10 15.25 -8.71
CA GLU C 427 -11.67 13.91 -8.75
C GLU C 427 -11.85 13.40 -7.33
N PRO C 428 -12.71 12.39 -7.17
CA PRO C 428 -12.88 11.69 -5.90
C PRO C 428 -12.01 10.43 -5.78
N VAL C 429 -11.00 10.30 -6.64
CA VAL C 429 -10.13 9.10 -6.74
C VAL C 429 -10.93 7.99 -7.38
N CYS C 430 -10.94 8.01 -8.71
CA CYS C 430 -11.90 7.24 -9.50
C CYS C 430 -11.37 7.16 -10.92
N MSE C 431 -11.85 6.21 -11.70
CA MSE C 431 -11.46 6.15 -13.09
C MSE C 431 -11.97 7.43 -13.79
O MSE C 431 -12.97 8.00 -13.37
CB MSE C 431 -12.06 4.91 -13.74
CG MSE C 431 -11.57 4.64 -15.14
SE MSE C 431 -12.87 5.36 -16.37
CE MSE C 431 -11.85 5.05 -18.01
N ALA C 432 -11.25 7.87 -14.81
CA ALA C 432 -11.67 9.00 -15.63
C ALA C 432 -11.32 8.67 -17.06
N SER C 433 -12.09 9.19 -18.00
CA SER C 433 -11.83 8.97 -19.42
C SER C 433 -11.19 10.22 -20.03
N LEU C 434 -10.22 10.03 -20.92
CA LEU C 434 -9.62 11.12 -21.68
C LEU C 434 -9.48 10.65 -23.11
N ILE C 435 -9.93 11.47 -24.07
CA ILE C 435 -9.64 11.20 -25.47
C ILE C 435 -9.21 12.49 -26.14
N SER C 436 -8.46 12.31 -27.20
CA SER C 436 -8.03 13.39 -28.06
C SER C 436 -8.70 13.25 -29.39
N VAL C 437 -9.24 14.35 -29.91
CA VAL C 437 -9.88 14.37 -31.21
C VAL C 437 -9.26 15.47 -32.07
N LYS C 438 -8.58 15.08 -33.14
CA LYS C 438 -7.85 16.05 -33.97
C LYS C 438 -8.83 16.86 -34.80
N ALA C 439 -8.40 18.05 -35.19
CA ALA C 439 -9.23 19.00 -35.94
C ALA C 439 -9.91 18.36 -37.15
N ALA C 440 -9.17 17.55 -37.88
CA ALA C 440 -9.67 16.96 -39.12
C ALA C 440 -10.81 16.00 -38.85
N ASP C 441 -10.92 15.53 -37.61
CA ASP C 441 -11.90 14.50 -37.24
C ASP C 441 -13.12 15.03 -36.47
N ASN C 442 -13.26 16.34 -36.37
CA ASN C 442 -14.47 16.86 -35.76
C ASN C 442 -14.96 18.15 -36.40
N THR C 443 -16.24 18.42 -36.17
CA THR C 443 -16.96 19.48 -36.86
C THR C 443 -16.46 20.87 -36.48
N LEU C 444 -15.72 21.00 -35.37
CA LEU C 444 -15.18 22.30 -34.99
C LEU C 444 -13.87 22.63 -35.72
N ASN C 445 -13.32 21.64 -36.42
CA ASN C 445 -12.02 21.80 -37.06
C ASN C 445 -10.96 22.38 -36.09
N LYS C 446 -10.99 21.89 -34.85
CA LYS C 446 -10.01 22.26 -33.83
C LYS C 446 -9.57 21.00 -33.09
N ASP C 447 -8.30 20.90 -32.73
CA ASP C 447 -7.86 19.79 -31.87
C ASP C 447 -8.51 19.99 -30.50
N ILE C 448 -9.17 18.97 -30.00
CA ILE C 448 -9.81 19.05 -28.71
C ILE C 448 -9.45 17.84 -27.85
N LEU C 449 -9.47 18.05 -26.55
CA LEU C 449 -9.46 16.95 -25.61
C LEU C 449 -10.84 16.88 -24.99
N LEU C 450 -11.32 15.66 -24.76
CA LEU C 450 -12.56 15.40 -24.02
C LEU C 450 -12.24 14.52 -22.82
N PHE C 451 -12.85 14.85 -21.68
CA PHE C 451 -12.56 14.23 -20.40
C PHE C 451 -13.88 13.95 -19.69
N SER C 452 -14.01 12.81 -19.03
CA SER C 452 -15.22 12.56 -18.21
C SER C 452 -14.91 11.89 -16.90
N ASN C 453 -15.60 12.35 -15.86
CA ASN C 453 -15.45 11.76 -14.56
C ASN C 453 -16.53 12.31 -13.65
N PRO C 454 -16.60 11.83 -12.41
CA PRO C 454 -17.48 12.46 -11.43
C PRO C 454 -16.86 13.76 -11.01
N ASN C 455 -17.51 14.88 -11.29
CA ASN C 455 -16.90 16.20 -11.08
C ASN C 455 -17.02 16.65 -9.62
N THR C 456 -16.23 16.03 -8.75
CA THR C 456 -16.35 16.19 -7.30
C THR C 456 -15.04 15.68 -6.69
N VAL C 457 -14.78 16.00 -5.42
CA VAL C 457 -13.65 15.42 -4.70
C VAL C 457 -14.14 14.39 -3.69
N LYS C 458 -15.45 14.27 -3.55
CA LYS C 458 -16.04 13.31 -2.64
C LYS C 458 -17.28 12.70 -3.25
N GLY C 459 -17.33 11.38 -3.28
CA GLY C 459 -18.46 10.63 -3.83
C GLY C 459 -18.38 10.48 -5.33
N ARG C 460 -19.30 9.71 -5.90
CA ARG C 460 -19.36 9.51 -7.33
C ARG C 460 -20.73 9.92 -7.82
N HIS C 461 -20.77 11.15 -8.31
CA HIS C 461 -22.00 11.79 -8.76
C HIS C 461 -21.56 12.96 -9.63
N HIS C 462 -22.53 13.62 -10.27
CA HIS C 462 -22.27 14.68 -11.22
C HIS C 462 -21.27 14.25 -12.28
N ILE C 463 -21.58 13.14 -12.91
CA ILE C 463 -20.80 12.69 -14.07
C ILE C 463 -20.86 13.79 -15.10
N THR C 464 -19.69 14.24 -15.54
CA THR C 464 -19.60 15.44 -16.36
C THR C 464 -18.60 15.23 -17.51
N ILE C 465 -18.94 15.69 -18.72
CA ILE C 465 -17.96 15.72 -19.80
C ILE C 465 -17.40 17.12 -19.88
N LYS C 466 -16.07 17.22 -19.89
CA LYS C 466 -15.33 18.48 -19.98
C LYS C 466 -14.50 18.48 -21.26
N ALA C 467 -14.34 19.66 -21.86
CA ALA C 467 -13.53 19.81 -23.07
C ALA C 467 -12.43 20.84 -22.84
N SER C 468 -11.30 20.63 -23.50
CA SER C 468 -10.19 21.57 -23.50
C SER C 468 -9.83 21.87 -24.94
N LEU C 469 -9.61 23.14 -25.25
CA LEU C 469 -9.21 23.58 -26.58
C LEU C 469 -7.72 23.90 -26.65
N ASP C 470 -7.02 23.81 -25.52
CA ASP C 470 -5.63 24.19 -25.50
C ASP C 470 -4.76 23.04 -24.97
N GLY C 471 -5.09 21.83 -25.41
CA GLY C 471 -4.25 20.68 -25.13
C GLY C 471 -4.22 20.31 -23.66
N GLY C 472 -5.28 20.63 -22.94
CA GLY C 472 -5.39 20.25 -21.53
C GLY C 472 -4.80 21.25 -20.54
N ILE C 473 -4.42 22.43 -21.01
CA ILE C 473 -3.97 23.48 -20.09
C ILE C 473 -5.13 24.08 -19.28
N THR C 474 -6.26 24.27 -19.94
CA THR C 474 -7.46 24.88 -19.37
CA THR C 474 -7.44 24.81 -19.30
C THR C 474 -8.70 24.03 -19.68
N TRP C 475 -9.57 23.88 -18.71
CA TRP C 475 -10.84 23.21 -18.90
C TRP C 475 -11.90 24.22 -18.49
N LEU C 476 -12.38 24.99 -19.45
CA LEU C 476 -13.26 26.09 -19.11
C LEU C 476 -14.58 25.56 -18.53
N PRO C 477 -15.06 26.17 -17.43
CA PRO C 477 -16.35 25.73 -16.86
C PRO C 477 -17.48 25.73 -17.87
N GLU C 478 -17.42 26.66 -18.81
CA GLU C 478 -18.47 26.80 -19.82
CA GLU C 478 -18.47 26.81 -19.83
C GLU C 478 -18.44 25.71 -20.90
N HIS C 479 -17.32 24.97 -20.98
CA HIS C 479 -17.19 23.87 -21.95
C HIS C 479 -17.43 22.48 -21.35
N GLN C 480 -18.53 22.37 -20.63
CA GLN C 480 -18.83 21.13 -19.90
C GLN C 480 -20.31 20.78 -20.00
N VAL C 481 -20.63 19.49 -19.97
CA VAL C 481 -22.02 19.04 -19.88
C VAL C 481 -22.15 18.06 -18.72
N MSE C 482 -23.00 18.41 -17.76
CA MSE C 482 -23.24 17.56 -16.60
C MSE C 482 -24.39 16.61 -16.95
O MSE C 482 -25.49 17.03 -17.23
CB MSE C 482 -23.57 18.44 -15.38
CG MSE C 482 -23.44 17.80 -14.02
SE MSE C 482 -24.90 16.59 -13.69
CE MSE C 482 -26.39 17.77 -13.76
N LEU C 483 -24.11 15.30 -16.96
CA LEU C 483 -25.03 14.29 -17.45
C LEU C 483 -25.86 13.60 -16.37
N ASP C 484 -25.34 13.50 -15.17
CA ASP C 484 -25.98 12.68 -14.15
C ASP C 484 -25.62 13.17 -12.77
N GLU C 485 -26.59 13.82 -12.12
CA GLU C 485 -26.41 14.33 -10.77
C GLU C 485 -26.51 13.25 -9.72
N GLY C 486 -26.98 12.07 -10.12
CA GLY C 486 -27.22 11.01 -9.16
C GLY C 486 -25.95 10.30 -8.73
N ASP C 487 -26.09 9.44 -7.73
CA ASP C 487 -24.98 8.64 -7.23
C ASP C 487 -24.84 7.38 -8.05
N GLY C 488 -23.61 7.03 -8.40
CA GLY C 488 -23.38 5.79 -9.11
C GLY C 488 -21.99 5.28 -8.80
N TRP C 489 -21.52 4.33 -9.59
CA TRP C 489 -20.19 3.78 -9.37
C TRP C 489 -19.09 4.57 -10.11
N GLY C 490 -19.48 5.48 -10.99
CA GLY C 490 -18.56 6.56 -11.39
C GLY C 490 -17.67 6.37 -12.61
N TYR C 491 -17.49 5.14 -13.08
CA TYR C 491 -16.58 4.93 -14.20
C TYR C 491 -17.25 5.29 -15.49
N SER C 492 -16.47 5.76 -16.45
CA SER C 492 -17.00 6.20 -17.76
C SER C 492 -15.95 6.02 -18.85
N CYS C 493 -16.40 5.98 -20.10
CA CYS C 493 -15.47 5.95 -21.25
C CYS C 493 -16.05 6.68 -22.46
N LEU C 494 -15.25 7.54 -23.08
CA LEU C 494 -15.68 8.37 -24.21
C LEU C 494 -15.25 7.78 -25.54
N THR C 495 -15.99 8.15 -26.59
CA THR C 495 -15.56 7.92 -27.95
C THR C 495 -16.28 8.93 -28.84
N MSE C 496 -15.82 9.07 -30.09
CA MSE C 496 -16.56 9.87 -31.07
C MSE C 496 -17.44 8.92 -31.83
O MSE C 496 -16.96 7.93 -32.40
CB MSE C 496 -15.62 10.59 -32.04
CG MSE C 496 -14.77 11.65 -31.39
SE MSE C 496 -15.78 13.08 -30.45
CE MSE C 496 -16.48 14.09 -31.93
N ILE C 497 -18.75 9.20 -31.81
CA ILE C 497 -19.71 8.44 -32.59
C ILE C 497 -19.53 8.80 -34.07
N ASP C 498 -19.38 10.10 -34.32
CA ASP C 498 -19.06 10.62 -35.64
C ASP C 498 -18.45 12.01 -35.47
N LYS C 499 -18.25 12.75 -36.55
CA LYS C 499 -17.56 14.02 -36.43
C LYS C 499 -18.30 15.08 -35.62
N GLU C 500 -19.60 14.91 -35.42
CA GLU C 500 -20.42 15.90 -34.71
C GLU C 500 -20.85 15.47 -33.29
N THR C 501 -20.58 14.22 -32.93
CA THR C 501 -21.24 13.62 -31.76
C THR C 501 -20.32 12.77 -30.89
N VAL C 502 -20.35 13.09 -29.60
CA VAL C 502 -19.61 12.37 -28.59
C VAL C 502 -20.49 11.25 -28.04
N GLY C 503 -19.89 10.09 -27.80
CA GLY C 503 -20.58 8.99 -27.14
C GLY C 503 -19.92 8.73 -25.82
N ILE C 504 -20.71 8.34 -24.82
CA ILE C 504 -20.19 8.01 -23.53
C ILE C 504 -20.94 6.77 -22.99
N LEU C 505 -20.16 5.82 -22.49
CA LEU C 505 -20.66 4.63 -21.80
C LEU C 505 -20.17 4.71 -20.37
N TYR C 506 -21.10 4.70 -19.43
CA TYR C 506 -20.72 4.91 -18.04
C TYR C 506 -21.68 4.31 -17.05
N GLU C 507 -21.15 4.16 -15.85
CA GLU C 507 -21.89 3.65 -14.72
C GLU C 507 -22.68 4.81 -14.18
N SER C 508 -24.01 4.77 -14.32
CA SER C 508 -24.83 5.92 -13.95
C SER C 508 -25.74 5.58 -12.79
N SER C 509 -26.49 6.59 -12.37
CA SER C 509 -27.43 6.42 -11.31
C SER C 509 -28.69 5.69 -11.82
N VAL C 510 -28.81 5.46 -13.12
CA VAL C 510 -30.04 4.86 -13.63
C VAL C 510 -29.84 3.49 -14.28
N ALA C 511 -28.58 3.13 -14.58
CA ALA C 511 -28.27 1.82 -15.13
C ALA C 511 -26.77 1.51 -15.03
N HIS C 512 -26.45 0.24 -14.81
CA HIS C 512 -25.08 -0.19 -14.65
C HIS C 512 -24.23 0.22 -15.86
N MSE C 513 -24.77 0.03 -17.06
CA MSE C 513 -24.11 0.49 -18.28
C MSE C 513 -25.05 1.41 -19.03
O MSE C 513 -26.03 0.96 -19.64
CB MSE C 513 -23.69 -0.67 -19.21
CG MSE C 513 -22.53 -1.49 -18.69
SE MSE C 513 -20.87 -0.44 -18.74
CE MSE C 513 -20.17 -1.01 -17.02
N THR C 514 -24.74 2.70 -19.01
CA THR C 514 -25.58 3.74 -19.60
C THR C 514 -24.84 4.33 -20.78
N PHE C 515 -25.51 4.41 -21.93
CA PHE C 515 -24.94 5.08 -23.10
C PHE C 515 -25.70 6.36 -23.42
N GLN C 516 -24.97 7.43 -23.66
CA GLN C 516 -25.55 8.67 -24.17
C GLN C 516 -24.74 9.22 -25.33
N ALA C 517 -25.47 9.93 -26.20
CA ALA C 517 -24.87 10.66 -27.32
C ALA C 517 -25.09 12.14 -27.06
N ILE C 518 -24.02 12.92 -27.21
CA ILE C 518 -24.03 14.35 -26.96
C ILE C 518 -23.43 15.07 -28.16
N ARG C 519 -24.16 16.02 -28.72
CA ARG C 519 -23.59 16.85 -29.78
C ARG C 519 -22.42 17.62 -29.27
N LEU C 520 -21.35 17.59 -30.05
CA LEU C 520 -20.11 18.25 -29.65
C LEU C 520 -20.33 19.75 -29.40
N ARG C 521 -21.21 20.33 -30.20
CA ARG C 521 -21.52 21.76 -30.08
C ARG C 521 -22.34 22.11 -28.83
N ASP C 522 -22.87 21.10 -28.15
CA ASP C 522 -23.48 21.32 -26.82
C ASP C 522 -22.41 21.47 -25.77
N ILE C 523 -21.25 20.84 -26.03
CA ILE C 523 -20.16 20.89 -25.06
C ILE C 523 -19.40 22.17 -25.29
N ILE C 524 -19.03 22.41 -26.54
CA ILE C 524 -18.29 23.60 -26.91
C ILE C 524 -19.19 24.51 -27.76
N GLN C 525 -19.79 25.50 -27.13
CA GLN C 525 -20.78 26.34 -27.81
C GLN C 525 -20.13 27.54 -28.47
N THR D 3 1.82 -29.00 9.33
CA THR D 3 0.45 -29.13 8.81
C THR D 3 0.52 -29.51 7.33
N SER D 4 4.67 -35.35 5.17
N SER D 4 1.74 -29.47 6.79
CA SER D 4 3.47 -35.52 4.39
CA SER D 4 2.07 -30.14 5.53
C SER D 4 2.37 -34.54 4.79
C SER D 4 1.30 -31.42 5.26
N ASP D 5 1.60 -34.12 3.79
N ASP D 5 0.48 -31.41 4.21
CA ASP D 5 0.48 -33.20 3.99
CA ASP D 5 0.02 -32.65 3.58
C ASP D 5 -0.62 -33.85 4.79
C ASP D 5 -1.00 -33.48 4.38
N THR D 6 -1.30 -33.05 5.61
CA THR D 6 -2.43 -33.57 6.35
C THR D 6 -3.75 -33.06 5.79
N VAL D 7 -4.72 -33.96 5.64
CA VAL D 7 -6.06 -33.57 5.28
C VAL D 7 -6.81 -33.19 6.55
N PHE D 8 -7.18 -31.93 6.67
CA PHE D 8 -7.96 -31.45 7.82
C PHE D 8 -9.43 -31.52 7.51
N VAL D 9 -10.22 -32.00 8.49
CA VAL D 9 -11.64 -32.24 8.30
C VAL D 9 -12.44 -31.50 9.34
N ARG D 10 -13.48 -30.81 8.90
CA ARG D 10 -14.43 -30.22 9.80
C ARG D 10 -15.82 -30.64 9.43
N GLU D 11 -16.48 -31.35 10.33
CA GLU D 11 -17.87 -31.74 10.17
C GLU D 11 -18.79 -30.59 10.62
N THR D 12 -19.84 -30.33 9.87
CA THR D 12 -20.75 -29.24 10.21
C THR D 12 -21.75 -29.66 11.29
N GLN D 13 -22.33 -28.67 11.94
CA GLN D 13 -23.44 -28.91 12.86
C GLN D 13 -24.52 -27.87 12.54
N ILE D 14 -25.18 -28.11 11.42
CA ILE D 14 -26.23 -27.24 10.88
C ILE D 14 -27.36 -28.13 10.39
N PRO D 15 -28.55 -27.55 10.27
CA PRO D 15 -29.66 -28.37 9.78
C PRO D 15 -29.44 -28.82 8.34
N ILE D 16 -29.74 -30.09 8.09
CA ILE D 16 -29.79 -30.65 6.74
C ILE D 16 -31.21 -30.44 6.22
N LEU D 17 -31.42 -29.51 5.30
CA LEU D 17 -32.80 -29.24 4.84
C LEU D 17 -33.24 -30.31 3.85
N ILE D 18 -34.41 -30.90 4.09
CA ILE D 18 -34.87 -32.06 3.32
C ILE D 18 -35.06 -31.70 1.86
N GLU D 19 -35.55 -30.50 1.57
CA GLU D 19 -35.80 -30.08 0.20
C GLU D 19 -34.58 -29.49 -0.54
N ARG D 20 -33.46 -29.28 0.14
CA ARG D 20 -32.27 -28.75 -0.53
C ARG D 20 -31.65 -29.79 -1.45
N GLN D 21 -31.02 -29.33 -2.53
CA GLN D 21 -30.30 -30.20 -3.43
C GLN D 21 -28.88 -30.47 -2.90
N ASP D 22 -28.38 -29.57 -2.04
CA ASP D 22 -27.09 -29.71 -1.39
C ASP D 22 -27.17 -29.29 0.06
N ASN D 23 -26.38 -29.94 0.90
CA ASN D 23 -26.23 -29.53 2.28
C ASN D 23 -24.80 -29.84 2.64
N VAL D 24 -24.12 -28.89 3.26
CA VAL D 24 -22.72 -29.09 3.57
C VAL D 24 -22.58 -30.01 4.79
N LEU D 25 -21.93 -31.16 4.60
CA LEU D 25 -21.81 -32.16 5.67
C LEU D 25 -20.39 -32.18 6.27
N PHE D 26 -19.38 -32.22 5.40
CA PHE D 26 -17.97 -32.18 5.78
C PHE D 26 -17.24 -31.15 4.93
N MSE D 27 -16.33 -30.42 5.54
CA MSE D 27 -15.41 -29.54 4.80
C MSE D 27 -14.01 -30.11 4.98
O MSE D 27 -13.65 -30.52 6.08
CB MSE D 27 -15.48 -28.10 5.32
CG MSE D 27 -16.86 -27.48 5.20
SE MSE D 27 -17.02 -25.98 6.41
CE MSE D 27 -18.77 -25.35 5.90
N LEU D 28 -13.25 -30.19 3.89
CA LEU D 28 -11.87 -30.68 3.91
C LEU D 28 -10.92 -29.61 3.44
N ARG D 29 -9.77 -29.52 4.09
CA ARG D 29 -8.72 -28.58 3.72
C ARG D 29 -7.41 -29.34 3.66
N LEU D 30 -6.73 -29.20 2.54
CA LEU D 30 -5.43 -29.84 2.33
C LEU D 30 -4.46 -28.82 1.76
N ASN D 31 -3.42 -28.51 2.53
CA ASN D 31 -2.34 -27.65 2.03
C ASN D 31 -1.33 -28.55 1.37
N ALA D 32 -1.37 -28.56 0.04
CA ALA D 32 -0.63 -29.53 -0.74
C ALA D 32 0.79 -29.06 -0.93
N LYS D 33 1.73 -29.59 -0.15
CA LYS D 33 3.14 -29.32 -0.38
C LYS D 33 3.71 -30.46 -1.22
N GLU D 34 3.58 -31.69 -0.73
CA GLU D 34 4.06 -32.86 -1.46
C GLU D 34 2.96 -33.51 -2.29
N SER D 35 1.70 -33.26 -1.92
CA SER D 35 0.58 -33.93 -2.56
C SER D 35 0.37 -33.40 -3.97
N ARG D 36 0.08 -34.28 -4.91
CA ARG D 36 -0.15 -33.89 -6.30
C ARG D 36 -1.62 -34.02 -6.68
N SER D 37 -2.26 -35.04 -6.12
CA SER D 37 -3.64 -35.37 -6.49
C SER D 37 -4.43 -36.02 -5.37
N LEU D 38 -5.69 -35.60 -5.21
CA LEU D 38 -6.63 -36.24 -4.29
C LEU D 38 -7.53 -37.16 -5.09
N ASP D 39 -7.48 -38.45 -4.76
CA ASP D 39 -8.01 -39.49 -5.64
C ASP D 39 -9.43 -39.91 -5.29
N GLU D 40 -9.65 -40.21 -4.01
CA GLU D 40 -10.96 -40.66 -3.57
C GLU D 40 -11.14 -40.41 -2.08
N VAL D 41 -12.40 -40.28 -1.70
CA VAL D 41 -12.80 -40.12 -0.32
C VAL D 41 -13.77 -41.24 -0.01
N VAL D 42 -13.54 -41.95 1.08
CA VAL D 42 -14.44 -43.03 1.49
C VAL D 42 -15.20 -42.61 2.73
N LEU D 43 -16.52 -42.65 2.60
CA LEU D 43 -17.46 -42.19 3.61
C LEU D 43 -18.26 -43.39 4.07
N ASN D 44 -18.40 -43.54 5.39
CA ASN D 44 -19.21 -44.59 6.02
CA ASN D 44 -19.24 -44.59 5.96
C ASN D 44 -20.29 -43.99 6.90
N PHE D 45 -21.56 -44.16 6.54
CA PHE D 45 -22.65 -43.72 7.40
C PHE D 45 -22.78 -44.66 8.59
N GLY D 46 -23.30 -44.17 9.70
CA GLY D 46 -23.54 -45.00 10.87
C GLY D 46 -24.50 -46.16 10.57
N LYS D 47 -24.37 -47.25 11.33
CA LYS D 47 -25.17 -48.44 11.06
C LYS D 47 -26.65 -48.19 11.29
N ASP D 48 -26.96 -47.20 12.12
CA ASP D 48 -28.35 -46.90 12.48
C ASP D 48 -29.00 -45.88 11.52
N VAL D 49 -28.25 -45.40 10.54
CA VAL D 49 -28.78 -44.44 9.59
C VAL D 49 -29.74 -45.11 8.61
N ASN D 50 -30.85 -44.44 8.32
CA ASN D 50 -31.79 -44.94 7.32
C ASN D 50 -31.40 -44.50 5.91
N MSE D 51 -30.71 -45.38 5.19
CA MSE D 51 -30.13 -45.02 3.91
C MSE D 51 -31.20 -44.73 2.88
O MSE D 51 -30.99 -43.94 1.97
CB MSE D 51 -29.20 -46.14 3.44
CG MSE D 51 -28.01 -46.36 4.37
SE MSE D 51 -26.98 -44.74 4.67
CE MSE D 51 -26.97 -44.09 2.85
N ALA D 52 -32.36 -45.35 3.05
CA ALA D 52 -33.46 -45.16 2.11
C ALA D 52 -33.96 -43.72 2.06
N ASP D 53 -33.64 -42.93 3.09
CA ASP D 53 -34.07 -41.54 3.13
C ASP D 53 -33.04 -40.58 2.48
N ILE D 54 -31.94 -41.12 2.01
CA ILE D 54 -30.89 -40.31 1.44
C ILE D 54 -30.89 -40.47 -0.08
N GLN D 55 -30.86 -39.35 -0.79
CA GLN D 55 -30.91 -39.36 -2.25
C GLN D 55 -29.53 -39.41 -2.86
N SER D 56 -28.63 -38.59 -2.34
CA SER D 56 -27.27 -38.62 -2.88
C SER D 56 -26.23 -38.00 -1.96
N VAL D 57 -24.98 -38.37 -2.26
CA VAL D 57 -23.81 -37.82 -1.63
C VAL D 57 -22.87 -37.37 -2.73
N LYS D 58 -22.31 -36.16 -2.58
CA LYS D 58 -21.45 -35.58 -3.60
C LYS D 58 -20.18 -35.07 -2.99
N LEU D 59 -19.13 -35.10 -3.79
CA LEU D 59 -17.85 -34.50 -3.42
C LEU D 59 -17.60 -33.32 -4.33
N TYR D 60 -17.43 -32.16 -3.71
CA TYR D 60 -17.15 -30.93 -4.45
C TYR D 60 -15.71 -30.47 -4.24
N TYR D 61 -15.15 -29.87 -5.27
CA TYR D 61 -13.88 -29.15 -5.16
C TYR D 61 -14.15 -27.68 -5.31
N SER D 62 -13.62 -26.89 -4.38
CA SER D 62 -13.92 -25.47 -4.34
C SER D 62 -12.65 -24.68 -4.43
N GLY D 63 -11.56 -25.29 -4.90
CA GLY D 63 -10.37 -24.55 -5.26
C GLY D 63 -9.48 -24.15 -4.10
N THR D 64 -8.92 -22.94 -4.15
CA THR D 64 -7.85 -22.56 -3.23
C THR D 64 -8.24 -21.35 -2.36
N GLU D 65 -7.25 -20.79 -1.65
CA GLU D 65 -7.45 -19.70 -0.69
C GLU D 65 -6.54 -18.56 -1.07
N ALA D 66 -6.87 -17.33 -0.68
CA ALA D 66 -5.92 -16.23 -0.89
C ALA D 66 -4.69 -16.48 0.01
N ARG D 67 -3.48 -16.22 -0.49
CA ARG D 67 -2.28 -16.58 0.26
C ARG D 67 -2.21 -15.92 1.66
N GLN D 68 -2.73 -14.69 1.79
CA GLN D 68 -2.68 -13.99 3.07
C GLN D 68 -3.54 -14.66 4.13
N ASN D 69 -4.43 -15.57 3.69
CA ASN D 69 -5.30 -16.31 4.61
C ASN D 69 -4.85 -17.73 4.96
N TYR D 70 -3.64 -18.12 4.53
CA TYR D 70 -3.19 -19.49 4.77
C TYR D 70 -3.09 -19.88 6.23
N GLY D 71 -2.82 -18.90 7.09
CA GLY D 71 -2.70 -19.19 8.51
C GLY D 71 -3.97 -19.02 9.30
N LYS D 72 -5.09 -18.73 8.64
CA LYS D 72 -6.35 -18.45 9.34
C LYS D 72 -7.19 -19.67 9.61
N LYS D 73 -6.81 -20.80 9.02
CA LYS D 73 -7.45 -22.10 9.31
C LYS D 73 -8.92 -22.13 8.89
N PHE D 74 -9.26 -21.39 7.84
CA PHE D 74 -10.60 -21.49 7.27
C PHE D 74 -10.80 -22.87 6.63
N PHE D 75 -12.05 -23.31 6.56
CA PHE D 75 -12.36 -24.60 5.91
C PHE D 75 -13.11 -24.43 4.58
N THR D 76 -13.41 -23.19 4.21
CA THR D 76 -14.00 -22.85 2.92
C THR D 76 -13.45 -21.51 2.46
N PRO D 77 -13.49 -21.24 1.14
CA PRO D 77 -13.07 -19.93 0.64
C PRO D 77 -14.21 -18.94 0.60
N VAL D 78 -15.43 -19.44 0.73
CA VAL D 78 -16.63 -18.71 0.42
C VAL D 78 -17.81 -19.54 0.92
N SER D 79 -18.96 -18.91 1.16
CA SER D 79 -20.18 -19.66 1.45
C SER D 79 -20.69 -20.41 0.24
N TYR D 80 -20.87 -21.71 0.39
CA TYR D 80 -21.17 -22.55 -0.77
C TYR D 80 -22.63 -22.50 -1.22
N ILE D 81 -23.54 -22.31 -0.27
CA ILE D 81 -24.98 -22.35 -0.56
C ILE D 81 -25.62 -21.14 0.08
N SER D 82 -26.24 -20.31 -0.74
CA SER D 82 -26.84 -19.08 -0.26
C SER D 82 -28.12 -19.35 0.49
N SER D 83 -28.37 -18.63 1.57
CA SER D 83 -29.70 -18.61 2.16
C SER D 83 -30.37 -17.24 1.92
N HIS D 84 -29.81 -16.44 1.02
CA HIS D 84 -30.33 -15.08 0.79
C HIS D 84 -30.66 -14.73 -0.64
N THR D 85 -30.03 -15.38 -1.60
CA THR D 85 -30.19 -15.01 -2.99
C THR D 85 -31.54 -15.51 -3.49
N PRO D 86 -32.45 -14.58 -3.84
CA PRO D 86 -33.79 -15.06 -4.21
C PRO D 86 -33.78 -16.08 -5.31
N GLY D 87 -34.45 -17.21 -5.06
CA GLY D 87 -34.57 -18.26 -6.04
C GLY D 87 -33.34 -19.13 -6.20
N LYS D 88 -32.30 -18.87 -5.40
CA LYS D 88 -31.05 -19.61 -5.54
C LYS D 88 -30.50 -20.09 -4.19
N THR D 89 -31.38 -20.64 -3.36
CA THR D 89 -30.96 -21.08 -2.03
C THR D 89 -31.04 -22.61 -1.84
N LEU D 90 -31.38 -23.35 -2.89
CA LEU D 90 -31.54 -24.79 -2.78
C LEU D 90 -30.32 -25.61 -3.20
N ALA D 91 -29.48 -25.05 -4.05
CA ALA D 91 -28.35 -25.81 -4.58
C ALA D 91 -27.09 -25.01 -4.44
N ALA D 92 -25.98 -25.72 -4.31
CA ALA D 92 -24.68 -25.10 -4.31
C ALA D 92 -24.52 -24.18 -5.50
N ASN D 93 -23.99 -23.00 -5.27
CA ASN D 93 -23.64 -22.10 -6.35
C ASN D 93 -22.57 -22.77 -7.20
N PRO D 94 -22.84 -23.01 -8.48
CA PRO D 94 -21.88 -23.84 -9.22
C PRO D 94 -20.59 -23.12 -9.60
N SER D 95 -20.56 -21.79 -9.46
CA SER D 95 -19.34 -21.01 -9.70
C SER D 95 -18.35 -21.13 -8.55
N TYR D 96 -18.82 -21.57 -7.40
CA TYR D 96 -17.94 -21.75 -6.23
C TYR D 96 -17.47 -23.17 -6.01
N SER D 97 -18.21 -24.13 -6.55
CA SER D 97 -17.96 -25.54 -6.25
C SER D 97 -18.15 -26.41 -7.48
N ILE D 98 -17.16 -27.26 -7.75
CA ILE D 98 -17.18 -28.17 -8.90
C ILE D 98 -17.47 -29.59 -8.41
N ASN D 99 -18.54 -30.17 -8.95
CA ASN D 99 -18.97 -31.52 -8.59
C ASN D 99 -18.02 -32.54 -9.23
N LYS D 100 -17.23 -33.19 -8.39
CA LYS D 100 -16.23 -34.15 -8.83
C LYS D 100 -16.80 -35.54 -8.86
N SER D 101 -17.76 -35.83 -8.00
CA SER D 101 -18.31 -37.18 -8.00
C SER D 101 -19.57 -37.25 -7.17
N GLN D 102 -20.44 -38.15 -7.57
CA GLN D 102 -21.74 -38.23 -6.93
C GLN D 102 -22.23 -39.65 -6.94
N VAL D 103 -22.77 -40.07 -5.79
CA VAL D 103 -23.37 -41.39 -5.66
C VAL D 103 -24.85 -41.18 -5.34
N ASN D 104 -25.71 -41.68 -6.20
CA ASN D 104 -27.15 -41.63 -6.01
C ASN D 104 -27.63 -42.88 -5.34
N ASN D 105 -28.63 -42.72 -4.47
CA ASN D 105 -29.18 -43.83 -3.69
C ASN D 105 -28.06 -44.62 -3.05
N PRO D 106 -27.22 -43.94 -2.25
CA PRO D 106 -26.02 -44.56 -1.70
C PRO D 106 -26.31 -45.71 -0.75
N GLY D 107 -25.37 -46.64 -0.69
CA GLY D 107 -25.33 -47.61 0.37
C GLY D 107 -24.62 -46.97 1.56
N ARG D 108 -24.48 -47.76 2.63
CA ARG D 108 -23.87 -47.27 3.86
CA ARG D 108 -23.88 -47.23 3.86
C ARG D 108 -22.44 -46.80 3.64
N LYS D 109 -21.71 -47.53 2.79
CA LYS D 109 -20.34 -47.17 2.44
C LYS D 109 -20.36 -46.50 1.08
N VAL D 110 -19.76 -45.31 1.01
CA VAL D 110 -19.77 -44.51 -0.20
C VAL D 110 -18.34 -44.23 -0.63
N ILE D 111 -18.03 -44.55 -1.88
CA ILE D 111 -16.73 -44.24 -2.42
C ILE D 111 -16.89 -43.10 -3.40
N LEU D 112 -16.29 -41.96 -3.07
CA LEU D 112 -16.35 -40.77 -3.91
C LEU D 112 -15.00 -40.55 -4.60
N ASN D 113 -14.96 -40.67 -5.92
CA ASN D 113 -13.73 -40.45 -6.67
C ASN D 113 -13.58 -38.97 -7.06
N ALA D 114 -12.54 -38.32 -6.57
CA ALA D 114 -12.30 -36.92 -6.91
C ALA D 114 -11.46 -36.84 -8.17
N ASN D 115 -10.37 -37.60 -8.19
CA ASN D 115 -9.42 -37.49 -9.30
C ASN D 115 -9.05 -36.02 -9.54
N GLN D 116 -8.69 -35.33 -8.46
CA GLN D 116 -8.47 -33.89 -8.53
C GLN D 116 -7.00 -33.54 -8.37
N LYS D 117 -6.41 -33.02 -9.45
CA LYS D 117 -5.08 -32.44 -9.38
C LYS D 117 -5.11 -31.27 -8.40
N LEU D 118 -4.14 -31.20 -7.51
CA LEU D 118 -4.19 -30.22 -6.43
C LEU D 118 -3.48 -28.92 -6.76
N PHE D 119 -4.04 -27.83 -6.28
CA PHE D 119 -3.35 -26.54 -6.34
C PHE D 119 -2.12 -26.60 -5.42
N PRO D 120 -0.97 -26.05 -5.84
CA PRO D 120 0.21 -26.00 -4.97
C PRO D 120 0.04 -25.00 -3.83
N GLY D 121 -0.66 -25.45 -2.78
CA GLY D 121 -1.09 -24.60 -1.69
C GLY D 121 -2.39 -25.18 -1.15
N ILE D 122 -3.26 -24.33 -0.61
CA ILE D 122 -4.51 -24.80 -0.02
C ILE D 122 -5.49 -25.28 -1.09
N ASN D 123 -6.14 -26.37 -0.76
CA ASN D 123 -7.20 -26.93 -1.56
C ASN D 123 -8.39 -27.22 -0.66
N TYR D 124 -9.57 -26.78 -1.08
CA TYR D 124 -10.80 -27.03 -0.33
C TYR D 124 -11.69 -28.01 -1.05
N PHE D 125 -12.24 -28.97 -0.31
CA PHE D 125 -13.24 -29.91 -0.81
C PHE D 125 -14.37 -29.94 0.19
N TRP D 126 -15.52 -30.40 -0.25
CA TRP D 126 -16.58 -30.63 0.71
C TRP D 126 -17.52 -31.73 0.25
N ILE D 127 -18.19 -32.32 1.22
CA ILE D 127 -19.14 -33.39 0.96
C ILE D 127 -20.54 -32.85 1.16
N SER D 128 -21.37 -33.07 0.14
CA SER D 128 -22.75 -32.61 0.13
C SER D 128 -23.67 -33.79 0.39
N LEU D 129 -24.65 -33.59 1.29
CA LEU D 129 -25.69 -34.61 1.57
C LEU D 129 -27.03 -34.13 1.06
N GLN D 130 -27.69 -34.95 0.26
CA GLN D 130 -29.05 -34.64 -0.24
C GLN D 130 -30.02 -35.73 0.19
N MSE D 131 -31.06 -35.31 0.90
CA MSE D 131 -32.11 -36.20 1.37
C MSE D 131 -33.14 -36.48 0.28
O MSE D 131 -33.27 -35.72 -0.66
CB MSE D 131 -32.83 -35.58 2.59
CG MSE D 131 -31.93 -35.17 3.74
SE MSE D 131 -30.75 -36.57 4.40
CE MSE D 131 -32.04 -37.85 5.10
N LYS D 132 -33.89 -37.57 0.42
CA LYS D 132 -35.09 -37.73 -0.39
C LYS D 132 -36.19 -36.79 0.11
N PRO D 133 -36.99 -36.23 -0.81
CA PRO D 133 -38.05 -35.28 -0.45
C PRO D 133 -38.96 -35.76 0.65
N GLY D 134 -39.14 -37.08 0.75
CA GLY D 134 -40.05 -37.64 1.73
C GLY D 134 -39.45 -38.10 3.05
N ALA D 135 -38.20 -37.71 3.31
CA ALA D 135 -37.51 -38.15 4.53
C ALA D 135 -38.26 -37.72 5.78
N SER D 136 -38.14 -38.52 6.82
CA SER D 136 -38.77 -38.20 8.10
C SER D 136 -38.02 -37.07 8.81
N LEU D 137 -38.77 -36.17 9.44
CA LEU D 137 -38.18 -35.05 10.15
CA LEU D 137 -38.22 -35.05 10.19
C LEU D 137 -37.36 -35.46 11.35
N LEU D 138 -37.55 -36.70 11.79
CA LEU D 138 -36.84 -37.18 12.96
C LEU D 138 -35.59 -37.94 12.60
N ASP D 139 -35.30 -38.04 11.32
CA ASP D 139 -34.04 -38.66 10.88
C ASP D 139 -32.82 -38.03 11.53
N LYS D 140 -31.94 -38.89 12.06
CA LYS D 140 -30.60 -38.46 12.37
C LYS D 140 -29.59 -39.19 11.49
N VAL D 141 -28.58 -38.43 11.06
CA VAL D 141 -27.55 -38.91 10.18
C VAL D 141 -26.21 -38.74 10.84
N SER D 142 -25.47 -39.83 10.88
CA SER D 142 -24.09 -39.80 11.34
C SER D 142 -23.24 -40.41 10.26
N ALA D 143 -21.98 -39.98 10.20
CA ALA D 143 -21.05 -40.52 9.21
C ALA D 143 -19.62 -40.19 9.59
N LYS D 144 -18.70 -40.94 9.00
CA LYS D 144 -17.28 -40.74 9.21
C LYS D 144 -16.57 -40.78 7.88
N ILE D 145 -15.56 -39.92 7.72
CA ILE D 145 -14.65 -40.06 6.62
C ILE D 145 -13.63 -41.08 7.08
N VAL D 146 -13.62 -42.23 6.44
CA VAL D 146 -12.77 -43.33 6.90
C VAL D 146 -11.38 -43.21 6.26
N THR D 147 -11.33 -42.84 4.99
CA THR D 147 -10.07 -42.68 4.28
CA THR D 147 -10.05 -42.62 4.34
C THR D 147 -10.11 -41.54 3.27
N VAL D 148 -8.97 -40.90 3.09
CA VAL D 148 -8.78 -39.95 2.00
C VAL D 148 -7.48 -40.36 1.33
N LYS D 149 -7.61 -40.77 0.07
CA LYS D 149 -6.49 -41.23 -0.74
CA LYS D 149 -6.45 -41.22 -0.70
C LYS D 149 -5.85 -40.05 -1.46
N VAL D 150 -4.54 -39.88 -1.29
CA VAL D 150 -3.79 -38.83 -1.96
C VAL D 150 -2.59 -39.49 -2.65
N ASP D 151 -2.44 -39.24 -3.94
CA ASP D 151 -1.36 -39.89 -4.68
C ASP D 151 -1.38 -41.40 -4.42
N ASN D 152 -2.57 -41.99 -4.46
CA ASN D 152 -2.72 -43.42 -4.31
C ASN D 152 -2.25 -43.98 -2.96
N LYS D 153 -2.17 -43.14 -1.93
CA LYS D 153 -1.87 -43.59 -0.56
C LYS D 153 -2.86 -42.98 0.44
N GLU D 154 -3.10 -43.65 1.56
CA GLU D 154 -3.96 -43.09 2.59
C GLU D 154 -3.28 -41.89 3.24
N ALA D 155 -3.93 -40.74 3.19
CA ALA D 155 -3.36 -39.51 3.72
C ALA D 155 -3.56 -39.44 5.22
N LEU D 156 -2.67 -38.69 5.89
CA LEU D 156 -2.92 -38.34 7.28
C LEU D 156 -4.16 -37.46 7.37
N MSE D 157 -4.98 -37.71 8.38
CA MSE D 157 -6.18 -36.94 8.63
C MSE D 157 -6.15 -36.37 10.02
O MSE D 157 -5.66 -36.97 10.96
CB MSE D 157 -7.43 -37.78 8.47
CG MSE D 157 -7.70 -38.28 7.07
SE MSE D 157 -9.32 -39.36 7.08
CE MSE D 157 -10.47 -38.00 7.70
N HIS D 158 -6.71 -35.17 10.13
CA HIS D 158 -6.96 -34.59 11.44
C HIS D 158 -8.34 -33.96 11.39
N THR D 159 -9.22 -34.44 12.25
CA THR D 159 -10.59 -33.96 12.35
C THR D 159 -10.70 -33.00 13.52
N VAL D 160 -11.12 -31.76 13.25
CA VAL D 160 -11.16 -30.74 14.28
C VAL D 160 -12.48 -30.68 15.00
N SER D 161 -13.50 -31.32 14.43
CA SER D 161 -14.84 -31.29 15.00
C SER D 161 -15.02 -32.50 15.90
N PRO D 162 -16.03 -32.46 16.79
CA PRO D 162 -16.19 -33.56 17.76
C PRO D 162 -16.70 -34.85 17.15
N GLU D 163 -16.50 -35.95 17.87
CA GLU D 163 -17.03 -37.26 17.47
C GLU D 163 -18.52 -37.37 17.76
N ASN D 164 -19.17 -38.33 17.12
CA ASN D 164 -20.57 -38.65 17.37
C ASN D 164 -21.51 -37.48 17.11
N ILE D 165 -21.24 -36.71 16.06
CA ILE D 165 -22.21 -35.70 15.65
C ILE D 165 -23.45 -36.42 15.09
N ALA D 166 -24.64 -36.10 15.59
CA ALA D 166 -25.87 -36.56 14.97
C ALA D 166 -26.44 -35.40 14.16
N HIS D 167 -26.42 -35.52 12.84
CA HIS D 167 -26.94 -34.45 12.00
C HIS D 167 -28.46 -34.56 11.98
N ARG D 168 -29.12 -33.45 12.21
CA ARG D 168 -30.57 -33.44 12.17
C ARG D 168 -31.03 -32.87 10.86
N VAL D 169 -32.19 -33.30 10.39
CA VAL D 169 -32.79 -32.71 9.22
C VAL D 169 -33.72 -31.58 9.66
N GLY D 170 -34.20 -30.81 8.69
CA GLY D 170 -35.14 -29.73 8.96
C GLY D 170 -35.87 -29.39 7.69
N VAL D 171 -36.88 -28.53 7.81
CA VAL D 171 -37.62 -28.04 6.65
C VAL D 171 -37.49 -26.53 6.53
N GLY D 172 -37.12 -26.07 5.34
CA GLY D 172 -37.09 -24.66 5.04
C GLY D 172 -38.50 -24.27 4.64
N VAL D 173 -39.29 -23.87 5.62
CA VAL D 173 -40.67 -23.47 5.38
C VAL D 173 -40.72 -22.25 4.45
N ARG D 174 -39.81 -21.31 4.64
CA ARG D 174 -39.66 -20.18 3.71
C ARG D 174 -38.21 -19.99 3.41
N HIS D 175 -37.92 -19.88 2.11
CA HIS D 175 -36.62 -19.52 1.58
C HIS D 175 -36.70 -18.12 0.98
N ALA D 176 -35.59 -17.39 1.06
CA ALA D 176 -35.46 -16.10 0.41
C ALA D 176 -36.00 -16.19 -1.01
N GLY D 177 -36.87 -15.25 -1.39
CA GLY D 177 -37.43 -15.22 -2.73
C GLY D 177 -38.77 -15.92 -2.91
N ASP D 178 -39.14 -16.81 -1.99
CA ASP D 178 -40.41 -17.55 -2.12
C ASP D 178 -41.59 -16.59 -2.27
N ASP D 179 -42.51 -16.94 -3.16
CA ASP D 179 -43.73 -16.16 -3.36
C ASP D 179 -43.48 -14.66 -3.57
N GLY D 180 -42.38 -14.34 -4.24
CA GLY D 180 -42.09 -12.96 -4.62
C GLY D 180 -41.52 -12.09 -3.51
N SER D 181 -41.18 -12.68 -2.39
CA SER D 181 -40.71 -11.91 -1.26
C SER D 181 -39.20 -12.08 -1.08
N ALA D 182 -38.49 -10.97 -0.97
CA ALA D 182 -37.07 -11.02 -0.76
C ALA D 182 -36.71 -11.77 0.51
N ALA D 183 -37.49 -11.58 1.57
CA ALA D 183 -37.06 -12.10 2.87
C ALA D 183 -38.25 -12.46 3.71
N PHE D 184 -37.97 -13.31 4.71
CA PHE D 184 -38.91 -13.66 5.73
C PHE D 184 -38.21 -13.63 7.09
N ARG D 185 -38.88 -13.07 8.09
CA ARG D 185 -38.28 -12.88 9.42
C ARG D 185 -39.34 -12.93 10.49
N ILE D 186 -38.85 -13.10 11.72
CA ILE D 186 -39.60 -12.98 12.95
C ILE D 186 -40.62 -14.10 13.12
N PRO D 187 -40.15 -15.28 13.53
CA PRO D 187 -41.02 -16.46 13.65
C PRO D 187 -41.92 -16.47 14.87
N GLY D 188 -43.14 -16.99 14.70
CA GLY D 188 -43.97 -17.37 15.82
C GLY D 188 -44.54 -18.75 15.50
N LEU D 189 -44.79 -19.55 16.55
CA LEU D 189 -45.20 -20.93 16.35
C LEU D 189 -46.15 -21.33 17.46
N ALA D 190 -47.23 -21.98 17.06
CA ALA D 190 -48.16 -22.51 18.04
C ALA D 190 -48.81 -23.79 17.50
N THR D 191 -49.31 -24.59 18.42
CA THR D 191 -49.98 -25.83 18.07
C THR D 191 -51.42 -25.71 18.47
N THR D 192 -52.34 -25.98 17.54
CA THR D 192 -53.76 -25.89 17.88
C THR D 192 -54.21 -27.11 18.65
N ASN D 193 -55.44 -27.07 19.18
CA ASN D 193 -55.98 -28.21 19.93
C ASN D 193 -56.14 -29.46 19.05
N LYS D 194 -56.12 -29.26 17.73
CA LYS D 194 -56.21 -30.38 16.79
C LYS D 194 -54.85 -30.91 16.36
N GLY D 195 -53.77 -30.33 16.89
CA GLY D 195 -52.42 -30.78 16.56
C GLY D 195 -51.82 -30.09 15.35
N THR D 196 -52.55 -29.12 14.83
CA THR D 196 -52.11 -28.37 13.68
C THR D 196 -51.00 -27.39 14.08
N LEU D 197 -49.95 -27.29 13.28
CA LEU D 197 -48.91 -26.32 13.56
C LEU D 197 -49.16 -25.04 12.74
N LEU D 198 -49.11 -23.91 13.41
CA LEU D 198 -49.28 -22.61 12.77
C LEU D 198 -48.03 -21.79 13.00
N GLY D 199 -47.32 -21.51 11.92
CA GLY D 199 -46.11 -20.71 11.96
C GLY D 199 -46.35 -19.35 11.30
N VAL D 200 -46.05 -18.26 12.00
CA VAL D 200 -46.23 -16.93 11.43
C VAL D 200 -44.88 -16.22 11.31
N TYR D 201 -44.83 -15.22 10.44
CA TYR D 201 -43.59 -14.48 10.15
C TYR D 201 -43.93 -13.23 9.32
N ASP D 202 -42.99 -12.29 9.33
CA ASP D 202 -42.96 -11.15 8.41
C ASP D 202 -42.71 -11.66 7.01
N VAL D 203 -43.47 -11.15 6.06
CA VAL D 203 -43.18 -11.31 4.65
C VAL D 203 -42.60 -9.97 4.22
N ARG D 204 -41.28 -9.90 4.10
CA ARG D 204 -40.59 -8.63 3.83
C ARG D 204 -40.23 -8.55 2.35
N TYR D 205 -41.12 -7.93 1.58
CA TYR D 205 -41.08 -8.08 0.13
C TYR D 205 -39.89 -7.46 -0.59
N ASN D 206 -39.50 -6.25 -0.20
CA ASN D 206 -38.46 -5.52 -0.93
C ASN D 206 -37.05 -5.83 -0.47
N SER D 207 -36.89 -6.19 0.79
CA SER D 207 -35.55 -6.38 1.40
C SER D 207 -35.74 -6.95 2.79
N SER D 208 -34.66 -7.21 3.50
CA SER D 208 -34.76 -7.73 4.87
C SER D 208 -34.91 -6.67 5.95
N VAL D 209 -35.00 -5.40 5.56
CA VAL D 209 -35.08 -4.30 6.51
CA VAL D 209 -35.05 -4.33 6.55
C VAL D 209 -36.37 -4.34 7.35
N ASP D 210 -36.29 -3.88 8.60
CA ASP D 210 -37.45 -3.82 9.50
C ASP D 210 -38.52 -2.78 9.02
N LEU D 211 -39.73 -2.84 9.57
CA LEU D 211 -40.70 -1.74 9.37
C LEU D 211 -40.01 -0.40 9.64
N GLN D 212 -40.39 0.65 8.92
CA GLN D 212 -41.45 0.70 7.93
C GLN D 212 -41.01 0.16 6.60
N GLU D 213 -41.85 -0.60 5.93
CA GLU D 213 -41.53 -1.10 4.58
C GLU D 213 -42.72 -1.90 4.10
N HIS D 214 -42.64 -2.43 2.88
CA HIS D 214 -43.71 -3.27 2.36
C HIS D 214 -43.64 -4.66 3.02
N VAL D 215 -44.45 -4.86 4.04
CA VAL D 215 -44.39 -6.07 4.88
C VAL D 215 -45.81 -6.54 5.20
N ASP D 216 -46.06 -7.84 5.03
CA ASP D 216 -47.30 -8.49 5.46
C ASP D 216 -46.97 -9.53 6.52
N VAL D 217 -47.98 -9.99 7.25
CA VAL D 217 -47.81 -11.14 8.11
C VAL D 217 -48.27 -12.37 7.36
N GLY D 218 -47.36 -13.32 7.22
CA GLY D 218 -47.65 -14.58 6.55
C GLY D 218 -47.83 -15.70 7.55
N LEU D 219 -48.44 -16.77 7.07
CA LEU D 219 -48.69 -17.93 7.90
C LEU D 219 -48.57 -19.22 7.10
N SER D 220 -47.78 -20.14 7.66
CA SER D 220 -47.65 -21.51 7.14
C SER D 220 -48.30 -22.52 8.08
N ARG D 221 -49.15 -23.38 7.52
CA ARG D 221 -49.98 -24.32 8.29
C ARG D 221 -49.58 -25.74 7.99
N SER D 222 -49.36 -26.56 9.01
CA SER D 222 -49.02 -27.96 8.77
C SER D 222 -49.95 -28.88 9.52
N VAL D 223 -50.52 -29.85 8.80
CA VAL D 223 -51.38 -30.85 9.42
C VAL D 223 -50.64 -32.17 9.65
N ASP D 224 -49.34 -32.21 9.38
CA ASP D 224 -48.60 -33.46 9.61
C ASP D 224 -47.32 -33.32 10.44
N GLY D 225 -47.40 -32.50 11.47
CA GLY D 225 -46.29 -32.40 12.42
C GLY D 225 -45.08 -31.67 11.89
N GLY D 226 -45.28 -30.90 10.82
CA GLY D 226 -44.24 -30.02 10.30
C GLY D 226 -43.48 -30.56 9.12
N LYS D 227 -43.84 -31.74 8.69
CA LYS D 227 -43.24 -32.33 7.52
C LYS D 227 -43.62 -31.57 6.25
N THR D 228 -44.89 -31.19 6.17
CA THR D 228 -45.43 -30.52 5.00
C THR D 228 -46.20 -29.29 5.41
N TRP D 229 -46.10 -28.24 4.60
CA TRP D 229 -46.70 -26.95 4.96
C TRP D 229 -47.56 -26.48 3.83
N GLU D 230 -48.78 -26.06 4.15
CA GLU D 230 -49.70 -25.58 3.13
C GLU D 230 -49.26 -24.24 2.53
N LYS D 231 -49.80 -23.94 1.35
CA LYS D 231 -49.61 -22.65 0.70
C LYS D 231 -49.74 -21.49 1.70
N MSE D 232 -48.77 -20.58 1.64
CA MSE D 232 -48.75 -19.43 2.54
C MSE D 232 -50.07 -18.65 2.53
O MSE D 232 -50.62 -18.38 1.48
CB MSE D 232 -47.62 -18.47 2.15
CG MSE D 232 -47.46 -17.31 3.11
SE MSE D 232 -45.98 -16.18 2.70
CE MSE D 232 -46.62 -15.46 1.01
N ARG D 233 -50.58 -18.34 3.73
CA ARG D 233 -51.71 -17.44 3.92
C ARG D 233 -51.19 -16.11 4.43
N LEU D 234 -52.02 -15.06 4.33
CA LEU D 234 -51.65 -13.73 4.76
C LEU D 234 -52.71 -13.16 5.74
N PRO D 235 -52.63 -13.52 7.03
CA PRO D 235 -53.64 -13.05 8.02
C PRO D 235 -53.72 -11.53 8.15
N LEU D 236 -52.61 -10.84 7.95
CA LEU D 236 -52.60 -9.38 8.04
C LEU D 236 -51.81 -8.79 6.88
N ALA D 237 -52.45 -7.85 6.19
CA ALA D 237 -51.87 -7.16 5.06
C ALA D 237 -52.66 -5.90 4.80
N PHE D 238 -52.00 -4.77 4.66
CA PHE D 238 -52.73 -3.49 4.57
C PHE D 238 -52.67 -2.78 3.23
N GLY D 239 -51.85 -3.26 2.30
CA GLY D 239 -51.87 -2.71 0.94
C GLY D 239 -51.81 -1.19 0.93
N GLU D 240 -52.70 -0.54 0.19
CA GLU D 240 -52.69 0.90 0.08
C GLU D 240 -53.72 1.56 0.99
N THR D 241 -53.84 1.04 2.21
CA THR D 241 -54.76 1.63 3.19
C THR D 241 -54.52 3.12 3.40
N GLY D 242 -55.61 3.88 3.41
CA GLY D 242 -55.53 5.31 3.65
C GLY D 242 -54.98 6.10 2.48
N GLY D 243 -54.80 5.44 1.33
CA GLY D 243 -54.27 6.08 0.15
C GLY D 243 -52.74 6.18 0.12
N LEU D 244 -52.06 5.63 1.13
CA LEU D 244 -50.60 5.60 1.09
C LEU D 244 -50.06 4.35 0.37
N PRO D 245 -48.84 4.44 -0.16
CA PRO D 245 -48.23 3.27 -0.80
C PRO D 245 -48.13 2.08 0.14
N ALA D 246 -48.08 0.89 -0.45
CA ALA D 246 -47.99 -0.34 0.36
C ALA D 246 -46.74 -0.33 1.24
N ALA D 247 -45.63 0.25 0.77
CA ALA D 247 -44.42 0.27 1.60
C ALA D 247 -44.49 1.24 2.78
N GLN D 248 -45.59 1.99 2.88
CA GLN D 248 -45.86 2.84 4.04
C GLN D 248 -47.10 2.32 4.80
N ASN D 249 -47.26 1.02 4.76
CA ASN D 249 -48.38 0.33 5.37
C ASN D 249 -48.00 -1.05 5.85
N GLY D 250 -46.75 -1.21 6.23
CA GLY D 250 -46.26 -2.49 6.66
C GLY D 250 -46.91 -2.97 7.94
N VAL D 251 -47.04 -4.28 8.06
CA VAL D 251 -47.48 -4.88 9.32
C VAL D 251 -46.61 -6.11 9.62
N GLY D 252 -46.08 -6.19 10.84
CA GLY D 252 -45.12 -7.23 11.18
C GLY D 252 -44.83 -7.39 12.66
N ASP D 253 -43.75 -8.13 12.92
CA ASP D 253 -43.30 -8.62 14.24
C ASP D 253 -44.39 -9.45 14.91
N PRO D 254 -44.94 -10.41 14.19
CA PRO D 254 -46.14 -11.08 14.69
C PRO D 254 -45.92 -11.93 15.93
N SER D 255 -46.99 -12.06 16.69
CA SER D 255 -47.07 -13.02 17.77
C SER D 255 -48.39 -13.81 17.64
N ILE D 256 -48.32 -15.12 17.88
CA ILE D 256 -49.47 -15.99 17.69
C ILE D 256 -49.81 -16.69 19.00
N LEU D 257 -51.10 -16.86 19.27
CA LEU D 257 -51.48 -17.70 20.37
C LEU D 257 -52.72 -18.46 20.01
N VAL D 258 -52.84 -19.63 20.63
CA VAL D 258 -54.03 -20.47 20.55
C VAL D 258 -54.78 -20.40 21.88
N ASP D 259 -56.05 -19.99 21.80
CA ASP D 259 -56.95 -20.00 22.95
C ASP D 259 -57.33 -21.46 23.15
N THR D 260 -56.75 -22.09 24.16
CA THR D 260 -56.95 -23.53 24.32
C THR D 260 -58.37 -23.86 24.74
N LYS D 261 -59.12 -22.88 25.21
CA LYS D 261 -60.50 -23.16 25.62
C LYS D 261 -61.42 -23.35 24.42
N THR D 262 -61.12 -22.67 23.31
CA THR D 262 -62.02 -22.66 22.14
C THR D 262 -61.37 -23.10 20.83
N ASN D 263 -60.04 -23.25 20.83
CA ASN D 263 -59.22 -23.47 19.62
C ASN D 263 -59.18 -22.32 18.63
N THR D 264 -59.66 -21.15 19.03
CA THR D 264 -59.51 -19.97 18.23
C THR D 264 -58.05 -19.53 18.28
N THR D 265 -57.50 -19.16 17.13
CA THR D 265 -56.13 -18.67 17.06
C THR D 265 -56.12 -17.18 16.83
N TRP D 266 -55.23 -16.49 17.55
CA TRP D 266 -55.06 -15.06 17.48
C TRP D 266 -53.67 -14.70 16.99
N VAL D 267 -53.58 -13.80 16.04
CA VAL D 267 -52.29 -13.24 15.63
C VAL D 267 -52.35 -11.74 15.86
N VAL D 268 -51.35 -11.24 16.58
CA VAL D 268 -51.22 -9.82 16.82
C VAL D 268 -49.96 -9.30 16.15
N ALA D 269 -50.06 -8.11 15.59
CA ALA D 269 -48.91 -7.48 14.94
C ALA D 269 -49.00 -5.97 14.99
N ALA D 270 -47.91 -5.33 14.58
CA ALA D 270 -47.80 -3.89 14.56
C ALA D 270 -48.01 -3.38 13.16
N TRP D 271 -49.07 -2.59 12.97
CA TRP D 271 -49.32 -1.96 11.68
C TRP D 271 -48.79 -0.52 11.72
N THR D 272 -47.80 -0.26 10.89
CA THR D 272 -47.19 1.06 10.80
C THR D 272 -47.65 1.72 9.51
N HIS D 273 -48.18 2.92 9.68
CA HIS D 273 -48.74 3.70 8.58
C HIS D 273 -47.93 4.99 8.40
N GLY D 274 -47.53 5.31 7.18
CA GLY D 274 -46.73 6.51 6.94
C GLY D 274 -45.24 6.27 7.21
N MSE D 275 -44.60 7.21 7.88
CA MSE D 275 -43.20 7.08 8.34
C MSE D 275 -42.14 7.00 7.24
O MSE D 275 -40.98 6.60 7.48
CB MSE D 275 -43.07 5.84 9.24
CG MSE D 275 -44.03 5.90 10.44
SE MSE D 275 -43.85 4.35 11.57
CE MSE D 275 -45.48 4.63 12.57
N GLY D 276 -42.50 7.42 6.04
CA GLY D 276 -41.55 7.38 4.93
C GLY D 276 -40.98 5.97 4.76
N ASN D 277 -39.67 5.87 4.59
CA ASN D 277 -39.01 4.59 4.51
C ASN D 277 -38.03 4.39 5.66
N GLN D 278 -38.34 4.97 6.81
CA GLN D 278 -37.49 4.87 8.00
C GLN D 278 -37.98 3.77 8.97
N ARG D 279 -37.15 3.47 9.96
CA ARG D 279 -37.47 2.39 10.88
C ARG D 279 -38.55 2.84 11.86
N ALA D 280 -39.54 1.99 12.04
CA ALA D 280 -40.67 2.34 12.88
C ALA D 280 -40.20 2.62 14.29
N TRP D 281 -39.15 1.91 14.70
CA TRP D 281 -38.65 2.06 16.06
C TRP D 281 -38.31 3.53 16.39
N TRP D 282 -37.84 4.27 15.38
CA TRP D 282 -37.52 5.70 15.53
C TRP D 282 -38.49 6.62 14.84
N SER D 283 -39.58 6.07 14.27
CA SER D 283 -40.52 6.89 13.49
C SER D 283 -41.94 6.88 14.01
N SER D 284 -42.20 6.05 15.03
CA SER D 284 -43.51 6.05 15.67
C SER D 284 -43.53 7.08 16.81
N TYR D 285 -44.59 7.88 16.90
CA TYR D 285 -44.63 8.97 17.87
C TYR D 285 -45.85 8.91 18.74
N PRO D 286 -45.87 9.73 19.82
CA PRO D 286 -47.05 9.76 20.68
C PRO D 286 -48.32 10.17 19.94
N GLY D 287 -49.45 9.75 20.51
CA GLY D 287 -50.75 9.90 19.90
C GLY D 287 -51.41 8.52 19.84
N MSE D 288 -52.48 8.43 19.09
CA MSE D 288 -53.28 7.22 19.05
C MSE D 288 -53.61 6.77 17.63
O MSE D 288 -53.90 5.60 17.43
CB MSE D 288 -54.57 7.42 19.84
CG MSE D 288 -54.33 7.70 21.31
SE MSE D 288 -53.57 6.16 22.23
CE MSE D 288 -55.20 5.09 22.31
N ASP D 289 -53.62 7.69 16.66
CA ASP D 289 -54.15 7.35 15.34
C ASP D 289 -53.03 6.97 14.39
N MSE D 290 -53.42 6.41 13.26
CA MSE D 290 -52.50 5.83 12.30
C MSE D 290 -51.54 6.88 11.71
O MSE D 290 -50.45 6.54 11.27
CB MSE D 290 -53.28 5.13 11.19
CG MSE D 290 -53.97 6.08 10.23
SE MSE D 290 -54.88 5.10 8.78
CE MSE D 290 -56.60 4.92 9.70
N ASN D 291 -51.92 8.16 11.74
CA ASN D 291 -51.04 9.20 11.22
C ASN D 291 -49.90 9.53 12.17
N HIS D 292 -49.99 9.09 13.42
CA HIS D 292 -48.96 9.40 14.41
C HIS D 292 -48.18 8.20 14.93
N THR D 293 -48.87 7.08 15.13
CA THR D 293 -48.30 6.00 15.92
C THR D 293 -48.66 4.62 15.39
N ALA D 294 -47.77 3.66 15.62
CA ALA D 294 -48.04 2.29 15.19
C ALA D 294 -49.34 1.76 15.80
N GLN D 295 -50.08 1.01 15.01
CA GLN D 295 -51.37 0.46 15.40
C GLN D 295 -51.22 -1.01 15.77
N LEU D 296 -51.82 -1.41 16.89
CA LEU D 296 -51.78 -2.80 17.34
C LEU D 296 -53.01 -3.50 16.77
N VAL D 297 -52.81 -4.50 15.91
CA VAL D 297 -53.93 -5.11 15.21
C VAL D 297 -53.93 -6.62 15.40
N LEU D 298 -55.12 -7.19 15.45
CA LEU D 298 -55.33 -8.63 15.58
C LEU D 298 -56.03 -9.19 14.38
N SER D 299 -55.75 -10.45 14.05
CA SER D 299 -56.59 -11.23 13.18
C SER D 299 -56.86 -12.53 13.89
N LYS D 300 -58.09 -13.02 13.79
CA LYS D 300 -58.44 -14.29 14.41
C LYS D 300 -58.89 -15.34 13.40
N SER D 301 -58.71 -16.60 13.79
CA SER D 301 -59.13 -17.75 13.01
C SER D 301 -59.94 -18.68 13.89
N THR D 302 -61.18 -18.96 13.47
CA THR D 302 -62.07 -19.86 14.20
C THR D 302 -62.22 -21.20 13.49
N ASP D 303 -61.36 -21.47 12.52
CA ASP D 303 -61.39 -22.74 11.80
C ASP D 303 -59.99 -23.36 11.72
N ASP D 304 -59.31 -23.40 12.86
CA ASP D 304 -58.04 -24.12 12.99
C ASP D 304 -56.95 -23.56 12.09
N GLY D 305 -57.02 -22.25 11.83
CA GLY D 305 -55.96 -21.54 11.12
C GLY D 305 -56.15 -21.44 9.61
N LYS D 306 -57.27 -21.95 9.10
CA LYS D 306 -57.50 -21.97 7.66
C LYS D 306 -57.89 -20.61 7.09
N THR D 307 -58.73 -19.87 7.80
CA THR D 307 -59.11 -18.53 7.36
C THR D 307 -59.05 -17.55 8.50
N TRP D 308 -58.93 -16.27 8.16
CA TRP D 308 -58.52 -15.24 9.10
C TRP D 308 -59.44 -14.04 8.98
N SER D 309 -59.80 -13.45 10.11
CA SER D 309 -60.66 -12.27 10.10
C SER D 309 -59.95 -11.06 9.52
N GLU D 310 -60.73 -10.07 9.11
CA GLU D 310 -60.21 -8.73 8.88
C GLU D 310 -59.55 -8.20 10.16
N PRO D 311 -58.67 -7.22 10.03
CA PRO D 311 -57.94 -6.74 11.20
C PRO D 311 -58.85 -6.10 12.24
N ILE D 312 -58.53 -6.34 13.49
CA ILE D 312 -59.20 -5.74 14.63
C ILE D 312 -58.20 -4.81 15.33
N ASN D 313 -58.46 -3.52 15.28
CA ASN D 313 -57.54 -2.54 15.83
C ASN D 313 -57.83 -2.34 17.32
N ILE D 314 -56.91 -2.81 18.18
CA ILE D 314 -57.14 -2.75 19.63
C ILE D 314 -56.30 -1.66 20.30
N THR D 315 -55.67 -0.80 19.50
CA THR D 315 -54.81 0.26 20.01
C THR D 315 -55.47 1.07 21.13
N ASP D 316 -56.73 1.47 20.96
CA ASP D 316 -57.35 2.36 21.92
C ASP D 316 -57.68 1.62 23.23
N GLN D 317 -57.58 0.30 23.25
CA GLN D 317 -57.81 -0.43 24.49
C GLN D 317 -56.61 -0.41 25.42
N VAL D 318 -55.42 -0.33 24.84
CA VAL D 318 -54.19 -0.66 25.59
C VAL D 318 -53.04 0.34 25.46
N LYS D 319 -53.07 1.21 24.46
CA LYS D 319 -51.98 2.15 24.31
C LYS D 319 -52.22 3.42 25.12
N ASP D 320 -51.22 3.78 25.91
CA ASP D 320 -51.18 5.09 26.56
C ASP D 320 -50.76 6.12 25.50
N PRO D 321 -51.50 7.24 25.38
CA PRO D 321 -51.17 8.23 24.33
C PRO D 321 -49.73 8.74 24.40
N SER D 322 -49.14 8.75 25.60
CA SER D 322 -47.82 9.35 25.77
C SER D 322 -46.71 8.46 25.27
N TRP D 323 -47.01 7.18 25.01
CA TRP D 323 -46.02 6.25 24.50
C TRP D 323 -45.71 6.54 23.04
N TYR D 324 -44.45 6.38 22.66
CA TYR D 324 -44.08 6.54 21.26
C TYR D 324 -44.54 5.38 20.41
N PHE D 325 -44.55 4.18 20.99
CA PHE D 325 -44.67 2.94 20.21
C PHE D 325 -45.11 1.84 21.17
N LEU D 326 -46.27 1.24 20.91
CA LEU D 326 -46.69 0.00 21.59
C LEU D 326 -46.79 -1.14 20.61
N LEU D 327 -46.14 -2.27 20.91
CA LEU D 327 -46.31 -3.46 20.08
C LEU D 327 -46.13 -4.72 20.89
N GLN D 328 -46.58 -5.83 20.31
CA GLN D 328 -46.37 -7.15 20.84
C GLN D 328 -44.89 -7.52 20.91
N GLY D 329 -44.57 -8.42 21.82
CA GLY D 329 -43.30 -9.15 21.77
C GLY D 329 -43.44 -10.26 20.72
N PRO D 330 -42.58 -10.26 19.71
CA PRO D 330 -42.74 -11.24 18.62
C PRO D 330 -42.61 -12.67 19.12
N GLY D 331 -43.28 -13.62 18.46
CA GLY D 331 -43.15 -15.03 18.80
C GLY D 331 -44.54 -15.57 19.09
N ARG D 332 -44.83 -15.81 20.37
CA ARG D 332 -46.13 -16.35 20.72
C ARG D 332 -46.65 -15.83 22.05
N GLY D 333 -47.93 -16.05 22.27
CA GLY D 333 -48.57 -15.85 23.56
C GLY D 333 -49.10 -17.18 24.08
N ILE D 334 -49.91 -17.12 25.12
CA ILE D 334 -50.36 -18.30 25.84
C ILE D 334 -51.82 -18.18 26.26
N THR D 335 -52.41 -19.33 26.61
CA THR D 335 -53.61 -19.38 27.44
C THR D 335 -53.22 -19.86 28.83
N MSE D 336 -53.59 -19.12 29.87
CA MSE D 336 -53.29 -19.57 31.23
C MSE D 336 -54.23 -20.71 31.60
O MSE D 336 -55.26 -20.89 30.97
CB MSE D 336 -53.39 -18.44 32.23
CG MSE D 336 -52.39 -17.34 31.95
SE MSE D 336 -52.56 -15.86 33.18
CE MSE D 336 -51.73 -16.71 34.71
N GLN D 337 -53.86 -21.47 32.62
CA GLN D 337 -54.73 -22.53 33.13
C GLN D 337 -56.15 -22.04 33.38
N ASP D 338 -56.29 -20.80 33.88
CA ASP D 338 -57.62 -20.26 34.19
C ASP D 338 -58.35 -19.63 33.01
N GLY D 339 -57.77 -19.73 31.82
CA GLY D 339 -58.44 -19.30 30.61
C GLY D 339 -58.06 -17.90 30.12
N THR D 340 -57.26 -17.18 30.90
CA THR D 340 -56.79 -15.87 30.49
C THR D 340 -55.84 -15.98 29.31
N LEU D 341 -56.06 -15.17 28.26
CA LEU D 341 -55.13 -15.08 27.13
C LEU D 341 -54.08 -14.02 27.42
N VAL D 342 -52.80 -14.31 27.13
CA VAL D 342 -51.72 -13.35 27.41
C VAL D 342 -50.74 -13.25 26.22
N PHE D 343 -50.49 -12.02 25.78
CA PHE D 343 -49.45 -11.72 24.84
C PHE D 343 -48.40 -10.87 25.53
N PRO D 344 -47.12 -11.21 25.36
CA PRO D 344 -46.13 -10.21 25.80
C PRO D 344 -46.20 -8.95 24.95
N ILE D 345 -45.84 -7.81 25.53
CA ILE D 345 -45.81 -6.56 24.81
C ILE D 345 -44.59 -5.75 25.23
N GLN D 346 -44.36 -4.64 24.53
CA GLN D 346 -43.27 -3.75 24.82
C GLN D 346 -43.73 -2.38 24.41
N PHE D 347 -43.37 -1.36 25.19
CA PHE D 347 -43.68 -0.01 24.76
C PHE D 347 -42.53 0.93 25.03
N ILE D 348 -42.36 1.83 24.08
CA ILE D 348 -41.48 2.97 24.25
C ILE D 348 -42.24 4.10 24.94
N ASP D 349 -41.80 4.42 26.15
CA ASP D 349 -42.54 5.39 26.96
C ASP D 349 -42.19 6.83 26.60
N SER D 350 -42.72 7.77 27.37
CA SER D 350 -42.58 9.18 27.00
C SER D 350 -41.13 9.70 27.07
N THR D 351 -40.26 8.98 27.76
CA THR D 351 -38.84 9.33 27.82
C THR D 351 -38.07 8.59 26.73
N ARG D 352 -38.81 7.88 25.88
CA ARG D 352 -38.22 7.15 24.76
C ARG D 352 -37.36 5.95 25.19
N VAL D 353 -37.70 5.40 26.36
CA VAL D 353 -37.13 4.16 26.85
C VAL D 353 -38.13 3.01 26.68
N PRO D 354 -37.68 1.88 26.11
CA PRO D 354 -38.59 0.74 25.97
C PRO D 354 -38.70 -0.05 27.24
N ASN D 355 -39.87 -0.64 27.44
CA ASN D 355 -40.14 -1.48 28.59
C ASN D 355 -41.02 -2.64 28.18
N ALA D 356 -40.67 -3.83 28.63
CA ALA D 356 -41.47 -5.03 28.37
C ALA D 356 -42.56 -5.21 29.40
N GLY D 357 -43.63 -5.89 28.99
CA GLY D 357 -44.72 -6.21 29.89
C GLY D 357 -45.64 -7.23 29.24
N ILE D 358 -46.85 -7.33 29.75
CA ILE D 358 -47.82 -8.25 29.20
C ILE D 358 -49.17 -7.58 29.02
N MSE D 359 -49.89 -8.07 28.02
CA MSE D 359 -51.26 -7.68 27.73
C MSE D 359 -52.13 -8.92 27.89
O MSE D 359 -51.72 -10.00 27.48
CB MSE D 359 -51.34 -7.16 26.29
CG MSE D 359 -52.68 -6.98 25.75
SE MSE D 359 -52.50 -6.22 23.99
CE MSE D 359 -52.08 -7.67 22.88
N TYR D 360 -53.32 -8.78 28.49
CA TYR D 360 -54.15 -9.95 28.71
C TYR D 360 -55.61 -9.71 28.44
N SER D 361 -56.31 -10.82 28.23
CA SER D 361 -57.76 -10.81 28.01
C SER D 361 -58.46 -11.88 28.84
N LYS D 362 -59.50 -11.48 29.57
CA LYS D 362 -60.30 -12.41 30.36
C LYS D 362 -61.62 -12.78 29.68
N ASP D 363 -61.86 -12.26 28.48
CA ASP D 363 -63.12 -12.54 27.79
C ASP D 363 -62.87 -13.08 26.36
N ARG D 364 -61.94 -14.03 26.26
CA ARG D 364 -61.69 -14.77 25.02
C ARG D 364 -61.21 -13.89 23.88
N GLY D 365 -60.55 -12.79 24.23
CA GLY D 365 -59.91 -11.91 23.27
C GLY D 365 -60.74 -10.71 22.82
N GLU D 366 -61.92 -10.53 23.42
CA GLU D 366 -62.80 -9.40 23.07
C GLU D 366 -62.25 -8.08 23.58
N THR D 367 -61.70 -8.06 24.78
CA THR D 367 -61.06 -6.86 25.31
C THR D 367 -59.69 -7.19 25.90
N TRP D 368 -58.79 -6.21 25.87
CA TRP D 368 -57.42 -6.42 26.30
C TRP D 368 -56.99 -5.31 27.25
N LYS D 369 -56.03 -5.61 28.12
CA LYS D 369 -55.60 -4.69 29.14
C LYS D 369 -54.10 -4.83 29.37
N ILE D 370 -53.45 -3.69 29.62
CA ILE D 370 -52.05 -3.64 30.07
C ILE D 370 -51.97 -2.85 31.38
N HIS D 371 -51.22 -3.37 32.35
CA HIS D 371 -50.96 -2.58 33.56
C HIS D 371 -49.57 -1.93 33.52
N ASN D 372 -48.59 -2.52 34.18
CA ASN D 372 -47.28 -1.91 34.37
C ASN D 372 -46.16 -2.70 33.75
N TYR D 373 -45.10 -2.00 33.33
CA TYR D 373 -43.98 -2.71 32.74
C TYR D 373 -43.31 -3.56 33.80
N ALA D 374 -42.58 -4.55 33.33
CA ALA D 374 -41.90 -5.49 34.22
C ALA D 374 -40.54 -4.96 34.58
N ARG D 375 -39.88 -4.30 33.64
CA ARG D 375 -38.52 -3.83 33.83
C ARG D 375 -38.18 -2.77 32.80
N THR D 376 -37.46 -1.73 33.21
CA THR D 376 -37.09 -0.67 32.27
C THR D 376 -36.01 -1.11 31.32
N ASN D 377 -36.00 -0.49 30.15
CA ASN D 377 -34.97 -0.69 29.13
C ASN D 377 -34.82 -2.15 28.71
N THR D 378 -35.99 -2.75 28.47
CA THR D 378 -36.12 -4.09 27.94
C THR D 378 -37.08 -4.03 26.75
N THR D 379 -36.99 -4.99 25.83
CA THR D 379 -37.80 -4.92 24.62
C THR D 379 -38.55 -6.24 24.39
N GLU D 380 -38.06 -7.06 23.48
CA GLU D 380 -38.74 -8.31 23.14
C GLU D 380 -38.75 -9.31 24.28
N ALA D 381 -39.92 -9.86 24.54
CA ALA D 381 -40.06 -10.80 25.64
C ALA D 381 -41.06 -11.88 25.30
N GLN D 382 -40.95 -12.99 26.00
CA GLN D 382 -41.91 -14.06 25.94
C GLN D 382 -42.32 -14.45 27.35
N VAL D 383 -43.54 -14.93 27.49
CA VAL D 383 -44.13 -15.19 28.78
C VAL D 383 -44.59 -16.66 28.88
N ALA D 384 -44.46 -17.24 30.07
CA ALA D 384 -44.91 -18.60 30.31
C ALA D 384 -45.50 -18.71 31.70
N GLU D 385 -46.52 -19.54 31.86
CA GLU D 385 -47.08 -19.77 33.19
C GLU D 385 -46.23 -20.84 33.88
N VAL D 386 -45.38 -20.42 34.79
CA VAL D 386 -44.42 -21.34 35.40
CA VAL D 386 -44.43 -21.35 35.42
C VAL D 386 -45.09 -22.24 36.43
N GLU D 387 -46.03 -21.67 37.16
CA GLU D 387 -46.80 -22.30 38.21
C GLU D 387 -48.16 -21.67 38.10
N PRO D 388 -49.21 -22.34 38.62
CA PRO D 388 -50.56 -21.79 38.48
C PRO D 388 -50.71 -20.35 38.97
N GLY D 389 -51.15 -19.47 38.07
CA GLY D 389 -51.34 -18.07 38.39
C GLY D 389 -50.09 -17.21 38.44
N VAL D 390 -48.93 -17.79 38.09
CA VAL D 390 -47.65 -17.08 38.13
C VAL D 390 -47.09 -17.00 36.72
N LEU D 391 -46.98 -15.78 36.20
CA LEU D 391 -46.44 -15.57 34.86
C LEU D 391 -44.98 -15.19 34.98
N MSE D 392 -44.17 -15.79 34.14
CA MSE D 392 -42.75 -15.47 34.08
C MSE D 392 -42.50 -14.80 32.75
O MSE D 392 -42.85 -15.34 31.68
CB MSE D 392 -41.92 -16.74 34.22
CG MSE D 392 -40.48 -16.62 33.78
SE MSE D 392 -39.60 -18.34 33.96
CE MSE D 392 -38.88 -18.18 35.77
N LEU D 393 -41.91 -13.61 32.79
CA LEU D 393 -41.57 -12.87 31.58
C LEU D 393 -40.06 -12.90 31.42
N ASN D 394 -39.63 -13.37 30.27
CA ASN D 394 -38.22 -13.54 29.95
C ASN D 394 -37.91 -12.54 28.82
N MSE D 395 -36.97 -11.62 29.07
CA MSE D 395 -36.83 -10.37 28.34
C MSE D 395 -35.44 -10.12 27.76
O MSE D 395 -34.42 -10.38 28.40
CB MSE D 395 -37.15 -9.17 29.27
CG MSE D 395 -38.51 -9.18 29.90
SE MSE D 395 -38.57 -7.84 31.33
CE MSE D 395 -37.87 -8.96 32.76
N ARG D 396 -35.45 -9.62 26.53
CA ARG D 396 -34.32 -8.99 25.90
C ARG D 396 -34.00 -7.70 26.64
N ASP D 397 -32.76 -7.60 27.11
CA ASP D 397 -32.35 -6.51 28.01
C ASP D 397 -31.25 -5.68 27.33
N ASN D 398 -31.52 -4.41 27.13
CA ASN D 398 -30.58 -3.56 26.43
C ASN D 398 -29.26 -3.39 27.21
N ARG D 399 -29.21 -3.78 28.47
CA ARG D 399 -27.96 -3.72 29.22
C ARG D 399 -26.95 -4.73 28.70
N GLY D 400 -27.40 -5.74 27.98
CA GLY D 400 -26.49 -6.65 27.28
C GLY D 400 -26.11 -7.92 28.02
N GLY D 401 -25.85 -8.98 27.25
CA GLY D 401 -25.23 -10.18 27.79
C GLY D 401 -26.11 -11.25 28.41
N SER D 402 -27.29 -10.89 28.92
CA SER D 402 -28.12 -11.89 29.60
CA SER D 402 -28.09 -11.82 29.72
C SER D 402 -29.59 -11.47 29.70
N ARG D 403 -30.46 -12.48 29.62
CA ARG D 403 -31.89 -12.26 29.68
C ARG D 403 -32.29 -11.76 31.06
N ALA D 404 -33.23 -10.82 31.10
CA ALA D 404 -33.87 -10.40 32.33
C ALA D 404 -35.12 -11.25 32.56
N VAL D 405 -35.48 -11.48 33.82
CA VAL D 405 -36.57 -12.37 34.13
C VAL D 405 -37.32 -11.80 35.31
N ALA D 406 -38.63 -11.72 35.19
CA ALA D 406 -39.50 -11.24 36.27
C ALA D 406 -40.77 -12.06 36.32
N THR D 407 -41.44 -12.09 37.46
CA THR D 407 -42.72 -12.77 37.56
C THR D 407 -43.78 -11.87 38.13
N THR D 408 -45.02 -12.23 37.81
CA THR D 408 -46.18 -11.53 38.34
C THR D 408 -47.31 -12.48 38.66
N LYS D 409 -47.99 -12.23 39.78
CA LYS D 409 -49.14 -13.02 40.16
C LYS D 409 -50.44 -12.25 39.96
N ASP D 410 -50.34 -11.03 39.45
CA ASP D 410 -51.53 -10.20 39.30
C ASP D 410 -51.57 -9.58 37.89
N LEU D 411 -51.11 -10.34 36.90
CA LEU D 411 -51.23 -9.95 35.49
C LEU D 411 -50.56 -8.60 35.20
N GLY D 412 -49.46 -8.36 35.90
CA GLY D 412 -48.58 -7.25 35.58
C GLY D 412 -48.84 -5.98 36.34
N LYS D 413 -49.68 -6.01 37.37
CA LYS D 413 -49.80 -4.83 38.25
C LYS D 413 -48.49 -4.67 39.00
N THR D 414 -47.98 -5.78 39.52
CA THR D 414 -46.73 -5.74 40.24
C THR D 414 -45.86 -6.90 39.78
N TRP D 415 -44.56 -6.66 39.81
CA TRP D 415 -43.56 -7.60 39.31
C TRP D 415 -42.47 -7.83 40.37
N THR D 416 -41.90 -9.02 40.32
CA THR D 416 -40.80 -9.43 41.15
C THR D 416 -39.66 -9.93 40.27
N GLU D 417 -38.47 -9.38 40.49
CA GLU D 417 -37.30 -9.86 39.80
C GLU D 417 -37.10 -11.33 40.14
N HIS D 418 -36.88 -12.15 39.14
CA HIS D 418 -36.68 -13.57 39.35
C HIS D 418 -35.21 -13.82 39.71
N PRO D 419 -34.93 -14.85 40.54
CA PRO D 419 -33.54 -15.15 40.92
C PRO D 419 -32.61 -15.41 39.76
N SER D 420 -33.12 -15.93 38.65
CA SER D 420 -32.29 -16.22 37.48
C SER D 420 -32.00 -14.97 36.64
N SER D 421 -32.62 -13.85 36.96
CA SER D 421 -32.54 -12.69 36.08
C SER D 421 -31.11 -12.21 35.95
N ARG D 422 -30.67 -11.97 34.71
CA ARG D 422 -29.34 -11.42 34.41
C ARG D 422 -28.19 -12.33 34.90
N LYS D 423 -28.41 -13.63 34.87
N LYS D 423 -28.49 -13.62 35.08
CA LYS D 423 -27.39 -14.55 35.36
CA LYS D 423 -27.54 -14.57 35.70
C LYS D 423 -27.41 -15.80 34.50
C LYS D 423 -27.51 -15.99 35.11
N ALA D 424 -28.57 -16.42 34.43
CA ALA D 424 -28.67 -17.79 33.96
C ALA D 424 -28.63 -17.99 32.45
N LEU D 425 -29.12 -17.03 31.69
CA LEU D 425 -29.30 -17.24 30.26
C LEU D 425 -28.61 -16.16 29.44
N GLN D 426 -27.44 -16.47 28.89
CA GLN D 426 -26.71 -15.47 28.17
C GLN D 426 -27.42 -15.18 26.86
N GLU D 427 -27.20 -13.98 26.34
CA GLU D 427 -27.77 -13.63 25.04
C GLU D 427 -26.91 -12.56 24.41
N PRO D 428 -27.00 -12.43 23.08
CA PRO D 428 -26.34 -11.36 22.35
C PRO D 428 -27.27 -10.13 22.16
N VAL D 429 -28.35 -10.05 22.96
CA VAL D 429 -29.44 -9.04 22.84
C VAL D 429 -30.20 -9.32 21.54
N CYS D 430 -31.20 -10.18 21.70
CA CYS D 430 -31.85 -10.84 20.59
C CYS D 430 -33.16 -11.42 21.13
N MSE D 431 -34.10 -11.72 20.24
CA MSE D 431 -35.33 -12.39 20.62
C MSE D 431 -35.01 -13.79 21.18
O MSE D 431 -34.04 -14.41 20.72
CB MSE D 431 -36.29 -12.47 19.42
CG MSE D 431 -37.69 -12.99 19.71
SE MSE D 431 -37.71 -14.91 19.46
CE MSE D 431 -39.57 -15.20 20.13
N ALA D 432 -35.77 -14.24 22.18
CA ALA D 432 -35.68 -15.62 22.66
C ALA D 432 -37.07 -16.17 22.89
N SER D 433 -37.20 -17.49 22.77
CA SER D 433 -38.48 -18.16 23.01
C SER D 433 -38.46 -18.83 24.37
N LEU D 434 -39.58 -18.75 25.08
CA LEU D 434 -39.78 -19.48 26.32
C LEU D 434 -41.16 -20.12 26.32
N ILE D 435 -41.21 -21.42 26.64
CA ILE D 435 -42.50 -22.07 26.89
C ILE D 435 -42.44 -22.93 28.13
N SER D 436 -43.63 -23.12 28.70
CA SER D 436 -43.83 -23.99 29.84
C SER D 436 -44.65 -25.21 29.39
N VAL D 437 -44.23 -26.40 29.79
CA VAL D 437 -44.93 -27.63 29.45
C VAL D 437 -45.18 -28.40 30.72
N LYS D 438 -46.46 -28.60 31.06
CA LYS D 438 -46.83 -29.25 32.30
C LYS D 438 -46.58 -30.75 32.21
N ALA D 439 -46.38 -31.37 33.37
CA ALA D 439 -46.08 -32.78 33.46
C ALA D 439 -47.06 -33.63 32.65
N ALA D 440 -48.35 -33.32 32.72
CA ALA D 440 -49.36 -34.15 32.07
C ALA D 440 -49.25 -34.11 30.54
N ASP D 441 -48.59 -33.08 30.02
CA ASP D 441 -48.49 -32.83 28.59
C ASP D 441 -47.15 -33.26 27.95
N ASN D 442 -46.31 -33.98 28.68
CA ASN D 442 -45.08 -34.47 28.07
C ASN D 442 -44.66 -35.83 28.59
N THR D 443 -43.80 -36.45 27.80
CA THR D 443 -43.42 -37.82 27.99
C THR D 443 -42.52 -38.02 29.22
N LEU D 444 -41.95 -36.93 29.77
CA LEU D 444 -41.15 -37.02 30.98
C LEU D 444 -41.99 -36.96 32.25
N ASN D 445 -43.28 -36.65 32.10
CA ASN D 445 -44.18 -36.46 33.25
C ASN D 445 -43.63 -35.53 34.35
N LYS D 446 -42.99 -34.42 33.93
CA LYS D 446 -42.41 -33.39 34.81
C LYS D 446 -42.71 -32.04 34.24
N ASP D 447 -42.95 -31.04 35.08
CA ASP D 447 -43.12 -29.68 34.61
C ASP D 447 -41.77 -29.21 34.11
N ILE D 448 -41.73 -28.70 32.89
CA ILE D 448 -40.45 -28.25 32.30
C ILE D 448 -40.64 -26.87 31.66
N LEU D 449 -39.55 -26.10 31.62
CA LEU D 449 -39.46 -24.89 30.80
C LEU D 449 -38.51 -25.21 29.68
N LEU D 450 -38.82 -24.72 28.50
CA LEU D 450 -37.93 -24.82 27.36
C LEU D 450 -37.69 -23.42 26.84
N PHE D 451 -36.44 -23.18 26.45
CA PHE D 451 -35.97 -21.86 26.07
C PHE D 451 -35.11 -22.00 24.82
N SER D 452 -35.22 -21.08 23.87
CA SER D 452 -34.32 -21.14 22.71
C SER D 452 -33.83 -19.75 22.33
N ASN D 453 -32.55 -19.67 21.99
CA ASN D 453 -31.96 -18.41 21.54
C ASN D 453 -30.57 -18.73 21.00
N PRO D 454 -29.87 -17.72 20.47
CA PRO D 454 -28.45 -17.91 20.14
C PRO D 454 -27.61 -17.96 21.41
N ASN D 455 -26.96 -19.09 21.67
CA ASN D 455 -26.31 -19.31 22.97
C ASN D 455 -24.91 -18.69 22.96
N THR D 456 -24.89 -17.38 23.05
CA THR D 456 -23.68 -16.61 22.88
C THR D 456 -23.92 -15.19 23.44
N VAL D 457 -22.85 -14.43 23.68
CA VAL D 457 -23.01 -13.02 24.04
C VAL D 457 -22.63 -12.10 22.89
N LYS D 458 -22.15 -12.68 21.80
CA LYS D 458 -21.78 -11.90 20.62
C LYS D 458 -22.12 -12.66 19.35
N GLY D 459 -22.85 -12.00 18.47
CA GLY D 459 -23.28 -12.57 17.21
C GLY D 459 -24.52 -13.43 17.43
N ARG D 460 -25.11 -13.89 16.33
CA ARG D 460 -26.28 -14.76 16.35
C ARG D 460 -25.96 -16.05 15.64
N HIS D 461 -25.63 -17.05 16.45
CA HIS D 461 -25.19 -18.38 16.02
C HIS D 461 -25.33 -19.33 17.21
N HIS D 462 -25.12 -20.63 16.96
CA HIS D 462 -25.31 -21.66 17.99
C HIS D 462 -26.68 -21.54 18.64
N ILE D 463 -27.69 -21.53 17.77
CA ILE D 463 -29.09 -21.63 18.18
C ILE D 463 -29.25 -22.91 18.98
N THR D 464 -29.75 -22.78 20.20
CA THR D 464 -29.77 -23.88 21.16
C THR D 464 -31.11 -23.92 21.90
N ILE D 465 -31.64 -25.12 22.10
CA ILE D 465 -32.77 -25.30 22.98
C ILE D 465 -32.25 -25.73 24.35
N LYS D 466 -32.70 -25.05 25.37
CA LYS D 466 -32.32 -25.32 26.75
C LYS D 466 -33.53 -25.70 27.58
N ALA D 467 -33.32 -26.54 28.59
CA ALA D 467 -34.40 -26.98 29.48
C ALA D 467 -34.12 -26.71 30.93
N SER D 468 -35.18 -26.41 31.69
CA SER D 468 -35.06 -26.26 33.12
C SER D 468 -36.06 -27.21 33.79
N LEU D 469 -35.61 -27.90 34.83
CA LEU D 469 -36.48 -28.81 35.59
C LEU D 469 -37.01 -28.23 36.90
N ASP D 470 -36.58 -27.03 37.27
CA ASP D 470 -36.94 -26.47 38.55
C ASP D 470 -37.54 -25.08 38.38
N GLY D 471 -38.36 -24.92 37.36
CA GLY D 471 -39.08 -23.67 37.18
C GLY D 471 -38.16 -22.53 36.79
N GLY D 472 -37.05 -22.83 36.14
CA GLY D 472 -36.19 -21.77 35.63
C GLY D 472 -35.17 -21.22 36.61
N ILE D 473 -34.98 -21.89 37.76
CA ILE D 473 -33.92 -21.50 38.68
C ILE D 473 -32.55 -21.91 38.14
N THR D 474 -32.51 -23.07 37.48
CA THR D 474 -31.27 -23.54 36.88
C THR D 474 -31.53 -24.13 35.50
N TRP D 475 -30.56 -23.91 34.64
CA TRP D 475 -30.54 -24.42 33.29
C TRP D 475 -29.28 -25.22 33.11
N LEU D 476 -29.34 -26.52 33.42
CA LEU D 476 -28.14 -27.34 33.37
C LEU D 476 -27.61 -27.48 31.91
N PRO D 477 -26.28 -27.38 31.71
CA PRO D 477 -25.65 -27.51 30.39
C PRO D 477 -25.97 -28.81 29.66
N GLU D 478 -26.16 -29.90 30.40
CA GLU D 478 -26.41 -31.19 29.78
C GLU D 478 -27.80 -31.30 29.18
N HIS D 479 -28.71 -30.43 29.61
CA HIS D 479 -30.10 -30.48 29.14
C HIS D 479 -30.33 -29.48 28.03
N GLN D 480 -29.47 -29.52 27.02
CA GLN D 480 -29.49 -28.54 25.94
C GLN D 480 -29.19 -29.23 24.63
N VAL D 481 -29.79 -28.73 23.54
CA VAL D 481 -29.44 -29.22 22.20
C VAL D 481 -29.09 -28.06 21.30
N MSE D 482 -27.88 -28.09 20.75
CA MSE D 482 -27.42 -27.04 19.84
C MSE D 482 -27.79 -27.46 18.42
O MSE D 482 -27.42 -28.53 17.97
CB MSE D 482 -25.90 -26.84 19.99
CG MSE D 482 -25.39 -25.51 19.42
SE MSE D 482 -25.10 -25.70 17.50
CE MSE D 482 -23.59 -26.93 17.50
N LEU D 483 -28.56 -26.63 17.74
CA LEU D 483 -29.16 -26.98 16.45
C LEU D 483 -28.44 -26.43 15.23
N ASP D 484 -27.80 -25.28 15.40
CA ASP D 484 -27.26 -24.55 14.24
C ASP D 484 -26.06 -23.68 14.67
N GLU D 485 -24.86 -24.12 14.29
CA GLU D 485 -23.63 -23.42 14.67
C GLU D 485 -23.38 -22.23 13.78
N GLY D 486 -24.11 -22.15 12.67
CA GLY D 486 -23.90 -21.11 11.69
C GLY D 486 -24.51 -19.77 12.09
N ASP D 487 -24.17 -18.74 11.31
CA ASP D 487 -24.65 -17.38 11.54
C ASP D 487 -26.01 -17.19 10.92
N GLY D 488 -26.89 -16.55 11.65
CA GLY D 488 -28.21 -16.26 11.11
C GLY D 488 -28.76 -15.02 11.78
N TRP D 489 -30.05 -14.76 11.58
CA TRP D 489 -30.63 -13.59 12.20
C TRP D 489 -31.14 -13.87 13.62
N GLY D 490 -31.17 -15.14 14.01
CA GLY D 490 -31.23 -15.49 15.40
C GLY D 490 -32.57 -15.70 16.09
N TYR D 491 -33.66 -15.24 15.50
CA TYR D 491 -34.96 -15.35 16.17
C TYR D 491 -35.54 -16.77 16.06
N SER D 492 -36.28 -17.18 17.10
CA SER D 492 -36.84 -18.52 17.16
C SER D 492 -38.13 -18.59 17.95
N CYS D 493 -38.93 -19.63 17.72
CA CYS D 493 -40.11 -19.84 18.53
C CYS D 493 -40.38 -21.34 18.67
N LEU D 494 -40.68 -21.75 19.91
CA LEU D 494 -40.89 -23.13 20.28
C LEU D 494 -42.38 -23.50 20.40
N THR D 495 -42.68 -24.76 20.22
CA THR D 495 -44.00 -25.31 20.57
C THR D 495 -43.85 -26.80 20.82
N MSE D 496 -44.91 -27.44 21.32
CA MSE D 496 -44.90 -28.90 21.42
C MSE D 496 -45.64 -29.43 20.21
O MSE D 496 -46.78 -29.06 19.95
CB MSE D 496 -45.56 -29.36 22.72
CG MSE D 496 -44.81 -29.00 23.98
SE MSE D 496 -42.96 -29.73 24.08
CE MSE D 496 -43.40 -31.56 24.31
N ILE D 497 -44.97 -30.25 19.42
CA ILE D 497 -45.64 -30.93 18.32
C ILE D 497 -46.59 -31.99 18.87
N ASP D 498 -46.10 -32.75 19.85
CA ASP D 498 -46.90 -33.73 20.57
C ASP D 498 -46.22 -33.94 21.91
N LYS D 499 -46.67 -34.93 22.69
CA LYS D 499 -46.15 -35.06 24.06
C LYS D 499 -44.69 -35.47 24.08
N GLU D 500 -44.18 -36.02 22.97
CA GLU D 500 -42.80 -36.51 22.94
C GLU D 500 -41.86 -35.61 22.16
N THR D 501 -42.39 -34.59 21.53
CA THR D 501 -41.63 -33.90 20.51
C THR D 501 -41.79 -32.40 20.52
N VAL D 502 -40.66 -31.71 20.56
CA VAL D 502 -40.58 -30.25 20.51
C VAL D 502 -40.44 -29.81 19.06
N GLY D 503 -41.10 -28.70 18.74
CA GLY D 503 -40.97 -28.08 17.43
C GLY D 503 -40.32 -26.71 17.60
N ILE D 504 -39.52 -26.33 16.61
CA ILE D 504 -38.93 -25.01 16.59
C ILE D 504 -38.98 -24.43 15.20
N LEU D 505 -39.40 -23.17 15.09
CA LEU D 505 -39.41 -22.41 13.86
C LEU D 505 -38.44 -21.28 14.07
N TYR D 506 -37.40 -21.19 13.25
CA TYR D 506 -36.39 -20.19 13.53
C TYR D 506 -35.64 -19.75 12.31
N GLU D 507 -35.01 -18.60 12.48
CA GLU D 507 -34.18 -18.01 11.46
C GLU D 507 -32.82 -18.67 11.59
N SER D 508 -32.46 -19.48 10.61
CA SER D 508 -31.23 -20.28 10.72
C SER D 508 -30.21 -19.84 9.70
N SER D 509 -29.08 -20.50 9.74
CA SER D 509 -28.02 -20.23 8.78
C SER D 509 -28.35 -20.86 7.42
N VAL D 510 -29.40 -21.67 7.32
CA VAL D 510 -29.70 -22.36 6.06
C VAL D 510 -31.02 -21.97 5.42
N ALA D 511 -31.89 -21.29 6.14
CA ALA D 511 -33.13 -20.80 5.56
C ALA D 511 -33.78 -19.78 6.46
N HIS D 512 -34.43 -18.81 5.83
CA HIS D 512 -35.10 -17.74 6.57
C HIS D 512 -36.07 -18.28 7.58
N MSE D 513 -36.88 -19.27 7.20
CA MSE D 513 -37.77 -19.95 8.15
C MSE D 513 -37.46 -21.43 8.09
O MSE D 513 -37.75 -22.11 7.08
CB MSE D 513 -39.25 -19.69 7.86
CG MSE D 513 -39.69 -18.28 8.14
SE MSE D 513 -39.78 -17.93 10.05
CE MSE D 513 -38.91 -16.26 10.02
N THR D 514 -36.87 -21.90 9.19
CA THR D 514 -36.43 -23.26 9.35
C THR D 514 -37.24 -23.91 10.46
N PHE D 515 -37.80 -25.07 10.16
CA PHE D 515 -38.52 -25.85 11.14
C PHE D 515 -37.77 -27.15 11.42
N GLN D 516 -37.60 -27.48 12.69
CA GLN D 516 -37.08 -28.77 13.09
C GLN D 516 -37.92 -29.35 14.18
N ALA D 517 -37.90 -30.69 14.25
CA ALA D 517 -38.56 -31.43 15.29
C ALA D 517 -37.50 -32.15 16.14
N ILE D 518 -37.59 -31.99 17.46
CA ILE D 518 -36.60 -32.56 18.39
C ILE D 518 -37.30 -33.36 19.46
N ARG D 519 -36.93 -34.63 19.60
CA ARG D 519 -37.49 -35.43 20.68
C ARG D 519 -37.12 -34.82 22.01
N LEU D 520 -38.10 -34.69 22.88
CA LEU D 520 -37.85 -34.12 24.19
C LEU D 520 -36.79 -34.94 24.95
N ARG D 521 -36.81 -36.25 24.81
CA ARG D 521 -35.82 -37.10 25.50
C ARG D 521 -34.39 -36.90 24.94
N ASP D 522 -34.24 -36.21 23.80
CA ASP D 522 -32.91 -35.80 23.30
C ASP D 522 -32.37 -34.61 24.06
N ILE D 523 -33.29 -33.79 24.56
CA ILE D 523 -32.94 -32.58 25.27
C ILE D 523 -32.67 -32.91 26.72
N ILE D 524 -33.58 -33.64 27.36
CA ILE D 524 -33.40 -34.05 28.75
C ILE D 524 -33.17 -35.56 28.75
N GLN D 525 -31.92 -35.98 28.77
CA GLN D 525 -31.59 -37.39 28.61
C GLN D 525 -31.61 -38.13 29.96
K K E . 3.29 19.87 41.01
C1 EDO F . 25.73 17.75 8.80
O1 EDO F . 24.40 17.28 9.10
C2 EDO F . 26.25 17.26 7.43
O2 EDO F . 26.83 15.95 7.57
C1 EDO G . 5.50 9.99 30.77
O1 EDO G . 4.29 9.28 30.54
C2 EDO G . 5.23 11.44 31.15
O2 EDO G . 6.43 11.99 31.73
C1 EDO H . 18.23 7.02 5.46
O1 EDO H . 19.12 5.96 5.08
C2 EDO H . 18.00 6.96 6.96
O2 EDO H . 17.33 5.74 7.24
C1 EDO I . -3.59 -7.91 28.89
O1 EDO I . -3.04 -8.15 30.20
C2 EDO I . -4.94 -8.60 28.77
O2 EDO I . -5.78 -8.23 29.87
C1 EDO J . 19.81 13.80 6.00
O1 EDO J . 19.09 15.03 5.92
C2 EDO J . 20.54 13.71 7.34
O2 EDO J . 21.63 14.65 7.38
C1 EDO K . 10.19 -1.07 9.15
O1 EDO K . 11.32 -1.53 9.89
C2 EDO K . 9.45 0.01 9.90
O2 EDO K . 10.27 1.19 10.07
C1 EDO L . 12.48 -15.02 20.06
O1 EDO L . 11.65 -16.12 19.63
C2 EDO L . 13.42 -15.44 21.17
O2 EDO L . 14.74 -15.62 20.60
C1 EDO M . 41.27 23.67 10.08
O1 EDO M . 41.04 23.32 11.48
C2 EDO M . 41.58 25.15 9.92
O2 EDO M . 42.96 25.53 9.67
K K N . 51.46 30.94 -17.50
C1 EDO O . 50.61 27.80 -9.49
O1 EDO O . 51.48 26.75 -9.07
C2 EDO O . 50.43 27.73 -11.01
O2 EDO O . 49.72 28.91 -11.44
C1 EDO P . 47.75 17.00 0.74
O1 EDO P . 48.39 17.44 -0.48
C2 EDO P . 46.28 17.40 0.80
O2 EDO P . 46.13 18.83 0.70
C1 EDO Q . 32.08 8.79 -8.79
O1 EDO Q . 32.56 10.11 -9.04
C2 EDO Q . 30.61 8.84 -8.38
O2 EDO Q . 30.45 9.90 -7.41
C1 EDO R . 51.48 31.22 -13.90
O1 EDO R . 50.49 31.35 -14.93
C2 EDO R . 52.87 31.54 -14.45
O2 EDO R . 53.28 30.62 -15.49
C1 EDO S . 52.64 3.78 -26.02
O1 EDO S . 51.83 4.82 -26.60
C2 EDO S . 51.94 2.43 -26.13
O2 EDO S . 52.83 1.36 -25.82
C1 EDO T . 47.81 32.00 -12.82
O1 EDO T . 48.62 33.03 -12.20
C2 EDO T . 46.53 32.63 -13.38
O2 EDO T . 45.71 33.10 -12.31
C1 EDO U . 35.50 16.88 -15.58
O1 EDO U . 35.74 15.52 -15.16
C2 EDO U . 36.36 17.85 -14.77
O2 EDO U . 35.80 18.01 -13.46
C1 EDO V . 62.74 16.00 -10.77
O1 EDO V . 62.47 14.91 -11.65
C2 EDO V . 62.57 17.30 -11.54
O2 EDO V . 61.20 17.36 -11.90
C1 EDO W . 53.55 -9.17 -14.79
O1 EDO W . 54.25 -7.96 -15.11
C2 EDO W . 54.39 -10.04 -13.88
O2 EDO W . 54.74 -9.31 -12.69
C1 EDO X . 56.26 19.04 -6.19
O1 EDO X . 55.87 19.62 -4.93
C2 EDO X . 55.38 17.85 -6.54
O2 EDO X . 55.74 16.68 -5.75
C1 EDO Y . 34.09 0.47 -7.51
O1 EDO Y . 35.14 -0.15 -6.74
C2 EDO Y . 34.67 1.68 -8.27
O2 EDO Y . 35.00 1.32 -9.63
C1 EDO Z . -8.39 -3.92 -9.60
O1 EDO Z . -9.57 -3.23 -10.05
C2 EDO Z . -8.37 -5.33 -10.18
O2 EDO Z . -9.36 -6.15 -9.54
C1 EDO AA . 6.93 -3.68 -29.12
O1 EDO AA . 6.33 -3.79 -30.44
C2 EDO AA . 8.44 -3.46 -29.23
O2 EDO AA . 8.70 -2.20 -29.88
C1 EDO BA . -10.58 9.47 -30.42
O1 EDO BA . -11.72 9.49 -31.30
C2 EDO BA . -10.13 8.03 -30.20
O2 EDO BA . -8.74 7.96 -29.81
C1 EDO CA . -24.37 2.07 -10.35
O1 EDO CA . -23.69 3.02 -11.22
C2 EDO CA . -25.81 2.54 -10.08
O2 EDO CA . -26.69 2.24 -11.19
C1 EDO DA . -62.84 -17.35 10.37
O1 EDO DA . -61.85 -18.27 10.87
C2 EDO DA . -62.92 -16.15 11.32
O2 EDO DA . -61.77 -15.36 11.08
C1 EDO EA . -46.62 -24.49 25.25
O1 EDO EA . -46.84 -25.89 25.10
C2 EDO EA . -47.96 -23.75 25.29
O2 EDO EA . -47.79 -22.49 25.93
C1 EDO FA . -31.10 -7.41 8.67
O1 EDO FA . -31.55 -6.59 7.59
C2 EDO FA . -32.23 -8.34 9.10
O2 EDO FA . -33.43 -7.57 9.22
C1 EDO GA . -59.79 -7.05 30.91
O1 EDO GA . -60.34 -7.95 31.88
C2 EDO GA . -59.44 -7.80 29.64
O2 EDO GA . -60.48 -8.76 29.31
C1 EDO HA . -40.38 -2.73 15.46
O1 EDO HA . -40.31 -2.71 14.04
C2 EDO HA . -39.05 -3.23 16.02
O2 EDO HA . -38.77 -4.53 15.48
C1 EDO IA . -50.13 -8.24 -0.83
O1 EDO IA . -50.73 -8.52 0.46
C2 EDO IA . -49.01 -7.20 -0.78
O2 EDO IA . -49.55 -5.85 -0.85
C1 EDO JA . -57.23 -12.04 6.33
O1 EDO JA . -57.34 -13.02 5.27
C2 EDO JA . -58.35 -11.02 6.16
O2 EDO JA . -58.42 -10.65 4.77
#